data_8ENP
#
_entry.id   8ENP
#
loop_
_entity.id
_entity.type
_entity.pdbx_description
1 polymer 'Isoform III of Ubiquitin-protein ligase E3A'
2 non-polymer 'ZINC ION'
#
_entity_poly.entity_id   1
_entity_poly.type   'polypeptide(L)'
_entity_poly.pdbx_seq_one_letter_code
;GSHMATACKRSGEPQSDDIEASRMKRAAAKHLIERYYHQLTEGCGNEACTNEFCASCPTFLRMDNNAAAIKALELYKINA
KLCDPHP
;
_entity_poly.pdbx_strand_id   A
#
loop_
_chem_comp.id
_chem_comp.type
_chem_comp.name
_chem_comp.formula
ZN non-polymer 'ZINC ION' 'Zn 2'
#
# COMPACT_ATOMS: atom_id res chain seq x y z
N GLY A 1 -9.30 -17.58 30.26
CA GLY A 1 -9.63 -18.55 29.19
C GLY A 1 -8.85 -18.28 27.90
N SER A 2 -9.46 -18.59 26.75
CA SER A 2 -8.82 -18.42 25.42
C SER A 2 -9.02 -16.98 24.89
N HIS A 3 -10.29 -16.51 24.88
CA HIS A 3 -10.66 -15.15 24.40
C HIS A 3 -11.71 -14.54 25.34
N MET A 4 -11.55 -13.23 25.64
CA MET A 4 -12.52 -12.47 26.46
C MET A 4 -13.77 -12.20 25.59
N ALA A 5 -14.85 -12.96 25.83
CA ALA A 5 -16.12 -12.81 25.09
C ALA A 5 -16.81 -11.48 25.47
N THR A 6 -16.42 -10.39 24.77
CA THR A 6 -16.88 -9.03 25.06
C THR A 6 -16.54 -8.09 23.88
N ALA A 7 -17.26 -6.96 23.81
CA ALA A 7 -17.06 -5.91 22.79
C ALA A 7 -17.88 -4.67 23.20
N CYS A 8 -17.68 -4.22 24.44
CA CYS A 8 -18.49 -3.16 25.08
C CYS A 8 -17.57 -2.09 25.71
N LYS A 9 -18.21 -1.11 26.40
CA LYS A 9 -17.50 -0.06 27.15
C LYS A 9 -18.03 -0.03 28.60
N ARG A 10 -17.33 0.76 29.46
CA ARG A 10 -17.59 0.86 30.91
C ARG A 10 -17.39 -0.50 31.61
N SER A 11 -16.52 -1.31 31.01
CA SER A 11 -16.21 -2.67 31.42
C SER A 11 -14.69 -2.91 31.31
N GLY A 12 -14.22 -4.03 31.87
CA GLY A 12 -12.79 -4.36 31.94
C GLY A 12 -12.30 -5.01 30.65
N GLU A 13 -12.32 -4.21 29.58
CA GLU A 13 -11.87 -4.63 28.24
C GLU A 13 -10.33 -4.83 28.21
N PRO A 14 -9.82 -5.85 27.46
CA PRO A 14 -8.35 -6.09 27.35
C PRO A 14 -7.64 -5.02 26.49
N GLN A 15 -6.32 -5.17 26.32
CA GLN A 15 -5.50 -4.25 25.51
C GLN A 15 -5.81 -4.42 23.99
N SER A 16 -6.39 -5.59 23.64
CA SER A 16 -6.81 -5.92 22.26
C SER A 16 -7.99 -5.04 21.79
N ASP A 17 -8.63 -4.34 22.74
CA ASP A 17 -9.71 -3.37 22.46
C ASP A 17 -9.24 -2.25 21.52
N ASP A 18 -7.96 -1.85 21.68
CA ASP A 18 -7.34 -0.77 20.89
C ASP A 18 -6.86 -1.27 19.53
N ILE A 19 -6.54 -2.58 19.47
CA ILE A 19 -5.97 -3.24 18.27
C ILE A 19 -6.99 -3.23 17.10
N GLU A 20 -8.24 -3.64 17.42
CA GLU A 20 -9.36 -3.67 16.45
C GLU A 20 -9.69 -2.25 15.92
N ALA A 21 -9.35 -1.22 16.72
CA ALA A 21 -9.57 0.19 16.37
C ALA A 21 -8.45 0.73 15.47
N SER A 22 -7.18 0.44 15.85
CA SER A 22 -5.98 1.02 15.20
C SER A 22 -5.79 0.50 13.78
N ARG A 23 -6.18 -0.77 13.55
CA ARG A 23 -6.07 -1.43 12.23
C ARG A 23 -6.95 -0.76 11.18
N MET A 24 -8.09 -0.17 11.60
CA MET A 24 -9.05 0.49 10.68
C MET A 24 -8.40 1.73 10.01
N LYS A 25 -7.58 2.45 10.80
CA LYS A 25 -6.90 3.69 10.36
C LYS A 25 -5.84 3.37 9.29
N ARG A 26 -5.02 2.35 9.58
CA ARG A 26 -3.91 1.93 8.71
C ARG A 26 -4.40 1.06 7.53
N ALA A 27 -5.64 0.50 7.66
CA ALA A 27 -6.30 -0.26 6.57
C ALA A 27 -6.62 0.65 5.37
N ALA A 28 -6.91 1.92 5.67
CA ALA A 28 -7.13 2.97 4.66
C ALA A 28 -5.86 3.17 3.81
N ALA A 29 -4.70 3.21 4.50
CA ALA A 29 -3.37 3.29 3.88
C ALA A 29 -3.08 2.04 3.04
N LYS A 30 -3.46 0.87 3.60
CA LYS A 30 -3.25 -0.47 2.98
C LYS A 30 -3.84 -0.54 1.57
N HIS A 31 -4.99 0.11 1.35
CA HIS A 31 -5.70 0.08 0.05
C HIS A 31 -4.81 0.59 -1.11
N LEU A 32 -4.01 1.64 -0.82
CA LEU A 32 -3.05 2.23 -1.79
C LEU A 32 -1.75 1.38 -1.80
N ILE A 33 -1.36 0.89 -0.61
CA ILE A 33 -0.18 0.01 -0.42
C ILE A 33 -0.30 -1.28 -1.25
N GLU A 34 -1.55 -1.80 -1.42
CA GLU A 34 -1.82 -3.04 -2.19
C GLU A 34 -1.42 -2.87 -3.67
N ARG A 35 -1.55 -1.64 -4.18
CA ARG A 35 -1.18 -1.32 -5.56
C ARG A 35 0.33 -1.54 -5.79
N TYR A 36 1.14 -1.13 -4.80
CA TYR A 36 2.61 -1.26 -4.86
C TYR A 36 3.05 -2.68 -4.50
N TYR A 37 2.45 -3.25 -3.43
CA TYR A 37 2.76 -4.62 -2.92
C TYR A 37 2.57 -5.66 -4.02
N HIS A 38 1.43 -5.57 -4.71
CA HIS A 38 1.10 -6.47 -5.81
C HIS A 38 2.00 -6.14 -7.01
N GLN A 39 2.22 -4.84 -7.29
CA GLN A 39 3.09 -4.39 -8.41
C GLN A 39 4.51 -4.99 -8.32
N LEU A 40 5.00 -5.18 -7.09
CA LEU A 40 6.36 -5.66 -6.80
C LEU A 40 6.54 -7.18 -6.99
N THR A 41 5.48 -7.99 -6.73
CA THR A 41 5.58 -9.46 -6.75
C THR A 41 4.63 -10.11 -7.79
N GLU A 42 3.40 -9.62 -7.87
CA GLU A 42 2.37 -10.07 -8.84
C GLU A 42 2.63 -9.43 -10.22
N GLY A 43 2.66 -8.09 -10.25
CA GLY A 43 2.83 -7.31 -11.48
C GLY A 43 1.73 -6.28 -11.70
N CYS A 44 1.44 -5.98 -12.98
CA CYS A 44 0.48 -4.94 -13.40
C CYS A 44 -0.32 -5.46 -14.63
N GLY A 45 0.41 -5.97 -15.64
CA GLY A 45 -0.17 -6.35 -16.94
C GLY A 45 -0.19 -5.18 -17.92
N ASN A 46 0.95 -4.48 -18.03
CA ASN A 46 1.10 -3.26 -18.88
C ASN A 46 2.31 -3.42 -19.81
N GLU A 47 2.25 -2.76 -20.99
CA GLU A 47 3.38 -2.75 -21.95
C GLU A 47 4.50 -1.82 -21.46
N ALA A 48 4.12 -0.64 -20.96
CA ALA A 48 5.05 0.38 -20.43
C ALA A 48 5.22 0.17 -18.90
N CYS A 49 5.40 -1.09 -18.51
CA CYS A 49 5.50 -1.50 -17.11
C CYS A 49 6.90 -1.29 -16.54
N THR A 50 7.87 -0.99 -17.43
CA THR A 50 9.29 -0.80 -17.07
C THR A 50 9.45 0.30 -15.96
N ASN A 51 9.40 -0.18 -14.72
CA ASN A 51 9.55 0.64 -13.52
C ASN A 51 10.58 -0.04 -12.61
N GLU A 52 11.29 0.77 -11.80
CA GLU A 52 12.29 0.27 -10.83
C GLU A 52 11.64 -0.69 -9.83
N PHE A 53 10.36 -0.44 -9.56
CA PHE A 53 9.56 -1.17 -8.61
C PHE A 53 8.37 -1.84 -9.34
N CYS A 54 8.65 -2.99 -10.01
CA CYS A 54 7.64 -3.75 -10.77
C CYS A 54 8.08 -5.20 -11.01
N ALA A 55 7.07 -6.09 -11.12
CA ALA A 55 7.24 -7.53 -11.42
C ALA A 55 6.98 -7.79 -12.90
N SER A 56 5.98 -7.04 -13.43
CA SER A 56 5.51 -7.11 -14.81
C SER A 56 6.44 -6.32 -15.77
N CYS A 57 7.63 -5.91 -15.28
CA CYS A 57 8.68 -5.27 -16.11
C CYS A 57 9.03 -6.16 -17.33
N PRO A 58 9.42 -5.56 -18.49
CA PRO A 58 9.90 -6.33 -19.68
C PRO A 58 11.22 -7.11 -19.44
N THR A 59 11.79 -7.00 -18.22
CA THR A 59 12.92 -7.81 -17.75
C THR A 59 12.45 -9.15 -17.12
N PHE A 60 11.19 -9.15 -16.62
CA PHE A 60 10.58 -10.24 -15.84
C PHE A 60 11.42 -10.55 -14.59
N LEU A 61 11.37 -9.62 -13.63
CA LEU A 61 12.09 -9.70 -12.35
C LEU A 61 11.17 -9.20 -11.23
N ARG A 62 11.05 -9.99 -10.15
CA ARG A 62 10.19 -9.66 -9.00
C ARG A 62 10.80 -10.14 -7.69
N MET A 63 10.11 -9.80 -6.60
CA MET A 63 10.49 -10.15 -5.23
C MET A 63 9.43 -11.04 -4.59
N ASP A 64 9.73 -11.51 -3.38
CA ASP A 64 8.81 -12.32 -2.56
C ASP A 64 7.79 -11.41 -1.87
N ASN A 65 6.71 -12.01 -1.34
CA ASN A 65 5.57 -11.27 -0.74
C ASN A 65 5.98 -10.48 0.51
N ASN A 66 6.92 -11.04 1.30
CA ASN A 66 7.48 -10.36 2.50
C ASN A 66 8.32 -9.15 2.07
N ALA A 67 9.14 -9.35 1.02
CA ALA A 67 10.01 -8.31 0.43
C ALA A 67 9.20 -7.19 -0.23
N ALA A 68 8.02 -7.57 -0.75
CA ALA A 68 7.13 -6.67 -1.48
C ALA A 68 6.25 -5.87 -0.53
N ALA A 69 5.84 -6.50 0.59
CA ALA A 69 5.00 -5.87 1.61
C ALA A 69 5.74 -4.72 2.32
N ILE A 70 6.98 -5.03 2.78
CA ILE A 70 7.84 -4.03 3.47
C ILE A 70 8.23 -2.88 2.54
N LYS A 71 8.48 -3.21 1.24
CA LYS A 71 8.87 -2.20 0.25
C LYS A 71 7.66 -1.36 -0.16
N ALA A 72 6.46 -1.96 -0.18
CA ALA A 72 5.20 -1.25 -0.51
C ALA A 72 4.89 -0.15 0.50
N LEU A 73 5.27 -0.40 1.76
CA LEU A 73 5.24 0.61 2.85
C LEU A 73 6.19 1.76 2.51
N GLU A 74 7.41 1.40 2.06
CA GLU A 74 8.46 2.38 1.69
C GLU A 74 8.10 3.15 0.41
N LEU A 75 7.27 2.53 -0.44
CA LEU A 75 6.76 3.14 -1.67
C LEU A 75 5.56 4.03 -1.39
N TYR A 76 4.78 3.69 -0.36
CA TYR A 76 3.58 4.45 0.03
C TYR A 76 3.96 5.85 0.55
N LYS A 77 4.96 5.87 1.45
CA LYS A 77 5.42 7.10 2.12
C LYS A 77 6.04 8.10 1.12
N ILE A 78 6.65 7.61 0.04
CA ILE A 78 7.26 8.46 -1.02
C ILE A 78 6.29 8.65 -2.21
N ASN A 79 5.22 7.81 -2.27
CA ASN A 79 4.27 7.74 -3.40
C ASN A 79 5.05 7.38 -4.69
N ALA A 80 5.45 6.11 -4.80
CA ALA A 80 6.25 5.58 -5.94
C ALA A 80 5.44 5.53 -7.23
N LYS A 81 6.13 5.27 -8.35
CA LYS A 81 5.50 5.20 -9.67
C LYS A 81 4.68 3.91 -9.83
N LEU A 82 3.57 4.05 -10.56
CA LEU A 82 2.52 3.05 -10.67
C LEU A 82 2.01 3.02 -12.12
N CYS A 83 1.96 1.81 -12.72
CA CYS A 83 1.54 1.63 -14.13
C CYS A 83 0.01 1.80 -14.30
N ASP A 84 -0.72 1.84 -13.17
CA ASP A 84 -2.18 2.01 -13.13
C ASP A 84 -2.53 3.28 -12.32
N PRO A 85 -2.34 4.52 -12.91
CA PRO A 85 -2.69 5.78 -12.25
C PRO A 85 -4.19 6.15 -12.48
N HIS A 86 -4.54 7.44 -12.32
CA HIS A 86 -5.90 7.94 -12.58
C HIS A 86 -5.84 9.43 -12.99
N PRO A 87 -6.11 9.77 -14.30
CA PRO A 87 -6.15 11.16 -14.78
C PRO A 87 -7.50 11.85 -14.41
ZN ZN B . 4.34 -2.08 -13.58
N GLY A 1 -13.24 -6.49 6.91
CA GLY A 1 -12.86 -7.91 7.12
C GLY A 1 -13.81 -8.62 8.07
N SER A 2 -13.32 -9.70 8.73
CA SER A 2 -14.11 -10.53 9.65
C SER A 2 -14.61 -9.71 10.87
N HIS A 3 -13.66 -9.08 11.58
CA HIS A 3 -13.97 -8.19 12.72
C HIS A 3 -13.82 -6.73 12.26
N MET A 4 -14.96 -6.02 12.16
CA MET A 4 -14.99 -4.61 11.72
C MET A 4 -16.26 -3.91 12.24
N ALA A 5 -16.14 -2.59 12.47
CA ALA A 5 -17.24 -1.75 13.01
C ALA A 5 -17.36 -0.44 12.22
N THR A 6 -18.44 -0.33 11.41
CA THR A 6 -18.76 0.90 10.67
C THR A 6 -20.21 1.31 11.00
N ALA A 7 -20.42 1.60 12.29
CA ALA A 7 -21.73 1.95 12.86
C ALA A 7 -21.64 3.27 13.64
N CYS A 8 -22.79 3.96 13.79
CA CYS A 8 -22.88 5.25 14.49
C CYS A 8 -24.03 5.21 15.51
N LYS A 9 -23.68 5.01 16.78
CA LYS A 9 -24.66 4.97 17.90
C LYS A 9 -24.71 6.35 18.57
N ARG A 10 -25.73 6.55 19.39
CA ARG A 10 -26.00 7.84 20.07
C ARG A 10 -25.00 8.10 21.22
N SER A 11 -24.98 9.37 21.70
CA SER A 11 -24.05 9.84 22.75
C SER A 11 -24.21 9.01 24.05
N GLY A 12 -23.34 8.01 24.20
CA GLY A 12 -23.41 7.04 25.29
C GLY A 12 -22.64 5.78 24.95
N GLU A 13 -22.32 5.60 23.64
CA GLU A 13 -21.45 4.51 23.15
C GLU A 13 -20.02 4.64 23.78
N PRO A 14 -19.38 3.52 24.24
CA PRO A 14 -18.06 3.59 24.90
C PRO A 14 -16.93 4.00 23.93
N GLN A 15 -15.84 4.50 24.51
CA GLN A 15 -14.61 4.85 23.77
C GLN A 15 -13.92 3.58 23.25
N SER A 16 -14.16 2.45 23.95
CA SER A 16 -13.70 1.12 23.54
C SER A 16 -14.36 0.68 22.21
N ASP A 17 -15.62 1.12 22.01
CA ASP A 17 -16.39 0.86 20.77
C ASP A 17 -15.74 1.56 19.56
N ASP A 18 -15.07 2.68 19.86
CA ASP A 18 -14.38 3.50 18.84
C ASP A 18 -13.06 2.85 18.43
N ILE A 19 -12.41 2.12 19.37
CA ILE A 19 -11.07 1.51 19.16
C ILE A 19 -11.07 0.52 17.97
N GLU A 20 -12.08 -0.37 17.95
CA GLU A 20 -12.22 -1.40 16.89
C GLU A 20 -12.50 -0.76 15.51
N ALA A 21 -13.10 0.44 15.52
CA ALA A 21 -13.37 1.23 14.30
C ALA A 21 -12.12 2.06 13.89
N SER A 22 -11.41 2.56 14.91
CA SER A 22 -10.29 3.52 14.74
C SER A 22 -9.06 2.82 14.15
N ARG A 23 -8.76 1.60 14.62
CA ARG A 23 -7.60 0.81 14.14
C ARG A 23 -7.69 0.46 12.65
N MET A 24 -8.93 0.39 12.13
CA MET A 24 -9.20 0.01 10.73
C MET A 24 -8.80 1.10 9.73
N LYS A 25 -8.56 2.33 10.23
CA LYS A 25 -8.19 3.51 9.38
C LYS A 25 -6.89 3.26 8.56
N ARG A 26 -6.05 2.32 9.04
CA ARG A 26 -4.80 1.91 8.36
C ARG A 26 -5.08 1.13 7.06
N ALA A 27 -6.30 0.53 6.98
CA ALA A 27 -6.78 -0.20 5.78
C ALA A 27 -6.98 0.75 4.59
N ALA A 28 -7.23 2.04 4.89
CA ALA A 28 -7.36 3.12 3.88
C ALA A 28 -6.00 3.37 3.19
N ALA A 29 -4.93 3.43 4.01
CA ALA A 29 -3.56 3.55 3.51
C ALA A 29 -3.16 2.26 2.76
N LYS A 30 -3.52 1.11 3.38
CA LYS A 30 -3.26 -0.25 2.86
C LYS A 30 -3.93 -0.47 1.49
N HIS A 31 -5.09 0.18 1.26
CA HIS A 31 -5.85 0.04 -0.01
C HIS A 31 -4.97 0.43 -1.23
N LEU A 32 -4.16 1.49 -1.07
CA LEU A 32 -3.26 1.98 -2.13
C LEU A 32 -1.92 1.19 -2.08
N ILE A 33 -1.50 0.81 -0.86
CA ILE A 33 -0.31 -0.05 -0.63
C ILE A 33 -0.48 -1.42 -1.34
N GLU A 34 -1.75 -1.89 -1.47
CA GLU A 34 -2.09 -3.14 -2.18
C GLU A 34 -1.67 -3.07 -3.65
N ARG A 35 -1.77 -1.88 -4.25
CA ARG A 35 -1.35 -1.63 -5.65
C ARG A 35 0.18 -1.73 -5.79
N TYR A 36 0.93 -1.15 -4.83
CA TYR A 36 2.41 -1.24 -4.82
C TYR A 36 2.85 -2.70 -4.64
N TYR A 37 2.37 -3.34 -3.56
CA TYR A 37 2.62 -4.77 -3.24
C TYR A 37 2.30 -5.67 -4.45
N HIS A 38 1.14 -5.41 -5.09
CA HIS A 38 0.69 -6.12 -6.29
C HIS A 38 1.74 -5.98 -7.39
N GLN A 39 2.10 -4.72 -7.66
CA GLN A 39 3.08 -4.36 -8.71
C GLN A 39 4.45 -5.02 -8.45
N LEU A 40 4.85 -5.13 -7.17
CA LEU A 40 6.22 -5.56 -6.77
C LEU A 40 6.46 -7.06 -6.94
N THR A 41 5.43 -7.89 -6.69
CA THR A 41 5.60 -9.37 -6.64
C THR A 41 4.56 -10.10 -7.51
N GLU A 42 3.30 -9.66 -7.45
CA GLU A 42 2.16 -10.35 -8.09
C GLU A 42 2.11 -9.98 -9.60
N GLY A 43 2.66 -8.80 -9.93
CA GLY A 43 2.63 -8.26 -11.28
C GLY A 43 1.65 -7.10 -11.41
N CYS A 44 1.46 -6.61 -12.64
CA CYS A 44 0.62 -5.43 -12.93
C CYS A 44 0.11 -5.39 -14.41
N GLY A 45 0.72 -6.22 -15.30
CA GLY A 45 0.23 -6.44 -16.68
C GLY A 45 -0.05 -5.17 -17.49
N ASN A 46 0.99 -4.37 -17.75
CA ASN A 46 0.86 -3.06 -18.45
C ASN A 46 1.84 -3.02 -19.63
N GLU A 47 1.47 -2.30 -20.70
CA GLU A 47 2.32 -2.12 -21.90
C GLU A 47 3.52 -1.21 -21.59
N ALA A 48 3.32 -0.25 -20.67
CA ALA A 48 4.40 0.56 -20.08
C ALA A 48 4.57 0.13 -18.62
N CYS A 49 5.12 -1.07 -18.46
CA CYS A 49 5.31 -1.73 -17.15
C CYS A 49 6.69 -1.45 -16.55
N THR A 50 7.61 -0.90 -17.37
CA THR A 50 9.02 -0.65 -16.99
C THR A 50 9.12 0.37 -15.82
N ASN A 51 9.23 -0.19 -14.61
CA ASN A 51 9.53 0.55 -13.37
C ASN A 51 10.60 -0.23 -12.59
N GLU A 52 11.45 0.52 -11.86
CA GLU A 52 12.45 -0.05 -10.93
C GLU A 52 11.79 -0.96 -9.89
N PHE A 53 10.64 -0.50 -9.43
CA PHE A 53 9.82 -1.17 -8.44
C PHE A 53 8.60 -1.82 -9.11
N CYS A 54 8.84 -2.94 -9.80
CA CYS A 54 7.82 -3.63 -10.62
C CYS A 54 8.23 -5.09 -10.87
N ALA A 55 7.20 -5.97 -11.02
CA ALA A 55 7.39 -7.42 -11.25
C ALA A 55 7.16 -7.74 -12.72
N SER A 56 6.15 -7.10 -13.29
CA SER A 56 5.67 -7.32 -14.66
C SER A 56 6.42 -6.44 -15.69
N CYS A 57 7.59 -5.91 -15.28
CA CYS A 57 8.43 -5.04 -16.14
C CYS A 57 9.07 -5.87 -17.27
N PRO A 58 9.21 -5.30 -18.52
CA PRO A 58 9.84 -6.04 -19.65
C PRO A 58 11.36 -6.27 -19.44
N THR A 59 11.92 -5.57 -18.43
CA THR A 59 13.32 -5.72 -18.01
C THR A 59 13.54 -7.02 -17.21
N PHE A 60 12.42 -7.63 -16.74
CA PHE A 60 12.39 -8.88 -15.94
C PHE A 60 13.08 -8.66 -14.59
N LEU A 61 12.36 -7.96 -13.71
CA LEU A 61 12.75 -7.72 -12.30
C LEU A 61 11.52 -8.00 -11.43
N ARG A 62 11.73 -8.57 -10.23
CA ARG A 62 10.65 -8.80 -9.25
C ARG A 62 11.25 -9.11 -7.87
N MET A 63 10.37 -9.27 -6.88
CA MET A 63 10.74 -9.60 -5.50
C MET A 63 9.74 -10.60 -4.91
N ASP A 64 10.06 -11.08 -3.70
CA ASP A 64 9.18 -11.96 -2.92
C ASP A 64 8.01 -11.17 -2.33
N ASN A 65 6.92 -11.88 -2.00
CA ASN A 65 5.71 -11.27 -1.36
C ASN A 65 6.05 -10.64 -0.01
N ASN A 66 7.05 -11.22 0.67
CA ASN A 66 7.57 -10.72 1.96
C ASN A 66 8.27 -9.37 1.74
N ALA A 67 9.25 -9.39 0.82
CA ALA A 67 10.04 -8.21 0.41
C ALA A 67 9.14 -7.09 -0.15
N ALA A 68 8.02 -7.48 -0.77
CA ALA A 68 7.07 -6.56 -1.41
C ALA A 68 6.18 -5.87 -0.38
N ALA A 69 5.71 -6.62 0.62
CA ALA A 69 4.79 -6.10 1.66
C ALA A 69 5.44 -4.95 2.46
N ILE A 70 6.69 -5.17 2.87
CA ILE A 70 7.47 -4.20 3.66
C ILE A 70 7.97 -3.02 2.80
N LYS A 71 8.21 -3.26 1.49
CA LYS A 71 8.72 -2.21 0.58
C LYS A 71 7.56 -1.33 0.08
N ALA A 72 6.35 -1.91 0.00
CA ALA A 72 5.13 -1.20 -0.44
C ALA A 72 4.77 -0.06 0.54
N LEU A 73 5.14 -0.25 1.81
CA LEU A 73 5.06 0.77 2.87
C LEU A 73 5.99 1.96 2.54
N GLU A 74 7.24 1.62 2.19
CA GLU A 74 8.30 2.60 1.91
C GLU A 74 8.07 3.31 0.56
N LEU A 75 7.35 2.63 -0.36
CA LEU A 75 6.99 3.22 -1.65
C LEU A 75 5.76 4.11 -1.53
N TYR A 76 4.90 3.80 -0.55
CA TYR A 76 3.67 4.57 -0.31
C TYR A 76 4.00 5.96 0.26
N LYS A 77 4.91 5.99 1.24
CA LYS A 77 5.30 7.23 1.94
C LYS A 77 6.06 8.21 1.01
N ILE A 78 6.78 7.67 0.00
CA ILE A 78 7.53 8.50 -0.98
C ILE A 78 6.72 8.69 -2.28
N ASN A 79 5.67 7.84 -2.47
CA ASN A 79 4.85 7.76 -3.69
C ASN A 79 5.73 7.42 -4.92
N ALA A 80 6.16 6.15 -4.99
CA ALA A 80 6.94 5.62 -6.12
C ALA A 80 6.06 5.49 -7.38
N LYS A 81 6.71 5.17 -8.52
CA LYS A 81 6.00 4.88 -9.77
C LYS A 81 5.10 3.64 -9.60
N LEU A 82 3.91 3.74 -10.16
CA LEU A 82 2.87 2.72 -10.05
C LEU A 82 2.30 2.46 -11.45
N CYS A 83 2.52 1.23 -11.97
CA CYS A 83 2.01 0.82 -13.28
C CYS A 83 0.48 0.87 -13.31
N ASP A 84 -0.12 0.44 -12.19
CA ASP A 84 -1.56 0.29 -12.00
C ASP A 84 -2.20 1.71 -11.93
N PRO A 85 -2.76 2.22 -13.07
CA PRO A 85 -3.17 3.63 -13.20
C PRO A 85 -4.63 3.88 -12.81
N HIS A 86 -5.04 5.13 -12.95
CA HIS A 86 -6.45 5.53 -12.92
C HIS A 86 -6.58 6.89 -13.64
N PRO A 87 -6.60 6.88 -15.02
CA PRO A 87 -6.78 8.11 -15.83
C PRO A 87 -8.30 8.47 -15.97
ZN ZN B . 4.58 -3.28 -13.78
N GLY A 1 8.32 16.73 16.21
CA GLY A 1 9.07 16.25 17.40
C GLY A 1 8.60 16.91 18.69
N SER A 2 8.96 16.31 19.84
CA SER A 2 8.55 16.80 21.17
C SER A 2 9.47 17.97 21.63
N HIS A 3 8.93 19.19 21.59
CA HIS A 3 9.62 20.41 22.08
C HIS A 3 8.83 21.01 23.25
N MET A 4 9.53 21.18 24.38
CA MET A 4 8.98 21.78 25.60
C MET A 4 8.88 23.31 25.41
N ALA A 5 7.72 23.76 24.88
CA ALA A 5 7.44 25.18 24.62
C ALA A 5 5.93 25.43 24.77
N THR A 6 5.55 26.58 25.37
CA THR A 6 4.14 26.95 25.62
C THR A 6 3.41 27.22 24.28
N ALA A 7 2.89 26.15 23.67
CA ALA A 7 2.22 26.18 22.36
C ALA A 7 0.95 25.32 22.39
N CYS A 8 0.19 25.33 21.27
CA CYS A 8 -1.12 24.69 21.16
C CYS A 8 -1.02 23.14 21.22
N LYS A 9 -1.02 22.61 22.46
CA LYS A 9 -1.02 21.16 22.72
C LYS A 9 -2.43 20.73 23.12
N ARG A 10 -3.06 19.88 22.27
CA ARG A 10 -4.48 19.52 22.42
C ARG A 10 -4.72 18.65 23.69
N SER A 11 -5.35 19.29 24.71
CA SER A 11 -5.76 18.68 26.00
C SER A 11 -4.63 17.86 26.69
N GLY A 12 -4.43 16.61 26.25
CA GLY A 12 -3.44 15.70 26.80
C GLY A 12 -3.97 14.28 26.85
N GLU A 13 -4.73 13.90 25.80
CA GLU A 13 -5.34 12.55 25.68
C GLU A 13 -4.28 11.49 25.33
N PRO A 14 -4.51 10.17 25.66
CA PRO A 14 -3.55 9.10 25.34
C PRO A 14 -3.55 8.75 23.83
N GLN A 15 -2.55 7.94 23.42
CA GLN A 15 -2.41 7.47 22.03
C GLN A 15 -3.57 6.57 21.61
N SER A 16 -4.30 6.00 22.59
CA SER A 16 -5.49 5.15 22.35
C SER A 16 -6.61 5.94 21.62
N ASP A 17 -6.72 7.23 21.97
CA ASP A 17 -7.67 8.17 21.31
C ASP A 17 -7.27 8.43 19.85
N ASP A 18 -5.96 8.34 19.60
CA ASP A 18 -5.38 8.49 18.25
C ASP A 18 -5.64 7.23 17.41
N ILE A 19 -5.48 6.04 18.04
CA ILE A 19 -5.52 4.73 17.36
C ILE A 19 -6.86 4.51 16.63
N GLU A 20 -7.97 4.81 17.32
CA GLU A 20 -9.34 4.60 16.80
C GLU A 20 -9.60 5.38 15.48
N ALA A 21 -8.95 6.56 15.36
CA ALA A 21 -9.03 7.40 14.16
C ALA A 21 -8.00 6.96 13.11
N SER A 22 -6.77 6.66 13.59
CA SER A 22 -5.62 6.39 12.71
C SER A 22 -5.76 5.04 11.98
N ARG A 23 -6.37 4.05 12.64
CA ARG A 23 -6.58 2.71 12.04
C ARG A 23 -7.45 2.80 10.78
N MET A 24 -8.43 3.71 10.80
CA MET A 24 -9.40 3.89 9.70
C MET A 24 -8.68 4.50 8.49
N LYS A 25 -7.94 5.60 8.73
CA LYS A 25 -7.22 6.33 7.69
C LYS A 25 -6.05 5.49 7.12
N ARG A 26 -5.48 4.63 7.98
CA ARG A 26 -4.37 3.71 7.61
C ARG A 26 -4.89 2.46 6.88
N ALA A 27 -6.18 2.13 7.06
CA ALA A 27 -6.84 1.04 6.32
C ALA A 27 -7.00 1.44 4.85
N ALA A 28 -7.47 2.67 4.62
CA ALA A 28 -7.55 3.28 3.29
C ALA A 28 -6.15 3.41 2.67
N ALA A 29 -5.18 3.84 3.51
CA ALA A 29 -3.77 3.96 3.16
C ALA A 29 -3.17 2.59 2.80
N LYS A 30 -3.63 1.53 3.51
CA LYS A 30 -3.16 0.16 3.32
C LYS A 30 -3.52 -0.35 1.93
N HIS A 31 -4.77 -0.12 1.50
CA HIS A 31 -5.24 -0.59 0.18
C HIS A 31 -4.45 0.11 -0.96
N LEU A 32 -3.98 1.35 -0.69
CA LEU A 32 -3.10 2.10 -1.61
C LEU A 32 -1.70 1.43 -1.64
N ILE A 33 -1.20 1.06 -0.45
CA ILE A 33 0.05 0.29 -0.27
C ILE A 33 -0.01 -1.06 -1.02
N GLU A 34 -1.20 -1.70 -1.00
CA GLU A 34 -1.43 -3.03 -1.61
C GLU A 34 -1.41 -2.95 -3.14
N ARG A 35 -1.69 -1.76 -3.68
CA ARG A 35 -1.57 -1.49 -5.12
C ARG A 35 -0.08 -1.58 -5.54
N TYR A 36 0.81 -1.01 -4.71
CA TYR A 36 2.26 -1.17 -4.89
C TYR A 36 2.66 -2.64 -4.71
N TYR A 37 2.20 -3.23 -3.59
CA TYR A 37 2.52 -4.61 -3.17
C TYR A 37 2.32 -5.63 -4.30
N HIS A 38 1.10 -5.67 -4.88
CA HIS A 38 0.74 -6.68 -5.90
C HIS A 38 1.58 -6.44 -7.15
N GLN A 39 1.87 -5.15 -7.43
CA GLN A 39 2.69 -4.71 -8.54
C GLN A 39 4.14 -5.24 -8.42
N LEU A 40 4.64 -5.34 -7.17
CA LEU A 40 6.04 -5.73 -6.87
C LEU A 40 6.27 -7.24 -7.00
N THR A 41 5.24 -8.05 -6.73
CA THR A 41 5.37 -9.53 -6.66
C THR A 41 4.55 -10.24 -7.77
N GLU A 42 3.23 -9.94 -7.89
CA GLU A 42 2.37 -10.52 -8.95
C GLU A 42 2.67 -9.86 -10.31
N GLY A 43 2.65 -8.52 -10.34
CA GLY A 43 2.83 -7.74 -11.56
C GLY A 43 1.71 -6.75 -11.80
N CYS A 44 1.49 -6.43 -13.08
CA CYS A 44 0.56 -5.39 -13.55
C CYS A 44 -0.10 -5.83 -14.87
N GLY A 45 0.69 -6.49 -15.75
CA GLY A 45 0.22 -6.95 -17.06
C GLY A 45 0.23 -5.84 -18.10
N ASN A 46 1.31 -5.04 -18.10
CA ASN A 46 1.45 -3.85 -19.00
C ASN A 46 2.80 -3.89 -19.73
N GLU A 47 2.82 -3.40 -20.98
CA GLU A 47 4.06 -3.27 -21.77
C GLU A 47 4.87 -2.03 -21.29
N ALA A 48 4.13 -0.96 -20.92
CA ALA A 48 4.71 0.32 -20.43
C ALA A 48 4.89 0.29 -18.89
N CYS A 49 5.01 -0.93 -18.36
CA CYS A 49 5.22 -1.20 -16.92
C CYS A 49 6.64 -0.87 -16.45
N THR A 50 7.57 -0.52 -17.38
CA THR A 50 8.96 -0.17 -17.03
C THR A 50 9.00 1.07 -16.09
N ASN A 51 8.87 0.78 -14.80
CA ASN A 51 8.93 1.76 -13.72
C ASN A 51 9.86 1.24 -12.61
N GLU A 52 10.12 2.11 -11.62
CA GLU A 52 11.21 1.93 -10.63
C GLU A 52 11.20 0.54 -9.96
N PHE A 53 10.02 0.14 -9.47
CA PHE A 53 9.83 -1.12 -8.75
C PHE A 53 8.56 -1.82 -9.25
N CYS A 54 8.70 -3.11 -9.65
CA CYS A 54 7.61 -3.90 -10.24
C CYS A 54 8.01 -5.38 -10.41
N ALA A 55 7.02 -6.18 -10.90
CA ALA A 55 7.20 -7.59 -11.27
C ALA A 55 6.92 -7.79 -12.78
N SER A 56 6.12 -6.86 -13.34
CA SER A 56 5.68 -6.90 -14.75
C SER A 56 6.54 -5.98 -15.64
N CYS A 57 7.64 -5.46 -15.08
CA CYS A 57 8.54 -4.55 -15.80
C CYS A 57 9.33 -5.33 -16.88
N PRO A 58 9.44 -4.80 -18.15
CA PRO A 58 10.23 -5.47 -19.23
C PRO A 58 11.75 -5.43 -18.99
N THR A 59 12.16 -4.88 -17.84
CA THR A 59 13.52 -5.00 -17.31
C THR A 59 13.76 -6.41 -16.72
N PHE A 60 12.65 -7.18 -16.53
CA PHE A 60 12.63 -8.56 -16.00
C PHE A 60 13.15 -8.60 -14.55
N LEU A 61 12.36 -8.00 -13.66
CA LEU A 61 12.67 -7.88 -12.21
C LEU A 61 11.40 -8.14 -11.40
N ARG A 62 11.55 -8.79 -10.22
CA ARG A 62 10.44 -9.00 -9.26
C ARG A 62 10.98 -9.37 -7.88
N MET A 63 10.07 -9.38 -6.88
CA MET A 63 10.39 -9.73 -5.48
C MET A 63 9.33 -10.67 -4.91
N ASP A 64 9.58 -11.16 -3.69
CA ASP A 64 8.64 -12.02 -2.94
C ASP A 64 7.47 -11.18 -2.40
N ASN A 65 6.38 -11.84 -1.97
CA ASN A 65 5.24 -11.17 -1.31
C ASN A 65 5.69 -10.53 0.02
N ASN A 66 6.59 -11.24 0.73
CA ASN A 66 7.14 -10.80 2.02
C ASN A 66 8.03 -9.55 1.85
N ALA A 67 8.84 -9.58 0.77
CA ALA A 67 9.72 -8.46 0.40
C ALA A 67 8.91 -7.27 -0.14
N ALA A 68 7.77 -7.58 -0.78
CA ALA A 68 6.89 -6.59 -1.43
C ALA A 68 6.07 -5.81 -0.42
N ALA A 69 5.57 -6.48 0.63
CA ALA A 69 4.70 -5.87 1.65
C ALA A 69 5.43 -4.75 2.42
N ILE A 70 6.67 -5.06 2.82
CA ILE A 70 7.52 -4.12 3.57
C ILE A 70 8.07 -2.98 2.67
N LYS A 71 8.29 -3.29 1.37
CA LYS A 71 8.81 -2.32 0.40
C LYS A 71 7.69 -1.39 -0.10
N ALA A 72 6.44 -1.90 -0.09
CA ALA A 72 5.24 -1.16 -0.54
C ALA A 72 4.91 -0.02 0.43
N LEU A 73 5.23 -0.25 1.72
CA LEU A 73 5.21 0.79 2.77
C LEU A 73 6.16 1.94 2.38
N GLU A 74 7.40 1.54 2.01
CA GLU A 74 8.49 2.47 1.64
C GLU A 74 8.20 3.18 0.30
N LEU A 75 7.38 2.56 -0.56
CA LEU A 75 6.95 3.17 -1.83
C LEU A 75 5.77 4.12 -1.62
N TYR A 76 4.95 3.84 -0.61
CA TYR A 76 3.78 4.66 -0.27
C TYR A 76 4.21 6.06 0.21
N LYS A 77 5.18 6.09 1.13
CA LYS A 77 5.66 7.33 1.77
C LYS A 77 6.40 8.25 0.76
N ILE A 78 7.07 7.66 -0.24
CA ILE A 78 7.81 8.42 -1.28
C ILE A 78 6.91 8.66 -2.52
N ASN A 79 5.73 7.98 -2.54
CA ASN A 79 4.76 8.02 -3.66
C ASN A 79 5.43 7.57 -4.97
N ALA A 80 5.78 6.28 -5.02
CA ALA A 80 6.53 5.68 -6.14
C ALA A 80 5.63 5.45 -7.37
N LYS A 81 6.26 5.07 -8.49
CA LYS A 81 5.55 4.80 -9.74
C LYS A 81 4.67 3.54 -9.61
N LEU A 82 3.42 3.68 -10.01
CA LEU A 82 2.36 2.71 -9.79
C LEU A 82 1.55 2.53 -11.08
N CYS A 83 1.62 1.33 -11.69
CA CYS A 83 0.90 1.03 -12.95
C CYS A 83 -0.56 0.62 -12.68
N ASP A 84 -1.06 0.84 -11.45
CA ASP A 84 -2.45 0.57 -11.06
C ASP A 84 -3.16 1.94 -10.92
N PRO A 85 -3.72 2.52 -12.05
CA PRO A 85 -4.36 3.84 -12.04
C PRO A 85 -5.89 3.81 -11.89
N HIS A 86 -6.46 5.01 -11.74
CA HIS A 86 -7.91 5.25 -11.82
C HIS A 86 -8.12 6.70 -12.32
N PRO A 87 -8.03 6.94 -13.68
CA PRO A 87 -8.28 8.26 -14.29
C PRO A 87 -9.79 8.58 -14.35
ZN ZN B . 4.25 -2.20 -13.14
N GLY A 1 -19.15 -5.39 7.33
CA GLY A 1 -19.77 -4.73 8.49
C GLY A 1 -20.28 -3.35 8.14
N SER A 2 -21.19 -2.82 8.99
CA SER A 2 -21.85 -1.52 8.76
C SER A 2 -20.92 -0.35 9.15
N HIS A 3 -21.27 0.86 8.68
CA HIS A 3 -20.51 2.09 8.92
C HIS A 3 -21.43 3.30 8.67
N MET A 4 -21.36 4.30 9.55
CA MET A 4 -22.06 5.60 9.40
C MET A 4 -21.03 6.76 9.35
N ALA A 5 -21.51 7.97 9.02
CA ALA A 5 -20.68 9.18 8.97
C ALA A 5 -21.45 10.36 9.58
N THR A 6 -22.29 10.06 10.60
CA THR A 6 -23.15 11.05 11.27
C THR A 6 -22.42 11.68 12.48
N ALA A 7 -22.62 12.98 12.65
CA ALA A 7 -22.11 13.75 13.78
C ALA A 7 -23.00 15.00 13.95
N CYS A 8 -24.01 14.87 14.83
CA CYS A 8 -24.98 15.94 15.11
C CYS A 8 -24.29 17.13 15.80
N LYS A 9 -23.30 16.79 16.66
CA LYS A 9 -22.47 17.72 17.46
C LYS A 9 -23.31 18.39 18.56
N ARG A 10 -22.64 18.81 19.66
CA ARG A 10 -23.29 19.33 20.88
C ARG A 10 -24.19 18.24 21.51
N SER A 11 -23.83 16.97 21.27
CA SER A 11 -24.64 15.78 21.60
C SER A 11 -23.74 14.54 21.85
N GLY A 12 -24.26 13.32 21.62
CA GLY A 12 -23.57 12.07 21.97
C GLY A 12 -22.67 11.53 20.88
N GLU A 13 -21.58 12.27 20.59
CA GLU A 13 -20.45 11.77 19.77
C GLU A 13 -19.38 11.12 20.69
N PRO A 14 -19.28 9.75 20.76
CA PRO A 14 -18.34 9.04 21.64
C PRO A 14 -16.98 8.70 20.95
N GLN A 15 -16.04 8.13 21.73
CA GLN A 15 -14.69 7.75 21.23
C GLN A 15 -14.74 6.55 20.26
N SER A 16 -15.81 5.74 20.36
CA SER A 16 -16.05 4.60 19.46
C SER A 16 -16.38 5.06 18.02
N ASP A 17 -16.93 6.28 17.91
CA ASP A 17 -17.23 6.92 16.61
C ASP A 17 -15.93 7.20 15.82
N ASP A 18 -14.85 7.50 16.55
CA ASP A 18 -13.52 7.81 15.96
C ASP A 18 -12.89 6.58 15.32
N ILE A 19 -13.23 5.40 15.88
CA ILE A 19 -12.63 4.11 15.48
C ILE A 19 -12.95 3.76 14.02
N GLU A 20 -14.25 3.85 13.68
CA GLU A 20 -14.75 3.49 12.34
C GLU A 20 -14.32 4.52 11.26
N ALA A 21 -13.98 5.74 11.69
CA ALA A 21 -13.43 6.78 10.80
C ALA A 21 -11.92 6.62 10.63
N SER A 22 -11.24 6.16 11.71
CA SER A 22 -9.78 6.01 11.74
C SER A 22 -9.34 4.85 10.84
N ARG A 23 -10.12 3.75 10.88
CA ARG A 23 -9.89 2.57 10.04
C ARG A 23 -10.09 2.89 8.55
N MET A 24 -10.99 3.87 8.25
CA MET A 24 -11.22 4.31 6.85
C MET A 24 -9.95 4.93 6.26
N LYS A 25 -9.29 5.78 7.08
CA LYS A 25 -8.04 6.46 6.72
C LYS A 25 -6.92 5.44 6.42
N ARG A 26 -6.82 4.45 7.32
CA ARG A 26 -5.78 3.40 7.28
C ARG A 26 -6.06 2.38 6.15
N ALA A 27 -7.35 2.11 5.86
CA ALA A 27 -7.78 1.15 4.82
C ALA A 27 -7.62 1.76 3.42
N ALA A 28 -7.89 3.09 3.33
CA ALA A 28 -7.71 3.87 2.09
C ALA A 28 -6.23 3.92 1.70
N ALA A 29 -5.38 4.11 2.72
CA ALA A 29 -3.92 4.04 2.60
C ALA A 29 -3.48 2.63 2.15
N LYS A 30 -4.06 1.62 2.83
CA LYS A 30 -3.78 0.19 2.62
C LYS A 30 -4.06 -0.25 1.17
N HIS A 31 -5.17 0.21 0.59
CA HIS A 31 -5.57 -0.19 -0.79
C HIS A 31 -4.54 0.32 -1.82
N LEU A 32 -4.01 1.53 -1.60
CA LEU A 32 -2.99 2.15 -2.47
C LEU A 32 -1.63 1.42 -2.26
N ILE A 33 -1.36 1.03 -1.00
CA ILE A 33 -0.18 0.23 -0.60
C ILE A 33 -0.17 -1.15 -1.33
N GLU A 34 -1.35 -1.80 -1.40
CA GLU A 34 -1.52 -3.12 -2.03
C GLU A 34 -1.29 -3.06 -3.54
N ARG A 35 -1.51 -1.87 -4.15
CA ARG A 35 -1.20 -1.65 -5.57
C ARG A 35 0.30 -1.76 -5.83
N TYR A 36 1.12 -1.29 -4.87
CA TYR A 36 2.58 -1.45 -4.93
C TYR A 36 2.94 -2.93 -4.74
N TYR A 37 2.49 -3.53 -3.60
CA TYR A 37 2.73 -4.96 -3.23
C TYR A 37 2.41 -5.91 -4.39
N HIS A 38 1.30 -5.61 -5.09
CA HIS A 38 0.79 -6.42 -6.21
C HIS A 38 1.74 -6.26 -7.40
N GLN A 39 2.02 -5.00 -7.74
CA GLN A 39 2.97 -4.60 -8.79
C GLN A 39 4.37 -5.21 -8.57
N LEU A 40 4.76 -5.37 -7.30
CA LEU A 40 6.10 -5.85 -6.90
C LEU A 40 6.27 -7.37 -7.08
N THR A 41 5.18 -8.15 -6.98
CA THR A 41 5.27 -9.63 -6.96
C THR A 41 4.42 -10.29 -8.06
N GLU A 42 3.11 -10.00 -8.04
CA GLU A 42 2.13 -10.61 -8.97
C GLU A 42 2.33 -10.01 -10.37
N GLY A 43 2.26 -8.67 -10.44
CA GLY A 43 2.36 -7.94 -11.69
C GLY A 43 1.46 -6.70 -11.72
N CYS A 44 1.30 -6.11 -12.92
CA CYS A 44 0.46 -4.92 -13.17
C CYS A 44 -0.41 -5.19 -14.40
N GLY A 45 0.26 -5.52 -15.54
CA GLY A 45 -0.40 -5.73 -16.83
C GLY A 45 -0.50 -4.45 -17.67
N ASN A 46 0.58 -3.65 -17.71
CA ASN A 46 0.71 -2.46 -18.59
C ASN A 46 1.80 -2.72 -19.67
N GLU A 47 1.63 -2.14 -20.86
CA GLU A 47 2.60 -2.23 -21.96
C GLU A 47 3.91 -1.48 -21.59
N ALA A 48 3.77 -0.30 -20.96
CA ALA A 48 4.91 0.53 -20.51
C ALA A 48 5.12 0.35 -19.00
N CYS A 49 5.25 -0.94 -18.58
CA CYS A 49 5.35 -1.36 -17.16
C CYS A 49 6.72 -1.07 -16.55
N THR A 50 7.70 -0.69 -17.40
CA THR A 50 9.12 -0.51 -17.00
C THR A 50 9.30 0.43 -15.77
N ASN A 51 9.30 -0.21 -14.60
CA ASN A 51 9.66 0.39 -13.32
C ASN A 51 10.63 -0.55 -12.60
N GLU A 52 11.58 0.04 -11.84
CA GLU A 52 12.53 -0.70 -10.99
C GLU A 52 11.79 -1.58 -9.98
N PHE A 53 10.68 -1.03 -9.47
CA PHE A 53 9.79 -1.68 -8.54
C PHE A 53 8.57 -2.24 -9.29
N CYS A 54 8.78 -3.37 -9.99
CA CYS A 54 7.74 -4.04 -10.80
C CYS A 54 8.06 -5.53 -11.01
N ALA A 55 7.00 -6.33 -11.24
CA ALA A 55 7.07 -7.78 -11.49
C ALA A 55 6.83 -8.07 -12.97
N SER A 56 5.79 -7.41 -13.51
CA SER A 56 5.37 -7.55 -14.91
C SER A 56 6.18 -6.63 -15.86
N CYS A 57 7.36 -6.20 -15.39
CA CYS A 57 8.27 -5.31 -16.12
C CYS A 57 8.94 -6.06 -17.29
N PRO A 58 9.35 -5.33 -18.39
CA PRO A 58 10.09 -5.94 -19.54
C PRO A 58 11.50 -6.46 -19.12
N THR A 59 11.97 -5.97 -17.96
CA THR A 59 13.25 -6.36 -17.35
C THR A 59 13.15 -7.77 -16.70
N PHE A 60 11.91 -8.26 -16.47
CA PHE A 60 11.62 -9.62 -15.96
C PHE A 60 12.22 -9.81 -14.54
N LEU A 61 11.93 -8.85 -13.67
CA LEU A 61 12.39 -8.82 -12.26
C LEU A 61 11.17 -8.81 -11.32
N ARG A 62 11.31 -9.37 -10.10
CA ARG A 62 10.26 -9.34 -9.06
C ARG A 62 10.85 -9.69 -7.68
N MET A 63 10.11 -9.31 -6.62
CA MET A 63 10.57 -9.44 -5.20
C MET A 63 9.79 -10.57 -4.51
N ASP A 64 10.19 -10.85 -3.25
CA ASP A 64 9.45 -11.78 -2.36
C ASP A 64 8.18 -11.10 -1.82
N ASN A 65 7.24 -11.89 -1.28
CA ASN A 65 5.98 -11.36 -0.71
C ASN A 65 6.27 -10.53 0.56
N ASN A 66 7.24 -10.99 1.35
CA ASN A 66 7.67 -10.32 2.60
C ASN A 66 8.39 -9.01 2.27
N ALA A 67 9.30 -9.11 1.28
CA ALA A 67 10.05 -7.97 0.73
C ALA A 67 9.12 -6.89 0.19
N ALA A 68 8.06 -7.33 -0.52
CA ALA A 68 7.10 -6.44 -1.20
C ALA A 68 6.07 -5.86 -0.23
N ALA A 69 5.75 -6.60 0.84
CA ALA A 69 4.79 -6.16 1.87
C ALA A 69 5.29 -4.92 2.61
N ILE A 70 6.58 -4.97 3.01
CA ILE A 70 7.25 -3.86 3.71
C ILE A 70 7.66 -2.76 2.71
N LYS A 71 7.99 -3.16 1.46
CA LYS A 71 8.39 -2.22 0.40
C LYS A 71 7.18 -1.38 -0.05
N ALA A 72 5.99 -1.99 -0.04
CA ALA A 72 4.72 -1.32 -0.41
C ALA A 72 4.42 -0.14 0.52
N LEU A 73 4.79 -0.33 1.80
CA LEU A 73 4.71 0.71 2.83
C LEU A 73 5.70 1.85 2.51
N GLU A 74 6.93 1.48 2.12
CA GLU A 74 8.03 2.42 1.79
C GLU A 74 7.69 3.25 0.55
N LEU A 75 7.11 2.59 -0.47
CA LEU A 75 6.76 3.20 -1.76
C LEU A 75 5.56 4.13 -1.61
N TYR A 76 4.77 3.94 -0.53
CA TYR A 76 3.60 4.79 -0.23
C TYR A 76 4.06 6.18 0.25
N LYS A 77 5.09 6.19 1.13
CA LYS A 77 5.65 7.42 1.72
C LYS A 77 6.27 8.30 0.63
N ILE A 78 7.10 7.64 -0.21
CA ILE A 78 7.92 8.31 -1.23
C ILE A 78 7.14 8.46 -2.56
N ASN A 79 5.95 7.79 -2.64
CA ASN A 79 5.07 7.78 -3.82
C ASN A 79 5.82 7.37 -5.08
N ALA A 80 6.29 6.11 -5.07
CA ALA A 80 7.07 5.52 -6.18
C ALA A 80 6.17 5.23 -7.38
N LYS A 81 6.82 4.97 -8.53
CA LYS A 81 6.14 4.75 -9.82
C LYS A 81 5.18 3.54 -9.73
N LEU A 82 3.99 3.72 -10.31
CA LEU A 82 2.91 2.75 -10.25
C LEU A 82 2.20 2.72 -11.61
N CYS A 83 2.09 1.53 -12.21
CA CYS A 83 1.49 1.34 -13.54
C CYS A 83 -0.04 1.37 -13.49
N ASP A 84 -0.61 1.52 -12.29
CA ASP A 84 -2.08 1.47 -12.07
C ASP A 84 -2.55 2.73 -11.27
N PRO A 85 -2.37 4.00 -11.80
CA PRO A 85 -2.86 5.23 -11.16
C PRO A 85 -4.19 5.73 -11.76
N HIS A 86 -5.23 5.76 -10.91
CA HIS A 86 -6.60 6.14 -11.31
C HIS A 86 -7.46 6.22 -10.04
N PRO A 87 -7.60 7.42 -9.40
CA PRO A 87 -8.49 7.61 -8.24
C PRO A 87 -9.98 7.74 -8.70
ZN ZN B . 4.53 -2.28 -13.54
N GLY A 1 -7.75 -11.39 14.32
CA GLY A 1 -9.08 -11.86 14.78
C GLY A 1 -10.22 -11.07 14.15
N SER A 2 -11.45 -11.33 14.62
CA SER A 2 -12.65 -10.61 14.18
C SER A 2 -12.64 -9.17 14.73
N HIS A 3 -12.32 -8.21 13.85
CA HIS A 3 -12.25 -6.78 14.17
C HIS A 3 -13.65 -6.20 14.45
N MET A 4 -13.71 -5.24 15.39
CA MET A 4 -14.93 -4.52 15.77
C MET A 4 -14.59 -3.05 16.07
N ALA A 5 -15.50 -2.11 15.74
CA ALA A 5 -15.35 -0.68 16.06
C ALA A 5 -15.94 -0.38 17.47
N THR A 6 -15.51 -1.20 18.45
CA THR A 6 -15.93 -1.09 19.87
C THR A 6 -15.47 0.26 20.47
N ALA A 7 -14.23 0.63 20.15
CA ALA A 7 -13.63 1.89 20.60
C ALA A 7 -14.20 3.09 19.79
N CYS A 8 -15.31 3.63 20.29
CA CYS A 8 -15.87 4.91 19.86
C CYS A 8 -15.77 5.94 21.00
N LYS A 9 -15.75 5.41 22.24
CA LYS A 9 -15.66 6.19 23.48
C LYS A 9 -14.59 5.58 24.41
N ARG A 10 -14.34 6.23 25.57
CA ARG A 10 -13.31 5.82 26.54
C ARG A 10 -13.70 6.31 27.95
N SER A 11 -14.84 5.83 28.45
CA SER A 11 -15.29 6.08 29.84
C SER A 11 -14.59 5.07 30.77
N GLY A 12 -14.76 3.79 30.43
CA GLY A 12 -14.05 2.68 31.07
C GLY A 12 -13.47 1.73 30.03
N GLU A 13 -13.58 2.12 28.73
CA GLU A 13 -13.14 1.31 27.58
C GLU A 13 -11.62 1.42 27.43
N PRO A 14 -10.86 0.27 27.44
CA PRO A 14 -9.38 0.31 27.31
C PRO A 14 -8.94 0.63 25.88
N GLN A 15 -7.69 1.10 25.77
CA GLN A 15 -7.08 1.47 24.48
C GLN A 15 -6.58 0.22 23.71
N SER A 16 -6.78 -0.97 24.30
CA SER A 16 -6.60 -2.27 23.62
C SER A 16 -7.52 -2.35 22.38
N ASP A 17 -8.81 -2.04 22.62
CA ASP A 17 -9.85 -2.00 21.57
C ASP A 17 -9.62 -0.83 20.60
N ASP A 18 -8.85 0.17 21.07
CA ASP A 18 -8.54 1.38 20.30
C ASP A 18 -7.33 1.16 19.38
N ILE A 19 -6.50 0.13 19.66
CA ILE A 19 -5.35 -0.24 18.78
C ILE A 19 -5.85 -0.67 17.39
N GLU A 20 -6.82 -1.60 17.38
CA GLU A 20 -7.47 -2.09 16.16
C GLU A 20 -8.31 -0.99 15.48
N ALA A 21 -8.70 0.03 16.26
CA ALA A 21 -9.41 1.21 15.75
C ALA A 21 -8.42 2.22 15.12
N SER A 22 -7.20 2.31 15.71
CA SER A 22 -6.16 3.29 15.31
C SER A 22 -5.34 2.81 14.11
N ARG A 23 -5.37 1.51 13.82
CA ARG A 23 -4.74 0.96 12.59
C ARG A 23 -5.60 1.30 11.36
N MET A 24 -6.90 1.58 11.58
CA MET A 24 -7.85 1.90 10.49
C MET A 24 -7.59 3.29 9.89
N LYS A 25 -6.93 4.18 10.66
CA LYS A 25 -6.53 5.51 10.17
C LYS A 25 -5.30 5.38 9.23
N ARG A 26 -4.55 4.27 9.40
CA ARG A 26 -3.42 3.91 8.52
C ARG A 26 -3.95 3.29 7.20
N ALA A 27 -5.19 2.75 7.26
CA ALA A 27 -5.82 1.98 6.15
C ALA A 27 -5.97 2.79 4.84
N ALA A 28 -6.02 4.13 4.95
CA ALA A 28 -6.02 5.05 3.79
C ALA A 28 -4.74 4.86 2.96
N ALA A 29 -3.59 4.87 3.66
CA ALA A 29 -2.28 4.62 3.07
C ALA A 29 -2.16 3.16 2.62
N LYS A 30 -2.55 2.25 3.53
CA LYS A 30 -2.41 0.78 3.37
C LYS A 30 -3.11 0.26 2.10
N HIS A 31 -4.32 0.78 1.81
CA HIS A 31 -5.15 0.33 0.67
C HIS A 31 -4.44 0.63 -0.67
N LEU A 32 -3.76 1.79 -0.73
CA LEU A 32 -3.01 2.23 -1.92
C LEU A 32 -1.65 1.48 -2.00
N ILE A 33 -1.05 1.22 -0.82
CA ILE A 33 0.19 0.45 -0.66
C ILE A 33 0.06 -0.97 -1.28
N GLU A 34 -1.15 -1.56 -1.15
CA GLU A 34 -1.44 -2.92 -1.67
C GLU A 34 -1.43 -2.99 -3.21
N ARG A 35 -1.62 -1.82 -3.87
CA ARG A 35 -1.50 -1.74 -5.34
C ARG A 35 -0.03 -1.89 -5.76
N TYR A 36 0.87 -1.25 -4.99
CA TYR A 36 2.33 -1.45 -5.14
C TYR A 36 2.68 -2.91 -4.86
N TYR A 37 2.27 -3.39 -3.67
CA TYR A 37 2.53 -4.76 -3.17
C TYR A 37 2.12 -5.83 -4.20
N HIS A 38 1.03 -5.57 -4.94
CA HIS A 38 0.55 -6.44 -6.04
C HIS A 38 1.52 -6.37 -7.22
N GLN A 39 1.86 -5.13 -7.59
CA GLN A 39 2.78 -4.80 -8.69
C GLN A 39 4.21 -5.34 -8.45
N LEU A 40 4.58 -5.60 -7.19
CA LEU A 40 5.95 -5.98 -6.79
C LEU A 40 6.21 -7.50 -6.87
N THR A 41 5.15 -8.32 -6.79
CA THR A 41 5.30 -9.79 -6.82
C THR A 41 4.45 -10.43 -7.94
N GLU A 42 3.18 -10.00 -8.12
CA GLU A 42 2.33 -10.49 -9.25
C GLU A 42 2.67 -9.73 -10.55
N GLY A 43 2.62 -8.39 -10.46
CA GLY A 43 2.78 -7.50 -11.61
C GLY A 43 1.60 -6.56 -11.79
N CYS A 44 1.45 -6.04 -13.02
CA CYS A 44 0.45 -5.00 -13.35
C CYS A 44 -0.04 -5.13 -14.81
N GLY A 45 0.87 -5.53 -15.73
CA GLY A 45 0.53 -5.69 -17.16
C GLY A 45 0.33 -4.35 -17.88
N ASN A 46 1.44 -3.61 -18.07
CA ASN A 46 1.44 -2.31 -18.80
C ASN A 46 2.43 -2.37 -19.99
N GLU A 47 2.20 -1.52 -21.00
CA GLU A 47 3.10 -1.37 -22.15
C GLU A 47 4.46 -0.75 -21.73
N ALA A 48 4.41 0.20 -20.78
CA ALA A 48 5.60 0.82 -20.18
C ALA A 48 5.65 0.47 -18.68
N CYS A 49 5.91 -0.83 -18.42
CA CYS A 49 5.93 -1.38 -17.06
C CYS A 49 7.31 -1.22 -16.40
N THR A 50 8.33 -0.84 -17.22
CA THR A 50 9.70 -0.58 -16.73
C THR A 50 9.71 0.56 -15.70
N ASN A 51 9.51 0.15 -14.44
CA ASN A 51 9.54 1.03 -13.27
C ASN A 51 10.67 0.55 -12.36
N GLU A 52 11.13 1.42 -11.43
CA GLU A 52 12.22 1.10 -10.47
C GLU A 52 11.89 -0.12 -9.62
N PHE A 53 10.58 -0.35 -9.44
CA PHE A 53 10.05 -1.52 -8.72
C PHE A 53 8.75 -2.00 -9.43
N CYS A 54 8.87 -3.10 -10.20
CA CYS A 54 7.75 -3.75 -10.92
C CYS A 54 8.10 -5.23 -11.18
N ALA A 55 7.07 -6.11 -11.12
CA ALA A 55 7.25 -7.57 -11.31
C ALA A 55 7.05 -7.96 -12.77
N SER A 56 6.00 -7.40 -13.39
CA SER A 56 5.61 -7.72 -14.78
C SER A 56 6.43 -6.91 -15.81
N CYS A 57 7.62 -6.42 -15.42
CA CYS A 57 8.55 -5.69 -16.32
C CYS A 57 8.87 -6.50 -17.60
N PRO A 58 9.25 -5.83 -18.74
CA PRO A 58 9.66 -6.54 -19.99
C PRO A 58 10.90 -7.45 -19.78
N THR A 59 11.67 -7.15 -18.70
CA THR A 59 12.82 -7.96 -18.25
C THR A 59 12.36 -9.12 -17.33
N PHE A 60 11.20 -8.92 -16.67
CA PHE A 60 10.62 -9.82 -15.65
C PHE A 60 11.57 -10.01 -14.45
N LEU A 61 11.42 -9.14 -13.45
CA LEU A 61 12.13 -9.24 -12.15
C LEU A 61 11.11 -9.00 -11.05
N ARG A 62 11.21 -9.75 -9.94
CA ARG A 62 10.17 -9.77 -8.88
C ARG A 62 10.80 -10.19 -7.54
N MET A 63 9.98 -10.24 -6.50
CA MET A 63 10.42 -10.57 -5.13
C MET A 63 9.32 -11.25 -4.33
N ASP A 64 9.69 -11.75 -3.14
CA ASP A 64 8.76 -12.41 -2.21
C ASP A 64 7.72 -11.43 -1.66
N ASN A 65 6.59 -11.98 -1.19
CA ASN A 65 5.48 -11.20 -0.61
C ASN A 65 5.92 -10.47 0.68
N ASN A 66 6.91 -11.05 1.38
CA ASN A 66 7.52 -10.44 2.59
C ASN A 66 8.30 -9.17 2.20
N ALA A 67 9.11 -9.31 1.13
CA ALA A 67 9.96 -8.23 0.61
C ALA A 67 9.12 -7.12 -0.06
N ALA A 68 8.01 -7.54 -0.66
CA ALA A 68 7.11 -6.67 -1.42
C ALA A 68 6.22 -5.84 -0.48
N ALA A 69 5.78 -6.46 0.63
CA ALA A 69 4.96 -5.79 1.68
C ALA A 69 5.69 -4.59 2.29
N ILE A 70 6.92 -4.85 2.79
CA ILE A 70 7.76 -3.83 3.44
C ILE A 70 8.22 -2.74 2.44
N LYS A 71 8.44 -3.14 1.18
CA LYS A 71 8.89 -2.22 0.13
C LYS A 71 7.76 -1.28 -0.29
N ALA A 72 6.53 -1.83 -0.37
CA ALA A 72 5.33 -1.09 -0.80
C ALA A 72 5.00 0.06 0.17
N LEU A 73 5.32 -0.14 1.46
CA LEU A 73 5.23 0.89 2.51
C LEU A 73 6.13 2.08 2.16
N GLU A 74 7.36 1.76 1.70
CA GLU A 74 8.39 2.74 1.33
C GLU A 74 8.03 3.40 -0.01
N LEU A 75 7.37 2.66 -0.92
CA LEU A 75 7.03 3.17 -2.25
C LEU A 75 5.91 4.21 -2.19
N TYR A 76 5.05 4.10 -1.17
CA TYR A 76 3.96 5.04 -0.96
C TYR A 76 4.52 6.44 -0.61
N LYS A 77 5.50 6.47 0.31
CA LYS A 77 6.08 7.73 0.80
C LYS A 77 7.07 8.36 -0.20
N ILE A 78 7.90 7.53 -0.87
CA ILE A 78 8.89 8.03 -1.87
C ILE A 78 8.19 8.32 -3.22
N ASN A 79 6.92 7.88 -3.34
CA ASN A 79 6.04 8.13 -4.50
C ASN A 79 6.58 7.43 -5.76
N ALA A 80 6.79 6.11 -5.63
CA ALA A 80 7.15 5.24 -6.77
C ALA A 80 5.99 5.17 -7.76
N LYS A 81 6.31 4.92 -9.04
CA LYS A 81 5.30 4.87 -10.10
C LYS A 81 4.48 3.57 -10.03
N LEU A 82 3.22 3.70 -10.40
CA LEU A 82 2.23 2.61 -10.36
C LEU A 82 1.59 2.52 -11.75
N CYS A 83 1.51 1.30 -12.31
CA CYS A 83 0.98 1.08 -13.69
C CYS A 83 -0.56 1.02 -13.72
N ASP A 84 -1.22 1.68 -12.74
CA ASP A 84 -2.68 1.68 -12.60
C ASP A 84 -3.19 3.12 -12.82
N PRO A 85 -3.57 3.50 -14.08
CA PRO A 85 -4.01 4.87 -14.41
C PRO A 85 -5.44 5.16 -13.91
N HIS A 86 -5.66 6.41 -13.52
CA HIS A 86 -6.96 6.93 -13.10
C HIS A 86 -7.11 8.38 -13.62
N PRO A 87 -7.70 8.57 -14.84
CA PRO A 87 -8.01 9.91 -15.38
C PRO A 87 -9.23 10.53 -14.65
ZN ZN B . 4.37 -2.29 -13.65
N GLY A 1 -15.81 1.49 -6.00
CA GLY A 1 -15.46 2.62 -5.11
C GLY A 1 -16.09 2.45 -3.74
N SER A 2 -15.23 2.47 -2.68
CA SER A 2 -15.65 2.33 -1.29
C SER A 2 -16.20 3.67 -0.76
N HIS A 3 -17.51 3.71 -0.45
CA HIS A 3 -18.19 4.91 0.09
C HIS A 3 -17.83 5.08 1.58
N MET A 4 -16.71 5.77 1.83
CA MET A 4 -16.22 6.05 3.19
C MET A 4 -16.76 7.43 3.64
N ALA A 5 -18.08 7.47 3.86
CA ALA A 5 -18.82 8.72 4.14
C ALA A 5 -18.42 9.33 5.49
N THR A 6 -17.75 10.48 5.43
CA THR A 6 -17.30 11.23 6.60
C THR A 6 -18.24 12.44 6.82
N ALA A 7 -19.23 12.24 7.72
CA ALA A 7 -20.23 13.26 8.04
C ALA A 7 -19.70 14.23 9.11
N CYS A 8 -20.08 15.53 8.99
CA CYS A 8 -19.72 16.58 9.95
C CYS A 8 -20.32 16.27 11.33
N LYS A 9 -19.49 15.70 12.21
CA LYS A 9 -19.91 15.17 13.51
C LYS A 9 -20.16 16.31 14.51
N ARG A 10 -20.89 16.02 15.59
CA ARG A 10 -21.22 17.00 16.65
C ARG A 10 -20.16 16.94 17.77
N SER A 11 -20.54 17.33 18.98
CA SER A 11 -19.68 17.23 20.18
C SER A 11 -20.46 16.54 21.33
N GLY A 12 -21.19 15.46 21.00
CA GLY A 12 -21.99 14.72 21.99
C GLY A 12 -21.83 13.21 21.90
N GLU A 13 -20.71 12.77 21.31
CA GLU A 13 -20.41 11.34 21.07
C GLU A 13 -19.37 10.84 22.09
N PRO A 14 -19.24 9.49 22.31
CA PRO A 14 -18.08 8.91 23.00
C PRO A 14 -16.82 9.01 22.11
N GLN A 15 -15.63 8.95 22.72
CA GLN A 15 -14.35 9.01 21.98
C GLN A 15 -14.06 7.67 21.26
N SER A 16 -14.82 6.62 21.65
CA SER A 16 -14.80 5.30 20.98
C SER A 16 -15.45 5.37 19.57
N ASP A 17 -16.29 6.41 19.36
CA ASP A 17 -16.91 6.70 18.04
C ASP A 17 -15.82 7.00 16.98
N ASP A 18 -14.70 7.57 17.41
CA ASP A 18 -13.61 8.00 16.53
C ASP A 18 -12.69 6.82 16.15
N ILE A 19 -12.78 5.70 16.91
CA ILE A 19 -11.97 4.47 16.67
C ILE A 19 -12.35 3.85 15.30
N GLU A 20 -13.66 3.66 15.08
CA GLU A 20 -14.22 3.12 13.82
C GLU A 20 -14.01 4.10 12.64
N ALA A 21 -13.81 5.38 12.96
CA ALA A 21 -13.47 6.40 11.97
C ALA A 21 -11.98 6.29 11.60
N SER A 22 -11.12 6.04 12.60
CA SER A 22 -9.64 6.00 12.46
C SER A 22 -9.19 4.88 11.49
N ARG A 23 -9.83 3.68 11.60
CA ARG A 23 -9.52 2.50 10.73
C ARG A 23 -9.82 2.77 9.24
N MET A 24 -10.76 3.71 8.95
CA MET A 24 -11.14 4.10 7.58
C MET A 24 -9.94 4.75 6.84
N LYS A 25 -9.20 5.60 7.59
CA LYS A 25 -8.01 6.33 7.08
C LYS A 25 -6.89 5.33 6.75
N ARG A 26 -6.70 4.37 7.67
CA ARG A 26 -5.66 3.34 7.59
C ARG A 26 -5.92 2.39 6.42
N ALA A 27 -7.21 2.05 6.22
CA ALA A 27 -7.67 1.13 5.16
C ALA A 27 -7.57 1.80 3.78
N ALA A 28 -7.91 3.10 3.72
CA ALA A 28 -7.85 3.90 2.48
C ALA A 28 -6.38 4.02 2.01
N ALA A 29 -5.48 4.27 2.97
CA ALA A 29 -4.03 4.36 2.73
C ALA A 29 -3.45 2.98 2.39
N LYS A 30 -4.02 1.94 3.03
CA LYS A 30 -3.64 0.53 2.85
C LYS A 30 -3.85 0.08 1.41
N HIS A 31 -5.02 0.41 0.83
CA HIS A 31 -5.38 0.02 -0.55
C HIS A 31 -4.36 0.54 -1.58
N LEU A 32 -3.76 1.71 -1.29
CA LEU A 32 -2.73 2.34 -2.14
C LEU A 32 -1.39 1.59 -1.95
N ILE A 33 -1.08 1.22 -0.70
CA ILE A 33 0.08 0.37 -0.34
C ILE A 33 -0.02 -1.01 -1.05
N GLU A 34 -1.23 -1.59 -1.09
CA GLU A 34 -1.49 -2.93 -1.65
C GLU A 34 -1.33 -2.94 -3.17
N ARG A 35 -1.54 -1.75 -3.80
CA ARG A 35 -1.28 -1.56 -5.23
C ARG A 35 0.23 -1.70 -5.52
N TYR A 36 1.07 -1.09 -4.65
CA TYR A 36 2.53 -1.26 -4.73
C TYR A 36 2.90 -2.72 -4.53
N TYR A 37 2.48 -3.30 -3.37
CA TYR A 37 2.66 -4.74 -3.02
C TYR A 37 2.35 -5.66 -4.22
N HIS A 38 1.21 -5.37 -4.87
CA HIS A 38 0.67 -6.18 -5.95
C HIS A 38 1.62 -6.11 -7.13
N GLN A 39 1.96 -4.87 -7.49
CA GLN A 39 2.92 -4.55 -8.56
C GLN A 39 4.31 -5.19 -8.33
N LEU A 40 4.73 -5.30 -7.06
CA LEU A 40 6.07 -5.75 -6.68
C LEU A 40 6.26 -7.26 -6.85
N THR A 41 5.26 -8.06 -6.46
CA THR A 41 5.39 -9.54 -6.41
C THR A 41 4.53 -10.22 -7.50
N GLU A 42 3.26 -9.79 -7.67
CA GLU A 42 2.34 -10.33 -8.69
C GLU A 42 2.71 -9.71 -10.05
N GLY A 43 2.71 -8.39 -10.06
CA GLY A 43 2.98 -7.58 -11.23
C GLY A 43 1.83 -6.68 -11.61
N CYS A 44 1.82 -6.31 -12.88
CA CYS A 44 0.89 -5.37 -13.50
C CYS A 44 1.19 -5.36 -15.01
N GLY A 45 0.93 -6.55 -15.62
CA GLY A 45 0.89 -6.79 -17.08
C GLY A 45 0.35 -5.63 -17.90
N ASN A 46 1.24 -4.66 -18.10
CA ASN A 46 0.98 -3.42 -18.82
C ASN A 46 2.05 -3.25 -19.91
N GLU A 47 1.67 -2.56 -20.99
CA GLU A 47 2.54 -2.26 -22.13
C GLU A 47 3.74 -1.37 -21.70
N ALA A 48 3.47 -0.36 -20.86
CA ALA A 48 4.51 0.45 -20.20
C ALA A 48 4.49 0.13 -18.70
N CYS A 49 4.99 -1.08 -18.37
CA CYS A 49 5.12 -1.58 -17.00
C CYS A 49 6.47 -1.15 -16.39
N THR A 50 7.35 -0.60 -17.27
CA THR A 50 8.71 -0.17 -16.92
C THR A 50 8.73 0.85 -15.73
N ASN A 51 8.95 0.29 -14.55
CA ASN A 51 9.13 1.02 -13.28
C ASN A 51 10.40 0.48 -12.59
N GLU A 52 10.96 1.27 -11.66
CA GLU A 52 12.13 0.90 -10.83
C GLU A 52 11.89 -0.43 -10.11
N PHE A 53 10.63 -0.64 -9.70
CA PHE A 53 10.19 -1.81 -8.94
C PHE A 53 8.83 -2.30 -9.51
N CYS A 54 8.90 -3.27 -10.43
CA CYS A 54 7.75 -3.87 -11.12
C CYS A 54 8.06 -5.33 -11.44
N ALA A 55 7.19 -6.26 -11.00
CA ALA A 55 7.34 -7.71 -11.25
C ALA A 55 7.17 -8.03 -12.74
N SER A 56 6.13 -7.42 -13.35
CA SER A 56 5.78 -7.60 -14.78
C SER A 56 6.58 -6.61 -15.68
N CYS A 57 7.75 -6.15 -15.19
CA CYS A 57 8.64 -5.25 -15.97
C CYS A 57 9.17 -5.97 -17.23
N PRO A 58 9.53 -5.22 -18.32
CA PRO A 58 10.10 -5.83 -19.56
C PRO A 58 11.48 -6.51 -19.30
N THR A 59 12.13 -6.17 -18.18
CA THR A 59 13.40 -6.76 -17.74
C THR A 59 13.20 -8.09 -16.96
N PHE A 60 11.95 -8.30 -16.44
CA PHE A 60 11.55 -9.49 -15.66
C PHE A 60 12.34 -9.55 -14.32
N LEU A 61 11.90 -8.74 -13.35
CA LEU A 61 12.52 -8.60 -12.01
C LEU A 61 11.40 -8.49 -10.96
N ARG A 62 11.32 -9.46 -10.03
CA ARG A 62 10.24 -9.50 -9.00
C ARG A 62 10.80 -9.92 -7.62
N MET A 63 9.90 -9.84 -6.62
CA MET A 63 10.20 -10.18 -5.21
C MET A 63 9.12 -11.11 -4.65
N ASP A 64 9.35 -11.56 -3.40
CA ASP A 64 8.39 -12.38 -2.63
C ASP A 64 7.25 -11.50 -2.08
N ASN A 65 6.19 -12.16 -1.58
CA ASN A 65 5.03 -11.50 -0.93
C ASN A 65 5.49 -10.75 0.34
N ASN A 66 6.35 -11.43 1.11
CA ASN A 66 6.93 -10.90 2.36
C ASN A 66 7.83 -9.67 2.07
N ALA A 67 8.61 -9.78 0.99
CA ALA A 67 9.53 -8.71 0.53
C ALA A 67 8.76 -7.53 -0.08
N ALA A 68 7.59 -7.84 -0.66
CA ALA A 68 6.72 -6.83 -1.32
C ALA A 68 5.92 -6.04 -0.30
N ALA A 69 5.55 -6.70 0.81
CA ALA A 69 4.76 -6.07 1.90
C ALA A 69 5.55 -4.92 2.57
N ILE A 70 6.80 -5.22 2.94
CA ILE A 70 7.70 -4.25 3.60
C ILE A 70 8.14 -3.14 2.62
N LYS A 71 8.28 -3.50 1.33
CA LYS A 71 8.74 -2.57 0.27
C LYS A 71 7.59 -1.65 -0.19
N ALA A 72 6.34 -2.13 -0.08
CA ALA A 72 5.12 -1.38 -0.46
C ALA A 72 4.95 -0.14 0.42
N LEU A 73 5.29 -0.33 1.71
CA LEU A 73 5.32 0.73 2.73
C LEU A 73 6.36 1.82 2.37
N GLU A 74 7.52 1.33 1.88
CA GLU A 74 8.66 2.19 1.47
C GLU A 74 8.32 3.02 0.24
N LEU A 75 7.56 2.42 -0.69
CA LEU A 75 7.15 3.06 -1.94
C LEU A 75 5.93 3.97 -1.75
N TYR A 76 5.17 3.73 -0.67
CA TYR A 76 4.01 4.57 -0.33
C TYR A 76 4.46 5.95 0.18
N LYS A 77 5.42 5.95 1.12
CA LYS A 77 5.89 7.18 1.80
C LYS A 77 6.68 8.10 0.84
N ILE A 78 7.21 7.55 -0.28
CA ILE A 78 7.91 8.34 -1.31
C ILE A 78 7.03 8.54 -2.56
N ASN A 79 5.92 7.76 -2.63
CA ASN A 79 5.00 7.73 -3.80
C ASN A 79 5.76 7.40 -5.10
N ALA A 80 6.17 6.13 -5.22
CA ALA A 80 6.87 5.59 -6.40
C ALA A 80 5.89 5.43 -7.57
N LYS A 81 6.44 5.11 -8.75
CA LYS A 81 5.62 4.91 -9.96
C LYS A 81 4.84 3.61 -9.87
N LEU A 82 3.65 3.64 -10.46
CA LEU A 82 2.64 2.59 -10.32
C LEU A 82 1.86 2.48 -11.62
N CYS A 83 1.66 1.24 -12.11
CA CYS A 83 0.87 0.98 -13.33
C CYS A 83 -0.64 0.96 -12.98
N ASP A 84 -1.13 2.13 -12.57
CA ASP A 84 -2.53 2.36 -12.18
C ASP A 84 -2.99 3.70 -12.80
N PRO A 85 -3.66 3.68 -13.99
CA PRO A 85 -4.19 4.90 -14.63
C PRO A 85 -5.38 5.51 -13.85
N HIS A 86 -5.65 6.79 -14.11
CA HIS A 86 -6.74 7.55 -13.49
C HIS A 86 -7.39 8.45 -14.57
N PRO A 87 -8.74 8.34 -14.79
CA PRO A 87 -9.48 9.15 -15.81
C PRO A 87 -9.29 10.68 -15.62
ZN ZN B . 4.13 -2.41 -13.54
N GLY A 1 -3.62 28.64 1.34
CA GLY A 1 -2.35 28.34 2.04
C GLY A 1 -2.55 28.05 3.52
N SER A 2 -1.53 27.46 4.13
CA SER A 2 -1.54 27.03 5.55
C SER A 2 -0.14 27.21 6.16
N HIS A 3 0.03 26.77 7.41
CA HIS A 3 1.31 26.82 8.13
C HIS A 3 1.38 25.60 9.08
N MET A 4 2.24 24.65 8.72
CA MET A 4 2.37 23.37 9.43
C MET A 4 3.18 23.55 10.73
N ALA A 5 2.47 23.66 11.85
CA ALA A 5 3.04 23.70 13.20
C ALA A 5 2.17 22.84 14.13
N THR A 6 2.33 21.51 13.98
CA THR A 6 1.57 20.51 14.75
C THR A 6 2.12 20.35 16.17
N ALA A 7 3.25 21.04 16.47
CA ALA A 7 3.81 21.13 17.83
C ALA A 7 2.85 21.94 18.72
N CYS A 8 1.92 21.23 19.37
CA CYS A 8 0.89 21.82 20.25
C CYS A 8 0.85 21.06 21.58
N LYS A 9 0.21 21.68 22.60
CA LYS A 9 0.10 21.08 23.96
C LYS A 9 -0.82 19.84 23.93
N ARG A 10 -0.25 18.65 24.18
CA ARG A 10 -1.01 17.38 24.22
C ARG A 10 -2.05 17.40 25.37
N SER A 11 -3.28 17.83 25.02
CA SER A 11 -4.42 17.92 25.96
C SER A 11 -5.74 17.93 25.17
N GLY A 12 -5.70 17.34 23.97
CA GLY A 12 -6.84 17.30 23.06
C GLY A 12 -7.22 15.88 22.72
N GLU A 13 -7.89 15.21 23.69
CA GLU A 13 -8.49 13.85 23.52
C GLU A 13 -7.41 12.73 23.47
N PRO A 14 -7.68 11.53 24.07
CA PRO A 14 -6.72 10.40 24.10
C PRO A 14 -6.60 9.67 22.74
N GLN A 15 -5.44 9.04 22.52
CA GLN A 15 -5.19 8.20 21.33
C GLN A 15 -6.09 6.94 21.37
N SER A 16 -6.52 6.55 22.58
CA SER A 16 -7.46 5.43 22.82
C SER A 16 -8.76 5.60 22.02
N ASP A 17 -9.30 6.83 22.06
CA ASP A 17 -10.50 7.22 21.31
C ASP A 17 -10.18 7.37 19.81
N ASP A 18 -8.93 7.79 19.52
CA ASP A 18 -8.45 8.05 18.16
C ASP A 18 -8.23 6.73 17.37
N ILE A 19 -8.03 5.59 18.06
CA ILE A 19 -7.70 4.27 17.42
C ILE A 19 -8.75 3.86 16.35
N GLU A 20 -10.05 4.07 16.63
CA GLU A 20 -11.15 3.76 15.70
C GLU A 20 -11.06 4.59 14.40
N ALA A 21 -10.49 5.82 14.51
CA ALA A 21 -10.21 6.69 13.37
C ALA A 21 -8.89 6.30 12.69
N SER A 22 -7.91 5.92 13.53
CA SER A 22 -6.53 5.61 13.11
C SER A 22 -6.47 4.40 12.19
N ARG A 23 -7.30 3.39 12.53
CA ARG A 23 -7.41 2.15 11.74
C ARG A 23 -7.97 2.43 10.34
N MET A 24 -8.88 3.42 10.23
CA MET A 24 -9.51 3.80 8.94
C MET A 24 -8.48 4.57 8.07
N LYS A 25 -7.65 5.40 8.73
CA LYS A 25 -6.56 6.18 8.08
C LYS A 25 -5.53 5.24 7.43
N ARG A 26 -5.06 4.26 8.23
CA ARG A 26 -4.06 3.28 7.80
C ARG A 26 -4.68 2.18 6.92
N ALA A 27 -6.03 2.00 6.98
CA ALA A 27 -6.76 1.09 6.06
C ALA A 27 -6.81 1.68 4.65
N ALA A 28 -7.02 3.01 4.58
CA ALA A 28 -7.01 3.77 3.31
C ALA A 28 -5.58 3.79 2.72
N ALA A 29 -4.60 3.97 3.63
CA ALA A 29 -3.16 3.88 3.29
C ALA A 29 -2.81 2.48 2.80
N LYS A 30 -3.33 1.45 3.52
CA LYS A 30 -3.10 0.01 3.22
C LYS A 30 -3.65 -0.36 1.84
N HIS A 31 -4.82 0.17 1.50
CA HIS A 31 -5.49 -0.12 0.22
C HIS A 31 -4.68 0.49 -0.96
N LEU A 32 -3.98 1.60 -0.68
CA LEU A 32 -3.08 2.27 -1.64
C LEU A 32 -1.73 1.51 -1.72
N ILE A 33 -1.31 0.95 -0.55
CA ILE A 33 -0.08 0.15 -0.40
C ILE A 33 -0.19 -1.17 -1.19
N GLU A 34 -1.39 -1.78 -1.19
CA GLU A 34 -1.66 -3.06 -1.89
C GLU A 34 -1.48 -2.93 -3.40
N ARG A 35 -1.76 -1.73 -3.95
CA ARG A 35 -1.52 -1.40 -5.37
C ARG A 35 -0.03 -1.58 -5.72
N TYR A 36 0.85 -1.08 -4.83
CA TYR A 36 2.31 -1.25 -4.98
C TYR A 36 2.70 -2.71 -4.74
N TYR A 37 2.20 -3.29 -3.62
CA TYR A 37 2.54 -4.67 -3.17
C TYR A 37 2.38 -5.70 -4.30
N HIS A 38 1.19 -5.72 -4.94
CA HIS A 38 0.86 -6.75 -5.95
C HIS A 38 1.68 -6.48 -7.21
N GLN A 39 1.97 -5.19 -7.45
CA GLN A 39 2.80 -4.74 -8.57
C GLN A 39 4.25 -5.27 -8.44
N LEU A 40 4.71 -5.44 -7.19
CA LEU A 40 6.10 -5.84 -6.87
C LEU A 40 6.35 -7.35 -7.01
N THR A 41 5.29 -8.18 -6.88
CA THR A 41 5.42 -9.66 -6.84
C THR A 41 4.49 -10.36 -7.86
N GLU A 42 3.20 -9.96 -7.93
CA GLU A 42 2.23 -10.50 -8.92
C GLU A 42 2.38 -9.81 -10.30
N GLY A 43 2.79 -8.53 -10.27
CA GLY A 43 2.87 -7.69 -11.47
C GLY A 43 1.69 -6.74 -11.65
N CYS A 44 1.52 -6.25 -12.88
CA CYS A 44 0.49 -5.24 -13.25
C CYS A 44 -0.27 -5.70 -14.52
N GLY A 45 0.44 -6.43 -15.43
CA GLY A 45 -0.12 -6.83 -16.74
C GLY A 45 -0.12 -5.68 -17.76
N ASN A 46 0.96 -4.88 -17.76
CA ASN A 46 1.09 -3.66 -18.60
C ASN A 46 2.40 -3.76 -19.42
N GLU A 47 2.39 -3.24 -20.66
CA GLU A 47 3.57 -3.29 -21.57
C GLU A 47 4.57 -2.17 -21.21
N ALA A 48 4.05 -0.99 -20.83
CA ALA A 48 4.85 0.19 -20.42
C ALA A 48 5.11 0.15 -18.89
N CYS A 49 5.14 -1.08 -18.35
CA CYS A 49 5.35 -1.38 -16.92
C CYS A 49 6.77 -1.02 -16.45
N THR A 50 7.66 -0.65 -17.40
CA THR A 50 9.04 -0.23 -17.12
C THR A 50 9.09 0.98 -16.15
N ASN A 51 9.07 0.65 -14.85
CA ASN A 51 9.37 1.60 -13.76
C ASN A 51 10.28 0.95 -12.73
N GLU A 52 10.79 1.78 -11.80
CA GLU A 52 11.82 1.41 -10.80
C GLU A 52 11.43 0.19 -9.93
N PHE A 53 10.16 0.12 -9.54
CA PHE A 53 9.65 -0.90 -8.60
C PHE A 53 8.42 -1.59 -9.20
N CYS A 54 8.64 -2.81 -9.71
CA CYS A 54 7.61 -3.62 -10.40
C CYS A 54 8.04 -5.08 -10.55
N ALA A 55 7.11 -5.90 -11.10
CA ALA A 55 7.34 -7.32 -11.43
C ALA A 55 7.17 -7.57 -12.93
N SER A 56 6.08 -7.01 -13.52
CA SER A 56 5.79 -7.12 -14.99
C SER A 56 6.66 -6.19 -15.84
N CYS A 57 7.75 -5.67 -15.25
CA CYS A 57 8.73 -4.85 -15.93
C CYS A 57 9.43 -5.67 -17.06
N PRO A 58 9.77 -5.02 -18.23
CA PRO A 58 10.57 -5.65 -19.31
C PRO A 58 11.86 -6.31 -18.80
N THR A 59 12.47 -5.65 -17.80
CA THR A 59 13.72 -6.09 -17.18
C THR A 59 13.52 -7.36 -16.32
N PHE A 60 12.24 -7.65 -15.98
CA PHE A 60 11.79 -8.92 -15.37
C PHE A 60 12.45 -9.15 -13.99
N LEU A 61 12.60 -8.05 -13.22
CA LEU A 61 13.20 -8.06 -11.89
C LEU A 61 12.11 -7.76 -10.84
N ARG A 62 11.79 -8.77 -10.02
CA ARG A 62 10.71 -8.68 -9.00
C ARG A 62 11.24 -9.16 -7.63
N MET A 63 10.35 -9.15 -6.63
CA MET A 63 10.64 -9.60 -5.26
C MET A 63 9.59 -10.61 -4.81
N ASP A 64 9.82 -11.19 -3.64
CA ASP A 64 8.84 -12.08 -2.96
C ASP A 64 7.74 -11.25 -2.32
N ASN A 65 6.61 -11.90 -1.97
CA ASN A 65 5.46 -11.25 -1.31
C ASN A 65 5.86 -10.59 0.03
N ASN A 66 6.84 -11.22 0.70
CA ASN A 66 7.37 -10.76 2.00
C ASN A 66 8.06 -9.40 1.83
N ALA A 67 9.03 -9.39 0.89
CA ALA A 67 9.80 -8.21 0.52
C ALA A 67 8.90 -7.11 -0.09
N ALA A 68 7.84 -7.54 -0.77
CA ALA A 68 6.90 -6.63 -1.47
C ALA A 68 5.99 -5.90 -0.49
N ALA A 69 5.58 -6.59 0.58
CA ALA A 69 4.69 -6.05 1.63
C ALA A 69 5.37 -4.86 2.32
N ILE A 70 6.62 -5.08 2.76
CA ILE A 70 7.41 -4.08 3.50
C ILE A 70 7.94 -2.96 2.58
N LYS A 71 8.21 -3.29 1.31
CA LYS A 71 8.70 -2.30 0.32
C LYS A 71 7.55 -1.35 -0.07
N ALA A 72 6.33 -1.89 -0.17
CA ALA A 72 5.11 -1.13 -0.55
C ALA A 72 4.77 -0.06 0.50
N LEU A 73 5.17 -0.31 1.76
CA LEU A 73 5.08 0.68 2.87
C LEU A 73 5.98 1.91 2.57
N GLU A 74 7.19 1.62 2.07
CA GLU A 74 8.18 2.64 1.69
C GLU A 74 7.77 3.36 0.39
N LEU A 75 7.13 2.62 -0.51
CA LEU A 75 6.65 3.16 -1.80
C LEU A 75 5.42 4.04 -1.59
N TYR A 76 4.74 3.85 -0.45
CA TYR A 76 3.66 4.72 0.00
C TYR A 76 4.23 6.07 0.47
N LYS A 77 5.29 6.02 1.30
CA LYS A 77 5.86 7.21 1.97
C LYS A 77 6.57 8.14 0.94
N ILE A 78 7.16 7.55 -0.12
CA ILE A 78 7.87 8.31 -1.18
C ILE A 78 6.95 8.56 -2.39
N ASN A 79 5.84 7.78 -2.47
CA ASN A 79 4.92 7.76 -3.64
C ASN A 79 5.69 7.35 -4.92
N ALA A 80 6.01 6.04 -5.02
CA ALA A 80 6.77 5.46 -6.15
C ALA A 80 5.90 5.38 -7.42
N LYS A 81 6.50 4.89 -8.52
CA LYS A 81 5.78 4.73 -9.79
C LYS A 81 4.89 3.49 -9.75
N LEU A 82 3.70 3.64 -10.34
CA LEU A 82 2.60 2.69 -10.20
C LEU A 82 1.85 2.60 -11.53
N CYS A 83 1.71 1.37 -12.07
CA CYS A 83 0.99 1.12 -13.34
C CYS A 83 -0.51 0.86 -13.07
N ASP A 84 -0.96 1.21 -11.85
CA ASP A 84 -2.35 1.06 -11.41
C ASP A 84 -2.72 2.29 -10.52
N PRO A 85 -2.56 3.57 -11.01
CA PRO A 85 -2.93 4.77 -10.24
C PRO A 85 -4.35 5.29 -10.57
N HIS A 86 -5.09 5.71 -9.54
CA HIS A 86 -6.39 6.38 -9.72
C HIS A 86 -6.74 7.25 -8.47
N PRO A 87 -6.00 8.39 -8.27
CA PRO A 87 -6.31 9.38 -7.21
C PRO A 87 -7.37 10.41 -7.70
ZN ZN B . 4.26 -2.17 -13.27
N GLY A 1 13.60 1.71 18.72
CA GLY A 1 14.01 0.60 19.63
C GLY A 1 13.08 -0.61 19.54
N SER A 2 13.27 -1.60 20.45
CA SER A 2 12.48 -2.85 20.48
C SER A 2 12.49 -3.43 21.91
N HIS A 3 12.41 -2.54 22.93
CA HIS A 3 12.33 -2.92 24.34
C HIS A 3 10.96 -3.57 24.64
N MET A 4 10.89 -4.90 24.48
CA MET A 4 9.69 -5.70 24.78
C MET A 4 9.69 -6.06 26.27
N ALA A 5 8.60 -5.73 26.97
CA ALA A 5 8.44 -5.96 28.43
C ALA A 5 7.19 -6.81 28.70
N THR A 6 7.28 -7.74 29.67
CA THR A 6 6.19 -8.67 30.03
C THR A 6 6.27 -8.99 31.54
N ALA A 7 5.38 -8.33 32.31
CA ALA A 7 5.21 -8.57 33.76
C ALA A 7 3.77 -8.18 34.13
N CYS A 8 2.93 -9.20 34.45
CA CYS A 8 1.50 -9.00 34.72
C CYS A 8 1.29 -8.29 36.07
N LYS A 9 1.10 -6.96 36.00
CA LYS A 9 1.10 -6.08 37.19
C LYS A 9 0.40 -4.74 36.84
N ARG A 10 0.00 -3.98 37.87
CA ARG A 10 -0.65 -2.65 37.73
C ARG A 10 0.24 -1.68 36.90
N SER A 11 -0.18 -1.45 35.66
CA SER A 11 0.56 -0.65 34.66
C SER A 11 -0.39 0.28 33.88
N GLY A 12 0.16 0.98 32.85
CA GLY A 12 -0.65 1.81 31.94
C GLY A 12 -1.27 0.99 30.82
N GLU A 13 -2.03 -0.07 31.19
CA GLU A 13 -2.76 -0.98 30.25
C GLU A 13 -1.76 -1.81 29.36
N PRO A 14 -2.25 -2.87 28.61
CA PRO A 14 -1.41 -3.58 27.58
C PRO A 14 -1.11 -2.71 26.34
N GLN A 15 0.10 -2.90 25.75
CA GLN A 15 0.46 -2.36 24.43
C GLN A 15 -0.31 -3.13 23.34
N SER A 16 -1.57 -2.73 23.19
CA SER A 16 -2.58 -3.39 22.33
C SER A 16 -3.69 -2.36 22.02
N ASP A 17 -3.95 -1.50 23.02
CA ASP A 17 -4.91 -0.39 22.94
C ASP A 17 -4.57 0.59 21.79
N ASP A 18 -3.26 0.68 21.47
CA ASP A 18 -2.71 1.47 20.36
C ASP A 18 -3.10 0.85 19.02
N ILE A 19 -2.91 -0.48 18.95
CA ILE A 19 -2.87 -1.24 17.70
C ILE A 19 -4.21 -1.19 16.96
N GLU A 20 -5.31 -1.39 17.70
CA GLU A 20 -6.69 -1.34 17.17
C GLU A 20 -7.00 0.01 16.50
N ALA A 21 -6.40 1.09 17.02
CA ALA A 21 -6.55 2.45 16.49
C ALA A 21 -5.58 2.70 15.32
N SER A 22 -4.35 2.17 15.48
CA SER A 22 -3.25 2.40 14.53
C SER A 22 -3.48 1.67 13.19
N ARG A 23 -4.27 0.58 13.21
CA ARG A 23 -4.69 -0.13 11.99
C ARG A 23 -5.78 0.66 11.24
N MET A 24 -6.62 1.40 11.98
CA MET A 24 -7.69 2.21 11.39
C MET A 24 -7.10 3.41 10.61
N LYS A 25 -6.07 4.06 11.21
CA LYS A 25 -5.40 5.23 10.58
C LYS A 25 -4.57 4.80 9.35
N ARG A 26 -3.97 3.60 9.41
CA ARG A 26 -3.14 3.05 8.31
C ARG A 26 -4.00 2.42 7.22
N ALA A 27 -5.28 2.07 7.54
CA ALA A 27 -6.23 1.44 6.61
C ALA A 27 -6.43 2.26 5.32
N ALA A 28 -6.51 3.59 5.48
CA ALA A 28 -6.60 4.54 4.34
C ALA A 28 -5.35 4.45 3.46
N ALA A 29 -4.17 4.42 4.12
CA ALA A 29 -2.87 4.26 3.48
C ALA A 29 -2.74 2.90 2.79
N LYS A 30 -3.30 1.85 3.45
CA LYS A 30 -3.18 0.43 3.05
C LYS A 30 -3.85 0.17 1.70
N HIS A 31 -4.99 0.84 1.47
CA HIS A 31 -5.73 0.75 0.19
C HIS A 31 -4.85 1.15 -1.01
N LEU A 32 -3.97 2.15 -0.78
CA LEU A 32 -3.04 2.68 -1.81
C LEU A 32 -1.75 1.83 -1.84
N ILE A 33 -1.32 1.37 -0.64
CA ILE A 33 -0.13 0.50 -0.45
C ILE A 33 -0.30 -0.84 -1.19
N GLU A 34 -1.55 -1.34 -1.23
CA GLU A 34 -1.91 -2.62 -1.89
C GLU A 34 -1.57 -2.61 -3.38
N ARG A 35 -1.78 -1.45 -4.03
CA ARG A 35 -1.54 -1.30 -5.49
C ARG A 35 -0.05 -1.49 -5.80
N TYR A 36 0.81 -0.95 -4.91
CA TYR A 36 2.28 -1.12 -4.99
C TYR A 36 2.68 -2.56 -4.64
N TYR A 37 2.08 -3.10 -3.56
CA TYR A 37 2.31 -4.50 -3.07
C TYR A 37 2.12 -5.52 -4.21
N HIS A 38 1.01 -5.34 -4.96
CA HIS A 38 0.65 -6.22 -6.08
C HIS A 38 1.65 -6.01 -7.21
N GLN A 39 1.96 -4.73 -7.48
CA GLN A 39 2.93 -4.32 -8.51
C GLN A 39 4.31 -4.97 -8.34
N LEU A 40 4.71 -5.18 -7.08
CA LEU A 40 6.07 -5.66 -6.75
C LEU A 40 6.23 -7.18 -6.93
N THR A 41 5.17 -7.95 -6.67
CA THR A 41 5.26 -9.43 -6.69
C THR A 41 4.43 -10.06 -7.83
N GLU A 42 3.22 -9.52 -8.07
CA GLU A 42 2.36 -9.92 -9.20
C GLU A 42 2.85 -9.18 -10.47
N GLY A 43 2.85 -7.83 -10.40
CA GLY A 43 3.31 -6.98 -11.50
C GLY A 43 2.31 -5.93 -11.92
N CYS A 44 1.38 -6.36 -12.77
CA CYS A 44 0.31 -5.53 -13.41
C CYS A 44 -0.26 -6.30 -14.62
N GLY A 45 0.60 -7.17 -15.22
CA GLY A 45 0.25 -7.94 -16.42
C GLY A 45 0.09 -7.06 -17.65
N ASN A 46 1.11 -6.23 -17.94
CA ASN A 46 1.07 -5.24 -19.03
C ASN A 46 2.33 -5.42 -19.90
N GLU A 47 2.16 -5.30 -21.23
CA GLU A 47 3.28 -5.43 -22.18
C GLU A 47 4.18 -4.17 -22.14
N ALA A 48 3.55 -2.97 -22.05
CA ALA A 48 4.26 -1.68 -21.98
C ALA A 48 4.41 -1.26 -20.51
N CYS A 49 4.84 -2.23 -19.69
CA CYS A 49 4.98 -2.10 -18.23
C CYS A 49 6.03 -1.08 -17.74
N THR A 50 6.86 -0.52 -18.66
CA THR A 50 8.17 0.10 -18.34
C THR A 50 8.14 1.04 -17.11
N ASN A 51 8.41 0.44 -15.94
CA ASN A 51 8.51 1.12 -14.64
C ASN A 51 9.80 0.65 -13.94
N GLU A 52 10.39 1.53 -13.11
CA GLU A 52 11.66 1.28 -12.41
C GLU A 52 11.55 0.11 -11.41
N PHE A 53 10.36 -0.05 -10.81
CA PHE A 53 10.14 -1.01 -9.72
C PHE A 53 8.76 -1.68 -9.87
N CYS A 54 8.78 -2.94 -10.37
CA CYS A 54 7.57 -3.75 -10.68
C CYS A 54 7.97 -5.19 -10.99
N ALA A 55 6.98 -6.11 -11.09
CA ALA A 55 7.23 -7.54 -11.34
C ALA A 55 7.02 -7.91 -12.81
N SER A 56 6.07 -7.20 -13.46
CA SER A 56 5.71 -7.39 -14.88
C SER A 56 6.63 -6.57 -15.81
N CYS A 57 7.70 -5.95 -15.22
CA CYS A 57 8.64 -5.09 -15.96
C CYS A 57 9.39 -5.89 -17.04
N PRO A 58 9.67 -5.29 -18.25
CA PRO A 58 10.43 -5.97 -19.34
C PRO A 58 11.90 -6.28 -18.96
N THR A 59 12.35 -5.71 -17.82
CA THR A 59 13.68 -5.98 -17.24
C THR A 59 13.70 -7.32 -16.47
N PHE A 60 12.50 -7.92 -16.25
CA PHE A 60 12.31 -9.26 -15.64
C PHE A 60 12.72 -9.28 -14.15
N LEU A 61 12.40 -8.18 -13.44
CA LEU A 61 12.69 -8.01 -11.99
C LEU A 61 11.41 -8.18 -11.18
N ARG A 62 11.51 -8.73 -9.94
CA ARG A 62 10.34 -8.94 -9.02
C ARG A 62 10.80 -9.32 -7.60
N MET A 63 9.81 -9.58 -6.72
CA MET A 63 10.04 -10.01 -5.32
C MET A 63 8.91 -10.96 -4.87
N ASP A 64 9.06 -11.47 -3.64
CA ASP A 64 8.03 -12.30 -2.96
C ASP A 64 6.96 -11.39 -2.33
N ASN A 65 5.83 -11.99 -1.90
CA ASN A 65 4.69 -11.24 -1.32
C ASN A 65 5.05 -10.61 0.04
N ASN A 66 5.79 -11.37 0.89
CA ASN A 66 6.24 -10.88 2.22
C ASN A 66 7.21 -9.69 2.04
N ALA A 67 8.07 -9.81 1.02
CA ALA A 67 9.02 -8.75 0.62
C ALA A 67 8.30 -7.53 0.02
N ALA A 68 7.19 -7.79 -0.68
CA ALA A 68 6.39 -6.75 -1.35
C ALA A 68 5.55 -5.95 -0.37
N ALA A 69 5.09 -6.62 0.70
CA ALA A 69 4.27 -6.00 1.76
C ALA A 69 5.06 -4.92 2.51
N ILE A 70 6.25 -5.30 2.99
CA ILE A 70 7.16 -4.39 3.73
C ILE A 70 7.73 -3.28 2.82
N LYS A 71 7.94 -3.61 1.52
CA LYS A 71 8.53 -2.69 0.55
C LYS A 71 7.50 -1.63 0.11
N ALA A 72 6.22 -2.04 -0.03
CA ALA A 72 5.12 -1.15 -0.44
C ALA A 72 4.85 -0.08 0.62
N LEU A 73 5.14 -0.43 1.89
CA LEU A 73 5.14 0.53 3.03
C LEU A 73 6.20 1.62 2.79
N GLU A 74 7.40 1.17 2.36
CA GLU A 74 8.55 2.06 2.11
C GLU A 74 8.40 2.85 0.81
N LEU A 75 7.63 2.33 -0.16
CA LEU A 75 7.36 3.01 -1.44
C LEU A 75 6.27 4.06 -1.29
N TYR A 76 5.36 3.83 -0.35
CA TYR A 76 4.28 4.75 -0.02
C TYR A 76 4.85 6.07 0.52
N LYS A 77 5.80 5.93 1.48
CA LYS A 77 6.37 7.07 2.22
C LYS A 77 7.37 7.89 1.39
N ILE A 78 8.07 7.24 0.42
CA ILE A 78 9.04 7.93 -0.47
C ILE A 78 8.34 8.38 -1.77
N ASN A 79 7.11 7.85 -2.01
CA ASN A 79 6.30 8.15 -3.22
C ASN A 79 6.99 7.59 -4.50
N ALA A 80 6.91 6.26 -4.66
CA ALA A 80 7.42 5.56 -5.86
C ALA A 80 6.42 5.62 -7.01
N LYS A 81 6.80 5.06 -8.17
CA LYS A 81 5.95 5.05 -9.37
C LYS A 81 5.05 3.81 -9.38
N LEU A 82 3.78 4.01 -9.76
CA LEU A 82 2.76 2.96 -9.81
C LEU A 82 2.32 2.73 -11.27
N CYS A 83 2.33 1.45 -11.70
CA CYS A 83 1.87 1.05 -13.04
C CYS A 83 0.37 1.29 -13.20
N ASP A 84 -0.41 0.85 -12.18
CA ASP A 84 -1.87 0.81 -12.22
C ASP A 84 -2.43 2.23 -12.01
N PRO A 85 -2.91 2.91 -13.11
CA PRO A 85 -3.30 4.33 -13.06
C PRO A 85 -4.73 4.53 -12.50
N HIS A 86 -5.10 5.81 -12.32
CA HIS A 86 -6.43 6.25 -11.82
C HIS A 86 -6.68 5.81 -10.36
N PRO A 87 -6.65 6.75 -9.36
CA PRO A 87 -6.94 6.43 -7.93
C PRO A 87 -8.40 5.91 -7.73
ZN ZN B . 4.27 -3.10 -14.24
N GLY A 1 -20.95 7.67 -4.71
CA GLY A 1 -20.94 7.48 -3.25
C GLY A 1 -21.00 8.81 -2.52
N SER A 2 -20.34 8.88 -1.34
CA SER A 2 -20.27 10.10 -0.52
C SER A 2 -18.90 10.17 0.18
N HIS A 3 -18.29 11.37 0.19
CA HIS A 3 -17.03 11.66 0.92
C HIS A 3 -17.35 12.61 2.10
N MET A 4 -16.30 13.23 2.69
CA MET A 4 -16.46 14.22 3.77
C MET A 4 -17.10 15.51 3.21
N ALA A 5 -18.40 15.70 3.52
CA ALA A 5 -19.19 16.87 3.09
C ALA A 5 -19.40 17.82 4.28
N THR A 6 -18.89 19.05 4.16
CA THR A 6 -19.02 20.08 5.21
C THR A 6 -18.98 21.48 4.59
N ALA A 7 -19.38 22.50 5.37
CA ALA A 7 -19.41 23.91 4.95
C ALA A 7 -18.75 24.77 6.02
N CYS A 8 -17.67 25.49 5.62
CA CYS A 8 -16.89 26.42 6.48
C CYS A 8 -16.13 25.67 7.60
N LYS A 9 -15.29 26.40 8.34
CA LYS A 9 -14.50 25.87 9.47
C LYS A 9 -14.52 26.84 10.65
N ARG A 10 -13.73 26.56 11.71
CA ARG A 10 -13.74 27.30 12.99
C ARG A 10 -15.13 27.22 13.65
N SER A 11 -15.33 26.12 14.37
CA SER A 11 -16.63 25.75 14.98
C SER A 11 -16.37 25.22 16.40
N GLY A 12 -17.28 24.38 16.92
CA GLY A 12 -17.07 23.69 18.20
C GLY A 12 -16.24 22.42 18.07
N GLU A 13 -16.11 21.90 16.82
CA GLU A 13 -15.47 20.61 16.48
C GLU A 13 -16.17 19.43 17.20
N PRO A 14 -16.97 18.58 16.46
CA PRO A 14 -17.55 17.33 17.01
C PRO A 14 -16.44 16.43 17.59
N GLN A 15 -16.74 15.73 18.69
CA GLN A 15 -15.78 14.85 19.38
C GLN A 15 -15.31 13.73 18.41
N SER A 16 -14.02 13.82 18.03
CA SER A 16 -13.34 12.88 17.13
C SER A 16 -13.87 13.00 15.67
N ASP A 17 -14.15 14.25 15.23
CA ASP A 17 -14.75 14.55 13.89
C ASP A 17 -13.80 14.18 12.74
N ASP A 18 -12.52 14.51 12.91
CA ASP A 18 -11.47 14.19 11.93
C ASP A 18 -10.99 12.76 12.13
N ILE A 19 -10.94 12.32 13.40
CA ILE A 19 -10.43 10.98 13.81
C ILE A 19 -11.24 9.83 13.16
N GLU A 20 -12.58 9.96 13.20
CA GLU A 20 -13.50 8.95 12.62
C GLU A 20 -13.28 8.77 11.11
N ALA A 21 -12.84 9.86 10.45
CA ALA A 21 -12.49 9.88 9.03
C ALA A 21 -11.04 9.40 8.80
N SER A 22 -10.14 9.82 9.73
CA SER A 22 -8.68 9.64 9.58
C SER A 22 -8.27 8.16 9.69
N ARG A 23 -9.01 7.40 10.53
CA ARG A 23 -8.82 5.93 10.65
C ARG A 23 -9.19 5.22 9.34
N MET A 24 -10.20 5.77 8.63
CA MET A 24 -10.67 5.24 7.34
C MET A 24 -9.70 5.65 6.21
N LYS A 25 -8.99 6.78 6.42
CA LYS A 25 -7.90 7.24 5.52
C LYS A 25 -6.66 6.33 5.67
N ARG A 26 -6.48 5.76 6.89
CA ARG A 26 -5.44 4.76 7.18
C ARG A 26 -5.78 3.40 6.52
N ALA A 27 -7.09 3.10 6.41
CA ALA A 27 -7.61 1.92 5.69
C ALA A 27 -7.47 2.11 4.16
N ALA A 28 -7.65 3.36 3.72
CA ALA A 28 -7.48 3.77 2.31
C ALA A 28 -5.98 3.83 1.96
N ALA A 29 -5.15 4.12 2.97
CA ALA A 29 -3.68 4.07 2.88
C ALA A 29 -3.24 2.65 2.58
N LYS A 30 -3.76 1.70 3.39
CA LYS A 30 -3.58 0.25 3.22
C LYS A 30 -4.03 -0.20 1.80
N HIS A 31 -5.19 0.30 1.34
CA HIS A 31 -5.76 -0.03 0.01
C HIS A 31 -4.80 0.39 -1.14
N LEU A 32 -4.10 1.51 -0.94
CA LEU A 32 -3.15 2.06 -1.93
C LEU A 32 -1.81 1.28 -1.87
N ILE A 33 -1.43 0.89 -0.64
CA ILE A 33 -0.22 0.07 -0.35
C ILE A 33 -0.31 -1.29 -1.09
N GLU A 34 -1.53 -1.88 -1.14
CA GLU A 34 -1.77 -3.19 -1.78
C GLU A 34 -1.55 -3.14 -3.30
N ARG A 35 -1.64 -1.94 -3.90
CA ARG A 35 -1.33 -1.72 -5.33
C ARG A 35 0.18 -1.77 -5.59
N TYR A 36 0.97 -1.27 -4.61
CA TYR A 36 2.45 -1.38 -4.67
C TYR A 36 2.86 -2.85 -4.48
N TYR A 37 2.31 -3.52 -3.43
CA TYR A 37 2.51 -4.96 -3.16
C TYR A 37 2.22 -5.79 -4.42
N HIS A 38 1.08 -5.47 -5.06
CA HIS A 38 0.63 -6.09 -6.31
C HIS A 38 1.71 -5.87 -7.36
N GLN A 39 2.10 -4.61 -7.54
CA GLN A 39 3.06 -4.17 -8.57
C GLN A 39 4.43 -4.88 -8.43
N LEU A 40 4.86 -5.09 -7.18
CA LEU A 40 6.22 -5.55 -6.83
C LEU A 40 6.41 -7.06 -7.02
N THR A 41 5.37 -7.86 -6.77
CA THR A 41 5.49 -9.35 -6.80
C THR A 41 4.43 -10.01 -7.71
N GLU A 42 3.18 -9.50 -7.69
CA GLU A 42 2.05 -10.05 -8.48
C GLU A 42 1.95 -9.42 -9.89
N GLY A 43 2.71 -8.32 -10.12
CA GLY A 43 2.73 -7.63 -11.41
C GLY A 43 1.75 -6.45 -11.51
N CYS A 44 1.46 -6.03 -12.75
CA CYS A 44 0.59 -4.88 -13.05
C CYS A 44 -0.28 -5.20 -14.29
N GLY A 45 0.28 -6.01 -15.22
CA GLY A 45 -0.43 -6.42 -16.44
C GLY A 45 -0.36 -5.38 -17.55
N ASN A 46 0.78 -4.67 -17.65
CA ASN A 46 0.99 -3.59 -18.65
C ASN A 46 2.30 -3.85 -19.41
N GLU A 47 2.33 -3.48 -20.70
CA GLU A 47 3.53 -3.62 -21.57
C GLU A 47 4.57 -2.54 -21.24
N ALA A 48 4.09 -1.33 -20.91
CA ALA A 48 4.92 -0.15 -20.54
C ALA A 48 5.13 -0.11 -19.01
N CYS A 49 5.24 -1.31 -18.41
CA CYS A 49 5.34 -1.53 -16.96
C CYS A 49 6.71 -1.14 -16.39
N THR A 50 7.68 -0.85 -17.29
CA THR A 50 9.09 -0.61 -16.95
C THR A 50 9.25 0.46 -15.82
N ASN A 51 9.31 -0.06 -14.58
CA ASN A 51 9.50 0.73 -13.36
C ASN A 51 10.63 0.07 -12.54
N GLU A 52 11.38 0.91 -11.80
CA GLU A 52 12.51 0.49 -10.94
C GLU A 52 12.06 -0.45 -9.82
N PHE A 53 10.74 -0.44 -9.55
CA PHE A 53 10.08 -1.25 -8.54
C PHE A 53 8.82 -1.90 -9.14
N CYS A 54 8.97 -3.15 -9.67
CA CYS A 54 7.86 -3.88 -10.32
C CYS A 54 8.16 -5.39 -10.44
N ALA A 55 7.14 -6.14 -10.97
CA ALA A 55 7.20 -7.58 -11.28
C ALA A 55 6.90 -7.81 -12.76
N SER A 56 5.92 -7.04 -13.27
CA SER A 56 5.46 -7.08 -14.68
C SER A 56 6.44 -6.32 -15.61
N CYS A 57 7.64 -5.95 -15.09
CA CYS A 57 8.72 -5.32 -15.87
C CYS A 57 9.07 -6.16 -17.10
N PRO A 58 9.36 -5.51 -18.28
CA PRO A 58 9.85 -6.22 -19.50
C PRO A 58 11.20 -6.96 -19.25
N THR A 59 11.93 -6.54 -18.21
CA THR A 59 13.17 -7.20 -17.74
C THR A 59 12.88 -8.57 -17.07
N PHE A 60 11.61 -8.80 -16.72
CA PHE A 60 11.11 -10.05 -16.07
C PHE A 60 11.75 -10.21 -14.67
N LEU A 61 11.86 -9.08 -13.96
CA LEU A 61 12.45 -9.00 -12.61
C LEU A 61 11.37 -8.64 -11.58
N ARG A 62 11.45 -9.30 -10.41
CA ARG A 62 10.47 -9.16 -9.31
C ARG A 62 11.11 -9.53 -7.96
N MET A 63 10.27 -9.52 -6.91
CA MET A 63 10.67 -9.83 -5.52
C MET A 63 9.66 -10.79 -4.89
N ASP A 64 9.98 -11.23 -3.66
CA ASP A 64 9.10 -12.09 -2.85
C ASP A 64 7.86 -11.31 -2.40
N ASN A 65 6.82 -12.06 -1.96
CA ASN A 65 5.57 -11.48 -1.41
C ASN A 65 5.88 -10.68 -0.12
N ASN A 66 6.77 -11.25 0.71
CA ASN A 66 7.23 -10.62 1.97
C ASN A 66 8.03 -9.34 1.67
N ALA A 67 8.93 -9.45 0.67
CA ALA A 67 9.79 -8.35 0.21
C ALA A 67 8.96 -7.20 -0.40
N ALA A 68 7.81 -7.58 -0.99
CA ALA A 68 6.88 -6.63 -1.62
C ALA A 68 6.01 -5.91 -0.60
N ALA A 69 5.61 -6.64 0.47
CA ALA A 69 4.71 -6.11 1.51
C ALA A 69 5.37 -4.96 2.31
N ILE A 70 6.66 -5.16 2.69
CA ILE A 70 7.45 -4.14 3.40
C ILE A 70 7.81 -2.96 2.48
N LYS A 71 8.12 -3.28 1.21
CA LYS A 71 8.52 -2.25 0.22
C LYS A 71 7.31 -1.43 -0.22
N ALA A 72 6.11 -2.03 -0.13
CA ALA A 72 4.83 -1.36 -0.47
C ALA A 72 4.55 -0.17 0.46
N LEU A 73 4.98 -0.35 1.72
CA LEU A 73 4.91 0.69 2.77
C LEU A 73 5.88 1.85 2.42
N GLU A 74 7.10 1.46 2.01
CA GLU A 74 8.20 2.40 1.69
C GLU A 74 7.88 3.23 0.44
N LEU A 75 7.26 2.57 -0.56
CA LEU A 75 6.90 3.22 -1.82
C LEU A 75 5.67 4.10 -1.66
N TYR A 76 4.85 3.79 -0.64
CA TYR A 76 3.69 4.61 -0.28
C TYR A 76 4.16 5.98 0.26
N LYS A 77 5.16 5.97 1.17
CA LYS A 77 5.64 7.18 1.87
C LYS A 77 6.55 8.05 0.98
N ILE A 78 7.17 7.48 -0.07
CA ILE A 78 7.98 8.27 -1.05
C ILE A 78 7.23 8.46 -2.39
N ASN A 79 5.99 7.89 -2.46
CA ASN A 79 5.10 7.98 -3.65
C ASN A 79 5.82 7.54 -4.94
N ALA A 80 6.09 6.23 -5.05
CA ALA A 80 6.79 5.63 -6.22
C ALA A 80 5.88 5.59 -7.45
N LYS A 81 6.47 5.17 -8.58
CA LYS A 81 5.72 4.96 -9.83
C LYS A 81 4.78 3.76 -9.66
N LEU A 82 3.58 3.91 -10.21
CA LEU A 82 2.51 2.93 -10.07
C LEU A 82 1.83 2.77 -11.43
N CYS A 83 2.06 1.63 -12.08
CA CYS A 83 1.50 1.34 -13.42
C CYS A 83 -0.02 1.22 -13.36
N ASP A 84 -0.51 0.75 -12.19
CA ASP A 84 -1.94 0.53 -11.90
C ASP A 84 -2.71 1.86 -12.10
N PRO A 85 -3.48 2.02 -13.23
CA PRO A 85 -4.16 3.29 -13.56
C PRO A 85 -5.36 3.58 -12.64
N HIS A 86 -5.46 4.83 -12.21
CA HIS A 86 -6.61 5.35 -11.45
C HIS A 86 -6.73 6.89 -11.70
N PRO A 87 -6.93 7.33 -13.00
CA PRO A 87 -7.05 8.77 -13.37
C PRO A 87 -8.43 9.33 -12.92
ZN ZN B . 4.61 -2.16 -13.19
N GLY A 1 11.13 -22.96 20.22
CA GLY A 1 9.68 -23.20 20.45
C GLY A 1 9.06 -22.12 21.31
N SER A 2 7.78 -22.31 21.65
CA SER A 2 7.01 -21.38 22.51
C SER A 2 6.11 -22.19 23.46
N HIS A 3 5.70 -21.58 24.60
CA HIS A 3 4.78 -22.20 25.57
C HIS A 3 3.33 -22.06 25.06
N MET A 4 2.70 -23.21 24.76
CA MET A 4 1.35 -23.29 24.17
C MET A 4 0.28 -23.49 25.27
N ALA A 5 0.68 -23.27 26.54
CA ALA A 5 -0.20 -23.38 27.70
C ALA A 5 -1.25 -22.26 27.73
N THR A 6 -2.41 -22.55 27.12
CA THR A 6 -3.57 -21.66 27.13
C THR A 6 -4.44 -22.01 28.36
N ALA A 7 -4.47 -21.09 29.34
CA ALA A 7 -5.11 -21.32 30.65
C ALA A 7 -6.58 -20.86 30.66
N CYS A 8 -7.49 -21.76 31.03
CA CYS A 8 -8.93 -21.45 31.17
C CYS A 8 -9.18 -20.56 32.42
N LYS A 9 -8.22 -20.61 33.36
CA LYS A 9 -8.20 -19.74 34.56
C LYS A 9 -7.21 -18.58 34.33
N ARG A 10 -7.20 -17.59 35.27
CA ARG A 10 -6.40 -16.36 35.27
C ARG A 10 -6.97 -15.32 34.27
N SER A 11 -7.14 -14.07 34.75
CA SER A 11 -7.60 -12.96 33.92
C SER A 11 -6.39 -12.29 33.25
N GLY A 12 -6.60 -11.81 32.01
CA GLY A 12 -5.55 -11.22 31.21
C GLY A 12 -6.00 -11.04 29.78
N GLU A 13 -6.83 -10.01 29.55
CA GLU A 13 -7.32 -9.64 28.20
C GLU A 13 -6.14 -9.33 27.25
N PRO A 14 -6.26 -9.67 25.92
CA PRO A 14 -5.16 -9.48 24.94
C PRO A 14 -4.78 -7.99 24.80
N GLN A 15 -3.48 -7.70 24.96
CA GLN A 15 -2.94 -6.35 24.91
C GLN A 15 -2.99 -5.78 23.49
N SER A 16 -3.16 -6.70 22.50
CA SER A 16 -3.33 -6.36 21.07
C SER A 16 -4.79 -5.93 20.75
N ASP A 17 -5.59 -5.64 21.79
CA ASP A 17 -6.96 -5.11 21.65
C ASP A 17 -6.97 -3.77 20.89
N ASP A 18 -5.90 -2.98 21.06
CA ASP A 18 -5.73 -1.67 20.38
C ASP A 18 -5.16 -1.86 18.97
N ILE A 19 -4.43 -2.97 18.74
CA ILE A 19 -3.76 -3.27 17.46
C ILE A 19 -4.79 -3.57 16.35
N GLU A 20 -5.85 -4.33 16.69
CA GLU A 20 -6.95 -4.66 15.76
C GLU A 20 -7.74 -3.41 15.34
N ALA A 21 -7.70 -2.36 16.18
CA ALA A 21 -8.26 -1.04 15.85
C ALA A 21 -7.26 -0.21 15.03
N SER A 22 -5.97 -0.33 15.38
CA SER A 22 -4.89 0.50 14.81
C SER A 22 -4.63 0.15 13.34
N ARG A 23 -4.75 -1.13 13.00
CA ARG A 23 -4.62 -1.61 11.62
C ARG A 23 -5.77 -1.06 10.74
N MET A 24 -6.98 -0.99 11.33
CA MET A 24 -8.19 -0.61 10.58
C MET A 24 -8.26 0.89 10.28
N LYS A 25 -7.74 1.72 11.22
CA LYS A 25 -7.71 3.19 11.06
C LYS A 25 -6.64 3.58 10.00
N ARG A 26 -5.61 2.72 9.87
CA ARG A 26 -4.54 2.84 8.85
C ARG A 26 -4.93 2.22 7.50
N ALA A 27 -5.99 1.38 7.49
CA ALA A 27 -6.43 0.59 6.30
C ALA A 27 -6.66 1.43 5.01
N ALA A 28 -6.96 2.74 5.16
CA ALA A 28 -7.05 3.69 4.01
C ALA A 28 -5.72 3.74 3.25
N ALA A 29 -4.62 3.80 4.01
CA ALA A 29 -3.25 3.74 3.47
C ALA A 29 -3.01 2.37 2.84
N LYS A 30 -3.37 1.30 3.60
CA LYS A 30 -3.15 -0.12 3.22
C LYS A 30 -3.71 -0.44 1.81
N HIS A 31 -4.89 0.10 1.49
CA HIS A 31 -5.58 -0.20 0.22
C HIS A 31 -4.76 0.30 -1.00
N LEU A 32 -4.02 1.41 -0.81
CA LEU A 32 -3.14 2.00 -1.85
C LEU A 32 -1.78 1.26 -1.85
N ILE A 33 -1.32 0.94 -0.63
CA ILE A 33 -0.10 0.15 -0.37
C ILE A 33 -0.14 -1.19 -1.13
N GLU A 34 -1.34 -1.81 -1.16
CA GLU A 34 -1.56 -3.11 -1.82
C GLU A 34 -1.32 -3.03 -3.34
N ARG A 35 -1.57 -1.84 -3.94
CA ARG A 35 -1.31 -1.62 -5.37
C ARG A 35 0.19 -1.73 -5.68
N TYR A 36 1.02 -1.16 -4.78
CA TYR A 36 2.49 -1.31 -4.84
C TYR A 36 2.87 -2.77 -4.65
N TYR A 37 2.39 -3.36 -3.53
CA TYR A 37 2.62 -4.77 -3.13
C TYR A 37 2.34 -5.75 -4.29
N HIS A 38 1.28 -5.46 -5.05
CA HIS A 38 0.86 -6.29 -6.19
C HIS A 38 1.86 -6.09 -7.32
N GLN A 39 2.08 -4.82 -7.67
CA GLN A 39 3.04 -4.41 -8.70
C GLN A 39 4.45 -5.04 -8.50
N LEU A 40 4.85 -5.23 -7.22
CA LEU A 40 6.20 -5.70 -6.84
C LEU A 40 6.40 -7.22 -7.02
N THR A 41 5.34 -8.04 -6.83
CA THR A 41 5.47 -9.52 -6.84
C THR A 41 4.43 -10.19 -7.76
N GLU A 42 3.19 -9.68 -7.74
CA GLU A 42 2.06 -10.21 -8.54
C GLU A 42 2.19 -9.78 -10.02
N GLY A 43 2.47 -8.48 -10.23
CA GLY A 43 2.61 -7.91 -11.57
C GLY A 43 1.73 -6.69 -11.80
N CYS A 44 1.55 -6.33 -13.08
CA CYS A 44 0.70 -5.20 -13.51
C CYS A 44 -0.02 -5.56 -14.83
N GLY A 45 0.70 -6.29 -15.72
CA GLY A 45 0.18 -6.67 -17.04
C GLY A 45 -0.02 -5.47 -17.97
N ASN A 46 1.05 -4.65 -18.16
CA ASN A 46 1.00 -3.45 -19.02
C ASN A 46 2.15 -3.48 -20.04
N GLU A 47 1.94 -2.82 -21.18
CA GLU A 47 2.94 -2.69 -22.25
C GLU A 47 4.12 -1.78 -21.83
N ALA A 48 3.81 -0.68 -21.11
CA ALA A 48 4.83 0.27 -20.62
C ALA A 48 4.97 0.12 -19.09
N CYS A 49 5.20 -1.12 -18.65
CA CYS A 49 5.32 -1.48 -17.22
C CYS A 49 6.68 -1.12 -16.64
N THR A 50 7.63 -0.72 -17.52
CA THR A 50 9.03 -0.41 -17.16
C THR A 50 9.13 0.60 -15.99
N ASN A 51 9.18 0.05 -14.78
CA ASN A 51 9.44 0.77 -13.51
C ASN A 51 10.53 0.01 -12.74
N GLU A 52 11.27 0.76 -11.91
CA GLU A 52 12.34 0.20 -11.05
C GLU A 52 11.75 -0.77 -10.02
N PHE A 53 10.54 -0.46 -9.59
CA PHE A 53 9.79 -1.21 -8.60
C PHE A 53 8.60 -1.92 -9.28
N CYS A 54 8.82 -3.15 -9.80
CA CYS A 54 7.78 -3.92 -10.52
C CYS A 54 8.12 -5.42 -10.58
N ALA A 55 7.12 -6.19 -11.09
CA ALA A 55 7.24 -7.64 -11.38
C ALA A 55 7.05 -7.88 -12.87
N SER A 56 6.12 -7.12 -13.44
CA SER A 56 5.72 -7.19 -14.87
C SER A 56 6.65 -6.35 -15.77
N CYS A 57 7.74 -5.79 -15.18
CA CYS A 57 8.73 -4.99 -15.92
C CYS A 57 9.43 -5.85 -16.99
N PRO A 58 9.70 -5.29 -18.23
CA PRO A 58 10.33 -6.06 -19.34
C PRO A 58 11.79 -6.48 -19.03
N THR A 59 12.35 -5.89 -17.96
CA THR A 59 13.70 -6.20 -17.47
C THR A 59 13.76 -7.57 -16.72
N PHE A 60 12.56 -8.16 -16.45
CA PHE A 60 12.40 -9.46 -15.75
C PHE A 60 12.94 -9.35 -14.29
N LEU A 61 12.32 -8.46 -13.52
CA LEU A 61 12.67 -8.19 -12.11
C LEU A 61 11.42 -8.33 -11.24
N ARG A 62 11.55 -8.98 -10.06
CA ARG A 62 10.49 -9.06 -9.04
C ARG A 62 11.07 -9.50 -7.69
N MET A 63 10.18 -9.58 -6.68
CA MET A 63 10.56 -9.89 -5.29
C MET A 63 9.54 -10.84 -4.66
N ASP A 64 9.85 -11.27 -3.43
CA ASP A 64 8.95 -12.10 -2.60
C ASP A 64 7.78 -11.25 -2.06
N ASN A 65 6.70 -11.92 -1.65
CA ASN A 65 5.51 -11.25 -1.05
C ASN A 65 5.88 -10.57 0.29
N ASN A 66 6.81 -11.20 1.05
CA ASN A 66 7.38 -10.60 2.28
C ASN A 66 8.10 -9.27 1.96
N ALA A 67 8.98 -9.33 0.94
CA ALA A 67 9.80 -8.20 0.49
C ALA A 67 8.93 -7.10 -0.14
N ALA A 68 7.82 -7.52 -0.76
CA ALA A 68 6.87 -6.61 -1.43
C ALA A 68 5.99 -5.88 -0.42
N ALA A 69 5.67 -6.56 0.70
CA ALA A 69 4.83 -6.02 1.77
C ALA A 69 5.50 -4.80 2.42
N ILE A 70 6.74 -5.01 2.91
CA ILE A 70 7.53 -3.95 3.56
C ILE A 70 7.90 -2.82 2.59
N LYS A 71 8.18 -3.19 1.31
CA LYS A 71 8.58 -2.22 0.29
C LYS A 71 7.38 -1.39 -0.18
N ALA A 72 6.18 -1.98 -0.11
CA ALA A 72 4.91 -1.30 -0.44
C ALA A 72 4.61 -0.15 0.53
N LEU A 73 5.17 -0.25 1.75
CA LEU A 73 4.99 0.75 2.82
C LEU A 73 5.99 1.88 2.56
N GLU A 74 7.17 1.43 2.11
CA GLU A 74 8.34 2.24 1.83
C GLU A 74 8.18 3.02 0.51
N LEU A 75 7.33 2.50 -0.39
CA LEU A 75 6.96 3.19 -1.63
C LEU A 75 5.81 4.17 -1.39
N TYR A 76 4.93 3.84 -0.42
CA TYR A 76 3.75 4.67 -0.11
C TYR A 76 4.15 6.04 0.46
N LYS A 77 5.13 6.03 1.38
CA LYS A 77 5.65 7.25 2.04
C LYS A 77 6.35 8.19 1.03
N ILE A 78 6.99 7.64 -0.02
CA ILE A 78 7.67 8.45 -1.06
C ILE A 78 6.75 8.69 -2.28
N ASN A 79 5.60 7.98 -2.31
CA ASN A 79 4.63 8.02 -3.42
C ASN A 79 5.32 7.62 -4.74
N ALA A 80 5.81 6.37 -4.79
CA ALA A 80 6.60 5.85 -5.93
C ALA A 80 5.73 5.64 -7.20
N LYS A 81 6.40 5.32 -8.32
CA LYS A 81 5.72 5.08 -9.59
C LYS A 81 4.90 3.78 -9.54
N LEU A 82 3.73 3.83 -10.19
CA LEU A 82 2.72 2.77 -10.11
C LEU A 82 2.01 2.67 -11.46
N CYS A 83 2.02 1.46 -12.06
CA CYS A 83 1.38 1.19 -13.38
C CYS A 83 -0.15 1.14 -13.29
N ASP A 84 -0.71 1.41 -12.10
CA ASP A 84 -2.15 1.37 -11.84
C ASP A 84 -2.63 2.74 -11.30
N PRO A 85 -2.80 3.77 -12.20
CA PRO A 85 -3.34 5.08 -11.83
C PRO A 85 -4.85 5.18 -12.09
N HIS A 86 -5.39 6.41 -12.04
CA HIS A 86 -6.75 6.70 -12.54
C HIS A 86 -6.69 6.87 -14.09
N PRO A 87 -7.36 5.95 -14.87
CA PRO A 87 -7.45 6.00 -16.36
C PRO A 87 -7.78 7.42 -16.89
ZN ZN B . 4.59 -2.32 -13.52
N GLY A 1 -7.94 -7.10 13.84
CA GLY A 1 -8.09 -7.48 12.41
C GLY A 1 -9.18 -6.65 11.75
N SER A 2 -10.09 -7.33 11.03
CA SER A 2 -11.19 -6.66 10.32
C SER A 2 -12.42 -6.49 11.24
N HIS A 3 -12.47 -5.33 11.93
CA HIS A 3 -13.66 -4.89 12.69
C HIS A 3 -13.94 -3.42 12.34
N MET A 4 -14.76 -3.22 11.30
CA MET A 4 -15.22 -1.89 10.88
C MET A 4 -16.36 -1.45 11.82
N ALA A 5 -16.21 -0.25 12.41
CA ALA A 5 -17.24 0.33 13.29
C ALA A 5 -18.42 0.83 12.45
N THR A 6 -19.49 0.04 12.41
CA THR A 6 -20.76 0.44 11.80
C THR A 6 -21.55 1.31 12.79
N ALA A 7 -20.99 2.52 13.03
CA ALA A 7 -21.56 3.51 13.96
C ALA A 7 -22.75 4.21 13.31
N CYS A 8 -23.88 4.28 14.03
CA CYS A 8 -25.06 4.99 13.58
C CYS A 8 -24.81 6.51 13.66
N LYS A 9 -24.26 7.08 12.56
CA LYS A 9 -23.91 8.51 12.48
C LYS A 9 -25.18 9.36 12.21
N ARG A 10 -25.97 9.48 13.28
CA ARG A 10 -27.21 10.27 13.34
C ARG A 10 -27.29 11.01 14.68
N SER A 11 -26.12 11.15 15.29
CA SER A 11 -25.91 11.68 16.63
C SER A 11 -24.41 11.95 16.84
N GLY A 12 -24.08 12.87 17.75
CA GLY A 12 -22.70 13.24 18.05
C GLY A 12 -21.94 12.11 18.72
N GLU A 13 -22.25 11.86 20.03
CA GLU A 13 -21.61 10.82 20.87
C GLU A 13 -20.10 11.16 21.16
N PRO A 14 -19.50 10.64 22.29
CA PRO A 14 -18.07 10.92 22.63
C PRO A 14 -17.09 10.41 21.55
N GLN A 15 -15.88 11.00 21.57
CA GLN A 15 -14.80 10.68 20.61
C GLN A 15 -14.40 9.19 20.66
N SER A 16 -14.73 8.53 21.79
CA SER A 16 -14.51 7.09 22.01
C SER A 16 -15.16 6.25 20.88
N ASP A 17 -16.42 6.60 20.55
CA ASP A 17 -17.20 5.93 19.49
C ASP A 17 -16.62 6.26 18.09
N ASP A 18 -15.90 7.40 18.02
CA ASP A 18 -15.28 7.90 16.78
C ASP A 18 -13.88 7.27 16.56
N ILE A 19 -13.22 6.77 17.64
CA ILE A 19 -11.87 6.16 17.55
C ILE A 19 -11.92 4.89 16.69
N GLU A 20 -12.89 4.03 17.00
CA GLU A 20 -13.14 2.79 16.26
C GLU A 20 -13.63 3.07 14.81
N ALA A 21 -14.16 4.28 14.58
CA ALA A 21 -14.50 4.76 13.22
C ALA A 21 -13.25 5.34 12.52
N SER A 22 -12.33 5.92 13.32
CA SER A 22 -11.11 6.60 12.82
C SER A 22 -10.08 5.58 12.31
N ARG A 23 -9.96 4.44 13.01
CA ARG A 23 -9.01 3.35 12.65
C ARG A 23 -9.27 2.80 11.23
N MET A 24 -10.54 2.90 10.78
CA MET A 24 -10.98 2.36 9.48
C MET A 24 -10.39 3.14 8.29
N LYS A 25 -10.10 4.44 8.50
CA LYS A 25 -9.62 5.36 7.44
C LYS A 25 -8.16 5.03 7.02
N ARG A 26 -7.41 4.36 7.92
CA ARG A 26 -6.01 3.93 7.66
C ARG A 26 -5.98 2.72 6.71
N ALA A 27 -7.10 1.97 6.64
CA ALA A 27 -7.26 0.85 5.70
C ALA A 27 -7.35 1.37 4.24
N ALA A 28 -7.81 2.63 4.07
CA ALA A 28 -7.85 3.32 2.76
C ALA A 28 -6.42 3.68 2.29
N ALA A 29 -5.56 4.05 3.26
CA ALA A 29 -4.13 4.29 3.04
C ALA A 29 -3.42 2.99 2.62
N LYS A 30 -3.77 1.89 3.33
CA LYS A 30 -3.26 0.54 3.03
C LYS A 30 -3.79 0.03 1.67
N HIS A 31 -5.00 0.47 1.27
CA HIS A 31 -5.62 0.03 0.00
C HIS A 31 -4.80 0.50 -1.23
N LEU A 32 -4.06 1.61 -1.07
CA LEU A 32 -3.14 2.14 -2.10
C LEU A 32 -1.79 1.39 -2.01
N ILE A 33 -1.36 1.07 -0.76
CA ILE A 33 -0.18 0.23 -0.47
C ILE A 33 -0.32 -1.16 -1.13
N GLU A 34 -1.57 -1.67 -1.19
CA GLU A 34 -1.89 -2.98 -1.81
C GLU A 34 -1.53 -2.96 -3.31
N ARG A 35 -1.74 -1.81 -3.96
CA ARG A 35 -1.42 -1.62 -5.40
C ARG A 35 0.09 -1.66 -5.64
N TYR A 36 0.88 -1.14 -4.68
CA TYR A 36 2.35 -1.27 -4.70
C TYR A 36 2.76 -2.75 -4.52
N TYR A 37 2.19 -3.43 -3.50
CA TYR A 37 2.46 -4.86 -3.20
C TYR A 37 2.21 -5.74 -4.45
N HIS A 38 1.05 -5.51 -5.09
CA HIS A 38 0.65 -6.24 -6.31
C HIS A 38 1.69 -6.00 -7.40
N GLN A 39 2.01 -4.72 -7.60
CA GLN A 39 2.98 -4.27 -8.61
C GLN A 39 4.35 -4.97 -8.46
N LEU A 40 4.81 -5.12 -7.20
CA LEU A 40 6.18 -5.56 -6.86
C LEU A 40 6.39 -7.08 -6.99
N THR A 41 5.34 -7.88 -6.73
CA THR A 41 5.48 -9.36 -6.72
C THR A 41 4.45 -10.06 -7.65
N GLU A 42 3.18 -9.63 -7.60
CA GLU A 42 2.08 -10.23 -8.39
C GLU A 42 2.14 -9.77 -9.87
N GLY A 43 2.73 -8.58 -10.08
CA GLY A 43 2.79 -7.93 -11.38
C GLY A 43 1.79 -6.80 -11.53
N CYS A 44 1.62 -6.33 -12.78
CA CYS A 44 0.69 -5.26 -13.15
C CYS A 44 -0.14 -5.70 -14.38
N GLY A 45 0.58 -6.25 -15.39
CA GLY A 45 -0.05 -6.81 -16.59
C GLY A 45 -0.19 -5.83 -17.75
N ASN A 46 0.80 -4.91 -17.91
CA ASN A 46 0.83 -3.95 -19.05
C ASN A 46 2.18 -4.04 -19.77
N GLU A 47 2.17 -3.77 -21.08
CA GLU A 47 3.38 -3.79 -21.92
C GLU A 47 4.37 -2.66 -21.53
N ALA A 48 3.84 -1.48 -21.19
CA ALA A 48 4.64 -0.31 -20.75
C ALA A 48 4.83 -0.31 -19.22
N CYS A 49 5.10 -1.51 -18.68
CA CYS A 49 5.30 -1.73 -17.23
C CYS A 49 6.66 -1.24 -16.75
N THR A 50 7.53 -0.78 -17.70
CA THR A 50 8.88 -0.25 -17.39
C THR A 50 8.80 0.85 -16.30
N ASN A 51 8.87 0.37 -15.07
CA ASN A 51 8.67 1.16 -13.85
C ASN A 51 9.81 0.81 -12.89
N GLU A 52 10.27 1.83 -12.15
CA GLU A 52 11.46 1.75 -11.27
C GLU A 52 11.34 0.62 -10.22
N PHE A 53 10.12 0.38 -9.77
CA PHE A 53 9.78 -0.68 -8.81
C PHE A 53 8.61 -1.52 -9.37
N CYS A 54 8.87 -2.79 -9.80
CA CYS A 54 7.82 -3.67 -10.35
C CYS A 54 8.21 -5.17 -10.33
N ALA A 55 7.26 -6.00 -10.81
CA ALA A 55 7.43 -7.44 -11.07
C ALA A 55 7.34 -7.73 -12.58
N SER A 56 6.35 -7.09 -13.23
CA SER A 56 6.07 -7.24 -14.66
C SER A 56 7.01 -6.39 -15.55
N CYS A 57 8.20 -6.03 -15.02
CA CYS A 57 9.19 -5.23 -15.75
C CYS A 57 9.63 -5.97 -17.04
N PRO A 58 9.80 -5.26 -18.20
CA PRO A 58 10.40 -5.86 -19.43
C PRO A 58 11.84 -6.35 -19.20
N THR A 59 12.47 -5.84 -18.13
CA THR A 59 13.81 -6.23 -17.68
C THR A 59 13.77 -7.49 -16.76
N PHE A 60 12.54 -8.01 -16.50
CA PHE A 60 12.28 -9.23 -15.68
C PHE A 60 12.78 -9.07 -14.22
N LEU A 61 12.64 -7.84 -13.69
CA LEU A 61 12.96 -7.53 -12.29
C LEU A 61 11.70 -7.66 -11.43
N ARG A 62 11.83 -8.36 -10.28
CA ARG A 62 10.71 -8.63 -9.35
C ARG A 62 11.24 -8.94 -7.95
N MET A 63 10.30 -9.21 -7.02
CA MET A 63 10.58 -9.64 -5.64
C MET A 63 9.50 -10.61 -5.17
N ASP A 64 9.70 -11.15 -3.97
CA ASP A 64 8.77 -12.09 -3.32
C ASP A 64 7.70 -11.33 -2.51
N ASN A 65 6.67 -12.06 -2.04
CA ASN A 65 5.49 -11.48 -1.35
C ASN A 65 5.88 -10.70 -0.08
N ASN A 66 6.81 -11.27 0.70
CA ASN A 66 7.34 -10.64 1.93
C ASN A 66 8.09 -9.34 1.59
N ALA A 67 9.03 -9.45 0.63
CA ALA A 67 9.86 -8.31 0.15
C ALA A 67 9.01 -7.21 -0.49
N ALA A 68 7.82 -7.58 -0.99
CA ALA A 68 6.90 -6.66 -1.68
C ALA A 68 6.01 -5.93 -0.70
N ALA A 69 5.58 -6.65 0.36
CA ALA A 69 4.68 -6.10 1.39
C ALA A 69 5.40 -5.00 2.19
N ILE A 70 6.64 -5.30 2.60
CA ILE A 70 7.48 -4.37 3.38
C ILE A 70 7.92 -3.17 2.52
N LYS A 71 8.17 -3.41 1.22
CA LYS A 71 8.64 -2.37 0.27
C LYS A 71 7.47 -1.47 -0.16
N ALA A 72 6.25 -2.03 -0.21
CA ALA A 72 5.02 -1.31 -0.57
C ALA A 72 4.73 -0.17 0.41
N LEU A 73 5.03 -0.46 1.70
CA LEU A 73 4.94 0.51 2.80
C LEU A 73 5.95 1.66 2.60
N GLU A 74 7.15 1.29 2.09
CA GLU A 74 8.25 2.24 1.84
C GLU A 74 8.05 3.04 0.55
N LEU A 75 7.25 2.48 -0.38
CA LEU A 75 6.92 3.17 -1.64
C LEU A 75 5.77 4.16 -1.43
N TYR A 76 4.87 3.83 -0.49
CA TYR A 76 3.72 4.68 -0.15
C TYR A 76 4.17 6.02 0.47
N LYS A 77 5.10 5.93 1.44
CA LYS A 77 5.56 7.09 2.22
C LYS A 77 6.28 8.14 1.33
N ILE A 78 6.95 7.67 0.27
CA ILE A 78 7.66 8.54 -0.70
C ILE A 78 6.78 8.86 -1.93
N ASN A 79 5.69 8.07 -2.10
CA ASN A 79 4.83 8.08 -3.31
C ASN A 79 5.69 7.75 -4.55
N ALA A 80 6.03 6.46 -4.68
CA ALA A 80 6.89 5.94 -5.76
C ALA A 80 6.09 5.77 -7.06
N LYS A 81 6.82 5.48 -8.14
CA LYS A 81 6.24 5.24 -9.46
C LYS A 81 5.35 3.98 -9.41
N LEU A 82 4.12 4.10 -9.92
CA LEU A 82 3.08 3.04 -9.80
C LEU A 82 2.36 2.87 -11.15
N CYS A 83 2.32 1.62 -11.68
CA CYS A 83 1.53 1.29 -12.87
C CYS A 83 0.01 1.22 -12.49
N ASP A 84 -0.57 2.39 -12.19
CA ASP A 84 -2.02 2.49 -11.87
C ASP A 84 -2.65 3.76 -12.45
N PRO A 85 -3.15 3.69 -13.72
CA PRO A 85 -4.12 4.64 -14.26
C PRO A 85 -5.55 4.08 -14.08
N HIS A 86 -6.48 4.38 -15.01
CA HIS A 86 -7.83 3.76 -15.04
C HIS A 86 -8.09 3.16 -16.45
N PRO A 87 -7.59 1.89 -16.73
CA PRO A 87 -7.88 1.16 -17.96
C PRO A 87 -9.10 0.20 -17.79
ZN ZN B . 4.54 -2.32 -13.38
N GLY A 1 -21.50 2.02 10.48
CA GLY A 1 -20.74 2.85 9.54
C GLY A 1 -21.59 3.99 8.99
N SER A 2 -20.95 4.95 8.32
CA SER A 2 -21.61 6.13 7.72
C SER A 2 -20.90 6.50 6.40
N HIS A 3 -21.43 5.98 5.27
CA HIS A 3 -20.91 6.30 3.94
C HIS A 3 -21.37 7.72 3.55
N MET A 4 -20.58 8.71 3.97
CA MET A 4 -20.82 10.13 3.70
C MET A 4 -19.48 10.86 3.58
N ALA A 5 -19.48 12.01 2.90
CA ALA A 5 -18.29 12.88 2.79
C ALA A 5 -18.10 13.65 4.10
N THR A 6 -19.19 14.29 4.56
CA THR A 6 -19.25 15.14 5.77
C THR A 6 -20.70 15.18 6.33
N ALA A 7 -20.83 15.66 7.58
CA ALA A 7 -22.14 15.86 8.23
C ALA A 7 -22.05 17.03 9.23
N CYS A 8 -22.20 18.26 8.70
CA CYS A 8 -22.17 19.50 9.49
C CYS A 8 -23.56 19.80 10.10
N LYS A 9 -23.94 18.99 11.10
CA LYS A 9 -25.21 19.13 11.84
C LYS A 9 -24.92 19.44 13.33
N ARG A 10 -25.99 19.47 14.16
CA ARG A 10 -25.87 19.58 15.62
C ARG A 10 -25.10 18.36 16.17
N SER A 11 -23.84 18.60 16.57
CA SER A 11 -22.90 17.53 16.96
C SER A 11 -23.28 16.90 18.31
N GLY A 12 -24.23 15.94 18.25
CA GLY A 12 -24.66 15.13 19.41
C GLY A 12 -24.39 13.65 19.16
N GLU A 13 -23.27 13.39 18.49
CA GLU A 13 -22.84 12.03 18.11
C GLU A 13 -22.08 11.34 19.26
N PRO A 14 -22.06 9.97 19.31
CA PRO A 14 -21.20 9.23 20.26
C PRO A 14 -19.72 9.27 19.82
N GLN A 15 -18.81 9.29 20.81
CA GLN A 15 -17.36 9.31 20.57
C GLN A 15 -16.89 8.00 19.88
N SER A 16 -17.60 6.89 20.19
CA SER A 16 -17.34 5.56 19.62
C SER A 16 -17.60 5.52 18.09
N ASP A 17 -18.51 6.40 17.61
CA ASP A 17 -18.76 6.59 16.16
C ASP A 17 -17.52 7.17 15.46
N ASP A 18 -16.82 8.07 16.17
CA ASP A 18 -15.60 8.71 15.67
C ASP A 18 -14.44 7.71 15.71
N ILE A 19 -14.41 6.87 16.75
CA ILE A 19 -13.34 5.88 16.99
C ILE A 19 -13.34 4.80 15.88
N GLU A 20 -14.55 4.28 15.55
CA GLU A 20 -14.69 3.27 14.49
C GLU A 20 -14.41 3.87 13.10
N ALA A 21 -14.68 5.18 12.94
CA ALA A 21 -14.42 5.91 11.68
C ALA A 21 -12.92 6.29 11.54
N SER A 22 -12.27 6.58 12.68
CA SER A 22 -10.86 7.01 12.74
C SER A 22 -9.90 5.87 12.36
N ARG A 23 -10.14 4.67 12.93
CA ARG A 23 -9.28 3.48 12.70
C ARG A 23 -9.26 3.05 11.21
N MET A 24 -10.35 3.41 10.47
CA MET A 24 -10.51 3.03 9.05
C MET A 24 -9.46 3.71 8.14
N LYS A 25 -8.91 4.84 8.62
CA LYS A 25 -7.92 5.66 7.88
C LYS A 25 -6.62 4.86 7.61
N ARG A 26 -6.32 3.90 8.52
CA ARG A 26 -5.12 3.03 8.43
C ARG A 26 -5.37 1.90 7.40
N ALA A 27 -6.63 1.45 7.34
CA ALA A 27 -7.09 0.40 6.40
C ALA A 27 -7.15 0.95 4.96
N ALA A 28 -7.50 2.24 4.85
CA ALA A 28 -7.51 2.99 3.56
C ALA A 28 -6.07 3.24 3.09
N ALA A 29 -5.16 3.47 4.07
CA ALA A 29 -3.72 3.61 3.82
C ALA A 29 -3.15 2.30 3.26
N LYS A 30 -3.54 1.17 3.89
CA LYS A 30 -3.13 -0.18 3.46
C LYS A 30 -3.73 -0.54 2.09
N HIS A 31 -4.94 -0.04 1.81
CA HIS A 31 -5.64 -0.25 0.51
C HIS A 31 -4.85 0.39 -0.66
N LEU A 32 -4.08 1.46 -0.34
CA LEU A 32 -3.18 2.15 -1.28
C LEU A 32 -1.85 1.37 -1.39
N ILE A 33 -1.34 0.90 -0.23
CA ILE A 33 -0.11 0.07 -0.11
C ILE A 33 -0.23 -1.22 -0.94
N GLU A 34 -1.43 -1.83 -0.94
CA GLU A 34 -1.73 -3.08 -1.67
C GLU A 34 -1.53 -2.93 -3.18
N ARG A 35 -1.79 -1.71 -3.70
CA ARG A 35 -1.60 -1.41 -5.14
C ARG A 35 -0.11 -1.57 -5.52
N TYR A 36 0.77 -1.11 -4.61
CA TYR A 36 2.23 -1.26 -4.76
C TYR A 36 2.66 -2.73 -4.59
N TYR A 37 2.17 -3.40 -3.53
CA TYR A 37 2.55 -4.80 -3.19
C TYR A 37 2.22 -5.77 -4.34
N HIS A 38 1.02 -5.58 -4.92
CA HIS A 38 0.52 -6.43 -6.02
C HIS A 38 1.30 -6.11 -7.30
N GLN A 39 1.76 -4.86 -7.43
CA GLN A 39 2.62 -4.42 -8.54
C GLN A 39 4.02 -5.06 -8.42
N LEU A 40 4.46 -5.34 -7.19
CA LEU A 40 5.82 -5.83 -6.91
C LEU A 40 5.95 -7.36 -7.09
N THR A 41 4.85 -8.11 -6.91
CA THR A 41 4.89 -9.60 -7.01
C THR A 41 4.03 -10.12 -8.18
N GLU A 42 2.73 -9.76 -8.17
CA GLU A 42 1.77 -10.16 -9.22
C GLU A 42 2.07 -9.41 -10.54
N GLY A 43 2.56 -8.18 -10.41
CA GLY A 43 2.77 -7.27 -11.52
C GLY A 43 1.54 -6.42 -11.79
N CYS A 44 1.19 -6.28 -13.06
CA CYS A 44 0.09 -5.41 -13.52
C CYS A 44 -0.39 -5.85 -14.93
N GLY A 45 0.53 -6.41 -15.75
CA GLY A 45 0.24 -6.92 -17.09
C GLY A 45 0.17 -5.80 -18.13
N ASN A 46 1.21 -4.94 -18.16
CA ASN A 46 1.31 -3.83 -19.13
C ASN A 46 2.58 -4.00 -19.98
N GLU A 47 2.53 -3.50 -21.22
CA GLU A 47 3.64 -3.58 -22.19
C GLU A 47 4.77 -2.60 -21.83
N ALA A 48 4.40 -1.41 -21.32
CA ALA A 48 5.36 -0.33 -20.97
C ALA A 48 5.66 -0.33 -19.45
N CYS A 49 5.74 -1.54 -18.86
CA CYS A 49 5.94 -1.73 -17.41
C CYS A 49 7.38 -1.46 -16.92
N THR A 50 8.34 -1.19 -17.83
CA THR A 50 9.70 -0.74 -17.45
C THR A 50 9.60 0.54 -16.55
N ASN A 51 9.56 0.30 -15.23
CA ASN A 51 9.30 1.30 -14.20
C ASN A 51 10.36 1.19 -13.11
N GLU A 52 10.32 2.15 -12.16
CA GLU A 52 11.06 2.06 -10.90
C GLU A 52 10.75 0.73 -10.19
N PHE A 53 9.44 0.40 -10.12
CA PHE A 53 8.93 -0.77 -9.38
C PHE A 53 7.78 -1.44 -10.16
N CYS A 54 8.04 -2.67 -10.64
CA CYS A 54 7.06 -3.56 -11.31
C CYS A 54 7.62 -4.99 -11.34
N ALA A 55 6.73 -6.00 -11.20
CA ALA A 55 7.06 -7.41 -11.44
C ALA A 55 6.80 -7.72 -12.91
N SER A 56 5.79 -7.01 -13.45
CA SER A 56 5.38 -7.02 -14.86
C SER A 56 6.42 -6.38 -15.80
N CYS A 57 7.56 -5.91 -15.23
CA CYS A 57 8.69 -5.32 -15.99
C CYS A 57 9.23 -6.34 -17.02
N PRO A 58 9.60 -5.90 -18.26
CA PRO A 58 10.19 -6.80 -19.31
C PRO A 58 11.58 -7.36 -18.92
N THR A 59 12.16 -6.80 -17.83
CA THR A 59 13.42 -7.27 -17.25
C THR A 59 13.22 -8.53 -16.37
N PHE A 60 11.94 -8.90 -16.13
CA PHE A 60 11.54 -10.13 -15.40
C PHE A 60 12.07 -10.11 -13.94
N LEU A 61 11.94 -8.94 -13.30
CA LEU A 61 12.39 -8.72 -11.91
C LEU A 61 11.19 -8.63 -10.97
N ARG A 62 11.16 -9.54 -9.99
CA ARG A 62 10.06 -9.66 -9.01
C ARG A 62 10.66 -9.89 -7.61
N MET A 63 9.85 -9.63 -6.58
CA MET A 63 10.29 -9.71 -5.17
C MET A 63 9.58 -10.89 -4.47
N ASP A 64 10.06 -11.20 -3.25
CA ASP A 64 9.38 -12.17 -2.35
C ASP A 64 8.11 -11.51 -1.77
N ASN A 65 7.22 -12.33 -1.17
CA ASN A 65 6.00 -11.84 -0.50
C ASN A 65 6.37 -10.89 0.66
N ASN A 66 7.41 -11.27 1.44
CA ASN A 66 7.94 -10.44 2.55
C ASN A 66 8.62 -9.17 2.01
N ALA A 67 9.51 -9.37 1.02
CA ALA A 67 10.35 -8.29 0.44
C ALA A 67 9.51 -7.20 -0.26
N ALA A 68 8.37 -7.61 -0.81
CA ALA A 68 7.45 -6.71 -1.52
C ALA A 68 6.51 -5.99 -0.54
N ALA A 69 6.03 -6.71 0.49
CA ALA A 69 5.16 -6.16 1.55
C ALA A 69 5.81 -4.97 2.24
N ILE A 70 7.05 -5.19 2.74
CA ILE A 70 7.84 -4.16 3.45
C ILE A 70 8.20 -2.99 2.51
N LYS A 71 8.42 -3.31 1.22
CA LYS A 71 8.77 -2.31 0.21
C LYS A 71 7.54 -1.46 -0.15
N ALA A 72 6.35 -2.08 -0.17
CA ALA A 72 5.08 -1.41 -0.51
C ALA A 72 4.71 -0.37 0.55
N LEU A 73 5.06 -0.70 1.81
CA LEU A 73 4.98 0.22 2.95
C LEU A 73 5.85 1.47 2.71
N GLU A 74 7.05 1.23 2.15
CA GLU A 74 8.02 2.30 1.83
C GLU A 74 7.53 3.15 0.65
N LEU A 75 6.98 2.49 -0.39
CA LEU A 75 6.55 3.15 -1.64
C LEU A 75 5.36 4.08 -1.40
N TYR A 76 4.57 3.72 -0.38
CA TYR A 76 3.48 4.55 0.14
C TYR A 76 4.03 5.88 0.69
N LYS A 77 5.10 5.79 1.51
CA LYS A 77 5.76 6.95 2.14
C LYS A 77 6.37 7.87 1.08
N ILE A 78 7.21 7.26 0.23
CA ILE A 78 8.13 7.97 -0.66
C ILE A 78 7.47 8.33 -2.01
N ASN A 79 6.27 7.75 -2.27
CA ASN A 79 5.46 7.99 -3.49
C ASN A 79 6.21 7.48 -4.73
N ALA A 80 6.22 6.14 -4.91
CA ALA A 80 6.76 5.50 -6.12
C ALA A 80 5.68 5.53 -7.23
N LYS A 81 6.13 5.37 -8.48
CA LYS A 81 5.24 5.36 -9.65
C LYS A 81 4.48 4.03 -9.71
N LEU A 82 3.20 4.13 -10.05
CA LEU A 82 2.22 3.04 -9.93
C LEU A 82 1.43 2.93 -11.24
N CYS A 83 1.16 1.68 -11.67
CA CYS A 83 0.32 1.40 -12.85
C CYS A 83 -1.17 1.48 -12.48
N ASP A 84 -1.58 2.68 -12.03
CA ASP A 84 -2.97 2.99 -11.64
C ASP A 84 -3.11 4.53 -11.59
N PRO A 85 -3.27 5.19 -12.78
CA PRO A 85 -3.45 6.67 -12.85
C PRO A 85 -4.92 7.11 -12.75
N HIS A 86 -5.11 8.44 -12.57
CA HIS A 86 -6.44 9.07 -12.57
C HIS A 86 -6.30 10.52 -13.11
N PRO A 87 -6.16 10.70 -14.46
CA PRO A 87 -6.12 12.04 -15.09
C PRO A 87 -7.56 12.65 -15.18
ZN ZN B . 3.49 -2.08 -14.03
N GLY A 1 -2.34 32.23 -5.59
CA GLY A 1 -1.08 32.30 -4.81
C GLY A 1 -1.35 32.71 -3.38
N SER A 2 -1.65 31.72 -2.52
CA SER A 2 -1.90 31.95 -1.09
C SER A 2 -0.59 32.34 -0.36
N HIS A 3 -0.62 33.45 0.39
CA HIS A 3 0.57 33.99 1.07
C HIS A 3 1.06 33.03 2.18
N MET A 4 2.18 32.33 1.91
CA MET A 4 2.79 31.39 2.85
C MET A 4 3.50 32.15 4.00
N ALA A 5 2.79 32.27 5.13
CA ALA A 5 3.28 32.92 6.36
C ALA A 5 2.39 32.49 7.54
N THR A 6 2.86 31.52 8.32
CA THR A 6 2.18 31.07 9.53
C THR A 6 2.51 32.02 10.70
N ALA A 7 1.53 32.87 11.06
CA ALA A 7 1.68 33.94 12.07
C ALA A 7 1.79 33.36 13.49
N CYS A 8 2.14 34.24 14.45
CA CYS A 8 2.20 33.89 15.88
C CYS A 8 0.78 33.70 16.44
N LYS A 9 0.28 32.46 16.36
CA LYS A 9 -1.01 32.04 16.94
C LYS A 9 -0.76 30.87 17.91
N ARG A 10 -1.82 30.11 18.27
CA ARG A 10 -1.69 28.93 19.17
C ARG A 10 -0.87 27.80 18.49
N SER A 11 -0.53 26.75 19.26
CA SER A 11 0.36 25.66 18.80
C SER A 11 -0.41 24.59 17.98
N GLY A 12 -1.37 25.04 17.15
CA GLY A 12 -2.19 24.17 16.31
C GLY A 12 -3.10 23.26 17.10
N GLU A 13 -3.50 23.74 18.32
CA GLU A 13 -4.31 22.96 19.30
C GLU A 13 -3.52 21.73 19.84
N PRO A 14 -3.97 21.09 20.99
CA PRO A 14 -3.34 19.85 21.49
C PRO A 14 -3.41 18.72 20.43
N GLN A 15 -2.26 18.04 20.20
CA GLN A 15 -2.12 16.97 19.18
C GLN A 15 -3.00 15.74 19.51
N SER A 16 -3.57 15.71 20.75
CA SER A 16 -4.60 14.73 21.16
C SER A 16 -5.82 14.79 20.21
N ASP A 17 -6.14 16.01 19.73
CA ASP A 17 -7.15 16.25 18.69
C ASP A 17 -6.81 15.48 17.40
N ASP A 18 -5.54 15.61 16.97
CA ASP A 18 -5.07 15.06 15.68
C ASP A 18 -5.00 13.52 15.70
N ILE A 19 -4.88 12.93 16.92
CA ILE A 19 -4.72 11.46 17.12
C ILE A 19 -5.83 10.63 16.44
N GLU A 20 -7.09 11.10 16.52
CA GLU A 20 -8.24 10.41 15.90
C GLU A 20 -8.17 10.44 14.35
N ALA A 21 -7.52 11.46 13.78
CA ALA A 21 -7.26 11.55 12.33
C ALA A 21 -6.01 10.75 11.94
N SER A 22 -5.04 10.70 12.88
CA SER A 22 -3.72 10.09 12.67
C SER A 22 -3.81 8.55 12.61
N ARG A 23 -4.85 8.00 13.24
CA ARG A 23 -5.15 6.55 13.20
C ARG A 23 -5.94 6.18 11.93
N MET A 24 -6.89 7.06 11.53
CA MET A 24 -7.80 6.78 10.39
C MET A 24 -7.05 6.83 9.06
N LYS A 25 -6.06 7.75 8.97
CA LYS A 25 -5.29 8.01 7.75
C LYS A 25 -4.50 6.76 7.30
N ARG A 26 -4.23 5.85 8.27
CA ARG A 26 -3.48 4.60 8.04
C ARG A 26 -4.30 3.58 7.24
N ALA A 27 -5.65 3.73 7.26
CA ALA A 27 -6.57 2.92 6.45
C ALA A 27 -6.48 3.31 4.96
N ALA A 28 -6.56 4.63 4.70
CA ALA A 28 -6.39 5.21 3.34
C ALA A 28 -4.96 4.98 2.82
N ALA A 29 -3.99 5.00 3.75
CA ALA A 29 -2.58 4.71 3.50
C ALA A 29 -2.40 3.27 3.02
N LYS A 30 -3.03 2.34 3.78
CA LYS A 30 -2.98 0.90 3.50
C LYS A 30 -3.57 0.58 2.12
N HIS A 31 -4.70 1.23 1.78
CA HIS A 31 -5.39 1.05 0.48
C HIS A 31 -4.43 1.35 -0.70
N LEU A 32 -3.58 2.37 -0.51
CA LEU A 32 -2.61 2.83 -1.50
C LEU A 32 -1.38 1.88 -1.53
N ILE A 33 -1.00 1.38 -0.33
CA ILE A 33 0.10 0.40 -0.13
C ILE A 33 -0.19 -0.92 -0.87
N GLU A 34 -1.46 -1.35 -0.86
CA GLU A 34 -1.93 -2.60 -1.51
C GLU A 34 -1.66 -2.57 -3.02
N ARG A 35 -1.74 -1.36 -3.60
CA ARG A 35 -1.53 -1.16 -5.05
C ARG A 35 -0.06 -1.40 -5.41
N TYR A 36 0.85 -0.95 -4.53
CA TYR A 36 2.29 -1.20 -4.65
C TYR A 36 2.61 -2.70 -4.45
N TYR A 37 1.98 -3.30 -3.42
CA TYR A 37 2.20 -4.71 -3.04
C TYR A 37 2.00 -5.66 -4.23
N HIS A 38 0.82 -5.57 -4.90
CA HIS A 38 0.48 -6.44 -6.03
C HIS A 38 1.35 -6.12 -7.23
N GLN A 39 1.82 -4.86 -7.30
CA GLN A 39 2.69 -4.39 -8.38
C GLN A 39 4.09 -5.03 -8.28
N LEU A 40 4.56 -5.23 -7.06
CA LEU A 40 5.95 -5.66 -6.79
C LEU A 40 6.16 -7.17 -7.01
N THR A 41 5.14 -7.99 -6.70
CA THR A 41 5.27 -9.46 -6.75
C THR A 41 4.47 -10.08 -7.93
N GLU A 42 3.28 -9.51 -8.24
CA GLU A 42 2.43 -9.97 -9.38
C GLU A 42 2.72 -9.15 -10.64
N GLY A 43 2.85 -7.82 -10.46
CA GLY A 43 3.07 -6.89 -11.54
C GLY A 43 1.83 -6.10 -11.90
N CYS A 44 1.35 -6.30 -13.13
CA CYS A 44 0.23 -5.53 -13.70
C CYS A 44 -0.23 -6.17 -15.02
N GLY A 45 0.73 -6.58 -15.87
CA GLY A 45 0.45 -7.26 -17.14
C GLY A 45 0.34 -6.29 -18.30
N ASN A 46 1.39 -5.46 -18.48
CA ASN A 46 1.47 -4.47 -19.59
C ASN A 46 2.81 -4.63 -20.31
N GLU A 47 2.82 -4.40 -21.64
CA GLU A 47 4.04 -4.44 -22.46
C GLU A 47 4.90 -3.19 -22.22
N ALA A 48 4.25 -2.03 -22.07
CA ALA A 48 4.91 -0.73 -21.82
C ALA A 48 5.02 -0.46 -20.31
N CYS A 49 5.33 -1.53 -19.55
CA CYS A 49 5.33 -1.52 -18.10
C CYS A 49 6.49 -0.77 -17.46
N THR A 50 7.54 -0.41 -18.25
CA THR A 50 8.89 -0.01 -17.75
C THR A 50 8.80 1.02 -16.58
N ASN A 51 8.80 0.46 -15.35
CA ASN A 51 8.57 1.21 -14.11
C ASN A 51 9.81 1.12 -13.20
N GLU A 52 9.82 2.01 -12.19
CA GLU A 52 10.83 2.06 -11.11
C GLU A 52 10.90 0.70 -10.39
N PHE A 53 9.73 0.24 -9.94
CA PHE A 53 9.58 -0.99 -9.14
C PHE A 53 8.26 -1.69 -9.51
N CYS A 54 8.36 -2.86 -10.20
CA CYS A 54 7.20 -3.67 -10.65
C CYS A 54 7.68 -5.03 -11.16
N ALA A 55 6.81 -6.04 -11.08
CA ALA A 55 7.12 -7.42 -11.46
C ALA A 55 6.94 -7.65 -12.96
N SER A 56 6.00 -6.88 -13.54
CA SER A 56 5.61 -6.95 -14.96
C SER A 56 6.60 -6.19 -15.86
N CYS A 57 7.63 -5.54 -15.26
CA CYS A 57 8.66 -4.77 -15.99
C CYS A 57 9.39 -5.68 -17.00
N PRO A 58 9.80 -5.14 -18.22
CA PRO A 58 10.51 -5.93 -19.27
C PRO A 58 11.90 -6.42 -18.80
N THR A 59 12.37 -5.88 -17.66
CA THR A 59 13.62 -6.26 -16.99
C THR A 59 13.54 -7.67 -16.36
N PHE A 60 12.29 -8.15 -16.15
CA PHE A 60 11.97 -9.51 -15.62
C PHE A 60 12.43 -9.65 -14.14
N LEU A 61 12.31 -8.55 -13.40
CA LEU A 61 12.67 -8.49 -11.97
C LEU A 61 11.42 -8.27 -11.11
N ARG A 62 11.34 -9.05 -10.02
CA ARG A 62 10.24 -9.01 -9.04
C ARG A 62 10.75 -9.43 -7.66
N MET A 63 9.83 -9.63 -6.72
CA MET A 63 10.14 -10.00 -5.33
C MET A 63 9.09 -10.97 -4.78
N ASP A 64 9.36 -11.45 -3.56
CA ASP A 64 8.45 -12.35 -2.80
C ASP A 64 7.27 -11.54 -2.26
N ASN A 65 6.25 -12.24 -1.72
CA ASN A 65 5.04 -11.60 -1.17
C ASN A 65 5.37 -10.77 0.09
N ASN A 66 6.20 -11.35 0.99
CA ASN A 66 6.71 -10.65 2.18
C ASN A 66 7.55 -9.44 1.76
N ALA A 67 8.46 -9.69 0.80
CA ALA A 67 9.37 -8.66 0.24
C ALA A 67 8.61 -7.53 -0.48
N ALA A 68 7.40 -7.84 -0.94
CA ALA A 68 6.53 -6.89 -1.65
C ALA A 68 5.73 -6.05 -0.66
N ALA A 69 5.26 -6.69 0.42
CA ALA A 69 4.48 -6.03 1.49
C ALA A 69 5.32 -4.97 2.21
N ILE A 70 6.55 -5.38 2.61
CA ILE A 70 7.49 -4.52 3.34
C ILE A 70 7.99 -3.36 2.46
N LYS A 71 8.15 -3.62 1.14
CA LYS A 71 8.61 -2.60 0.18
C LYS A 71 7.45 -1.67 -0.24
N ALA A 72 6.21 -2.18 -0.17
CA ALA A 72 4.98 -1.40 -0.46
C ALA A 72 4.79 -0.28 0.58
N LEU A 73 5.16 -0.61 1.84
CA LEU A 73 5.24 0.36 2.94
C LEU A 73 6.22 1.49 2.59
N GLU A 74 7.41 1.09 2.10
CA GLU A 74 8.50 2.01 1.72
C GLU A 74 8.10 2.92 0.56
N LEU A 75 7.43 2.32 -0.45
CA LEU A 75 7.01 3.03 -1.67
C LEU A 75 5.92 4.05 -1.37
N TYR A 76 5.14 3.80 -0.30
CA TYR A 76 4.12 4.74 0.18
C TYR A 76 4.78 6.04 0.71
N LYS A 77 5.79 5.88 1.59
CA LYS A 77 6.48 7.01 2.26
C LYS A 77 7.12 7.96 1.24
N ILE A 78 7.71 7.35 0.21
CA ILE A 78 8.50 8.05 -0.82
C ILE A 78 7.63 8.44 -2.03
N ASN A 79 6.39 7.89 -2.08
CA ASN A 79 5.43 8.06 -3.20
C ASN A 79 6.07 7.65 -4.54
N ALA A 80 6.20 6.32 -4.73
CA ALA A 80 6.81 5.72 -5.92
C ALA A 80 5.83 5.71 -7.10
N LYS A 81 6.37 5.49 -8.31
CA LYS A 81 5.56 5.39 -9.51
C LYS A 81 4.75 4.08 -9.49
N LEU A 82 3.48 4.20 -9.84
CA LEU A 82 2.50 3.12 -9.75
C LEU A 82 1.93 2.87 -11.16
N CYS A 83 2.08 1.62 -11.66
CA CYS A 83 1.50 1.20 -12.95
C CYS A 83 -0.03 1.28 -12.91
N ASP A 84 -0.58 0.99 -11.72
CA ASP A 84 -2.02 0.85 -11.47
C ASP A 84 -2.63 2.27 -11.36
N PRO A 85 -3.21 2.82 -12.48
CA PRO A 85 -3.54 4.25 -12.58
C PRO A 85 -4.91 4.61 -11.99
N HIS A 86 -5.20 5.93 -12.00
CA HIS A 86 -6.47 6.53 -11.55
C HIS A 86 -6.84 6.10 -10.11
N PRO A 87 -6.15 6.66 -9.07
CA PRO A 87 -6.51 6.44 -7.64
C PRO A 87 -7.91 7.03 -7.30
ZN ZN B . 4.05 -2.81 -14.26
N GLY A 1 0.21 23.52 -9.47
CA GLY A 1 -0.29 23.19 -8.11
C GLY A 1 -0.29 21.70 -7.83
N SER A 2 -0.85 21.32 -6.68
CA SER A 2 -0.94 19.92 -6.23
C SER A 2 -2.21 19.74 -5.35
N HIS A 3 -2.36 18.55 -4.72
CA HIS A 3 -3.53 18.26 -3.87
C HIS A 3 -3.44 19.08 -2.57
N MET A 4 -4.23 20.17 -2.50
CA MET A 4 -4.30 21.03 -1.31
C MET A 4 -5.25 20.44 -0.25
N ALA A 5 -4.67 19.55 0.58
CA ALA A 5 -5.39 18.94 1.72
C ALA A 5 -5.45 19.95 2.88
N THR A 6 -6.45 20.84 2.82
CA THR A 6 -6.66 21.90 3.81
C THR A 6 -7.32 21.32 5.08
N ALA A 7 -6.54 21.26 6.18
CA ALA A 7 -7.02 20.75 7.48
C ALA A 7 -7.88 21.83 8.17
N CYS A 8 -9.17 21.51 8.38
CA CYS A 8 -10.13 22.43 9.03
C CYS A 8 -9.88 22.49 10.54
N LYS A 9 -9.95 23.72 11.11
CA LYS A 9 -9.69 23.95 12.54
C LYS A 9 -10.91 23.50 13.39
N ARG A 10 -10.62 22.97 14.58
CA ARG A 10 -11.66 22.48 15.52
C ARG A 10 -12.01 23.57 16.55
N SER A 11 -13.31 23.63 16.94
CA SER A 11 -13.85 24.74 17.75
C SER A 11 -13.53 24.53 19.25
N GLY A 12 -14.21 23.56 19.86
CA GLY A 12 -13.99 23.21 21.28
C GLY A 12 -13.84 21.71 21.49
N GLU A 13 -13.49 21.00 20.39
CA GLU A 13 -13.28 19.56 20.40
C GLU A 13 -11.99 19.21 21.20
N PRO A 14 -12.04 18.18 22.11
CA PRO A 14 -10.92 17.85 23.04
C PRO A 14 -9.70 17.21 22.32
N GLN A 15 -8.77 16.63 23.11
CA GLN A 15 -7.52 16.04 22.59
C GLN A 15 -7.77 14.74 21.79
N SER A 16 -8.97 14.15 21.94
CA SER A 16 -9.36 12.91 21.21
C SER A 16 -10.07 13.23 19.88
N ASP A 17 -10.04 14.50 19.44
CA ASP A 17 -10.78 14.99 18.26
C ASP A 17 -10.35 14.27 16.96
N ASP A 18 -9.04 14.23 16.74
CA ASP A 18 -8.46 13.74 15.48
C ASP A 18 -7.90 12.32 15.65
N ILE A 19 -7.76 11.84 16.91
CA ILE A 19 -7.21 10.49 17.22
C ILE A 19 -8.00 9.38 16.50
N GLU A 20 -9.33 9.50 16.54
CA GLU A 20 -10.25 8.57 15.88
C GLU A 20 -10.14 8.63 14.35
N ALA A 21 -9.70 9.79 13.81
CA ALA A 21 -9.41 9.97 12.38
C ALA A 21 -7.96 9.55 12.02
N SER A 22 -7.06 9.60 13.03
CA SER A 22 -5.61 9.31 12.85
C SER A 22 -5.40 7.81 12.61
N ARG A 23 -6.15 6.98 13.34
CA ARG A 23 -6.11 5.51 13.20
C ARG A 23 -6.64 5.06 11.82
N MET A 24 -7.50 5.90 11.21
CA MET A 24 -8.13 5.59 9.90
C MET A 24 -7.09 5.59 8.77
N LYS A 25 -6.06 6.45 8.91
CA LYS A 25 -5.03 6.69 7.87
C LYS A 25 -4.21 5.42 7.56
N ARG A 26 -4.19 4.48 8.52
CA ARG A 26 -3.46 3.20 8.38
C ARG A 26 -4.13 2.32 7.30
N ALA A 27 -5.47 2.29 7.32
CA ALA A 27 -6.29 1.56 6.33
C ALA A 27 -6.30 2.32 4.99
N ALA A 28 -6.40 3.65 5.07
CA ALA A 28 -6.41 4.55 3.89
C ALA A 28 -5.07 4.49 3.14
N ALA A 29 -3.98 4.28 3.89
CA ALA A 29 -2.65 4.08 3.34
C ALA A 29 -2.56 2.68 2.74
N LYS A 30 -3.08 1.68 3.48
CA LYS A 30 -2.99 0.25 3.13
C LYS A 30 -3.61 -0.06 1.77
N HIS A 31 -4.77 0.56 1.47
CA HIS A 31 -5.48 0.34 0.19
C HIS A 31 -4.66 0.85 -1.03
N LEU A 32 -3.79 1.85 -0.78
CA LEU A 32 -2.86 2.41 -1.78
C LEU A 32 -1.57 1.54 -1.82
N ILE A 33 -1.22 0.99 -0.64
CA ILE A 33 -0.07 0.08 -0.44
C ILE A 33 -0.32 -1.30 -1.10
N GLU A 34 -1.61 -1.69 -1.19
CA GLU A 34 -2.04 -2.95 -1.88
C GLU A 34 -1.65 -2.89 -3.37
N ARG A 35 -1.81 -1.70 -3.95
CA ARG A 35 -1.52 -1.46 -5.38
C ARG A 35 -0.03 -1.67 -5.67
N TYR A 36 0.83 -1.18 -4.75
CA TYR A 36 2.28 -1.38 -4.83
C TYR A 36 2.65 -2.85 -4.61
N TYR A 37 2.21 -3.43 -3.48
CA TYR A 37 2.49 -4.85 -3.10
C TYR A 37 2.16 -5.83 -4.25
N HIS A 38 1.03 -5.57 -4.94
CA HIS A 38 0.61 -6.35 -6.12
C HIS A 38 1.63 -6.14 -7.25
N GLN A 39 1.92 -4.88 -7.56
CA GLN A 39 2.89 -4.48 -8.60
C GLN A 39 4.26 -5.18 -8.45
N LEU A 40 4.66 -5.41 -7.18
CA LEU A 40 6.01 -5.88 -6.82
C LEU A 40 6.22 -7.39 -7.01
N THR A 41 5.16 -8.19 -6.77
CA THR A 41 5.29 -9.67 -6.71
C THR A 41 4.23 -10.38 -7.57
N GLU A 42 2.98 -9.87 -7.53
CA GLU A 42 1.85 -10.45 -8.30
C GLU A 42 2.01 -10.09 -9.79
N GLY A 43 2.08 -8.77 -10.05
CA GLY A 43 2.23 -8.24 -11.40
C GLY A 43 1.42 -6.98 -11.62
N CYS A 44 1.39 -6.54 -12.90
CA CYS A 44 0.73 -5.31 -13.37
C CYS A 44 0.96 -5.19 -14.89
N GLY A 45 0.56 -6.28 -15.59
CA GLY A 45 0.52 -6.44 -17.05
C GLY A 45 0.19 -5.19 -17.84
N ASN A 46 1.23 -4.38 -18.03
CA ASN A 46 1.16 -3.13 -18.78
C ASN A 46 2.24 -3.12 -19.86
N GLU A 47 1.99 -2.35 -20.94
CA GLU A 47 2.96 -2.14 -22.02
C GLU A 47 4.19 -1.36 -21.50
N ALA A 48 3.93 -0.33 -20.67
CA ALA A 48 4.98 0.49 -20.04
C ALA A 48 5.05 0.16 -18.54
N CYS A 49 5.55 -1.03 -18.26
CA CYS A 49 5.68 -1.58 -16.90
C CYS A 49 7.09 -1.36 -16.33
N THR A 50 8.06 -0.95 -17.20
CA THR A 50 9.44 -0.66 -16.75
C THR A 50 9.49 0.62 -15.89
N ASN A 51 9.28 0.43 -14.60
CA ASN A 51 9.44 1.48 -13.57
C ASN A 51 10.27 0.92 -12.40
N GLU A 52 10.57 1.80 -11.43
CA GLU A 52 11.63 1.60 -10.40
C GLU A 52 11.52 0.24 -9.68
N PHE A 53 10.28 -0.20 -9.43
CA PHE A 53 9.97 -1.45 -8.73
C PHE A 53 8.69 -2.08 -9.35
N CYS A 54 8.82 -3.31 -9.87
CA CYS A 54 7.72 -4.03 -10.57
C CYS A 54 8.00 -5.55 -10.62
N ALA A 55 6.96 -6.31 -11.05
CA ALA A 55 7.04 -7.75 -11.33
C ALA A 55 6.88 -8.01 -12.83
N SER A 56 5.82 -7.39 -13.40
CA SER A 56 5.43 -7.52 -14.83
C SER A 56 6.37 -6.74 -15.80
N CYS A 57 7.47 -6.17 -15.26
CA CYS A 57 8.43 -5.37 -16.04
C CYS A 57 9.07 -6.19 -17.20
N PRO A 58 9.44 -5.56 -18.36
CA PRO A 58 10.04 -6.27 -19.52
C PRO A 58 11.45 -6.83 -19.21
N THR A 59 12.02 -6.41 -18.06
CA THR A 59 13.30 -6.89 -17.55
C THR A 59 13.13 -8.20 -16.72
N PHE A 60 11.87 -8.62 -16.51
CA PHE A 60 11.49 -9.88 -15.82
C PHE A 60 12.04 -9.89 -14.36
N LEU A 61 12.00 -8.70 -13.73
CA LEU A 61 12.45 -8.50 -12.34
C LEU A 61 11.24 -8.53 -11.41
N ARG A 62 11.41 -9.15 -10.23
CA ARG A 62 10.36 -9.24 -9.19
C ARG A 62 10.96 -9.62 -7.84
N MET A 63 10.09 -9.73 -6.82
CA MET A 63 10.50 -10.00 -5.43
C MET A 63 9.50 -10.96 -4.75
N ASP A 64 9.84 -11.35 -3.53
CA ASP A 64 8.98 -12.18 -2.66
C ASP A 64 7.85 -11.32 -2.07
N ASN A 65 6.81 -11.99 -1.52
CA ASN A 65 5.66 -11.30 -0.87
C ASN A 65 6.10 -10.63 0.45
N ASN A 66 7.13 -11.22 1.10
CA ASN A 66 7.77 -10.65 2.30
C ASN A 66 8.50 -9.34 1.94
N ALA A 67 9.28 -9.42 0.85
CA ALA A 67 10.04 -8.27 0.31
C ALA A 67 9.11 -7.19 -0.26
N ALA A 68 7.94 -7.63 -0.77
CA ALA A 68 6.96 -6.75 -1.39
C ALA A 68 6.14 -5.99 -0.35
N ALA A 69 5.83 -6.64 0.77
CA ALA A 69 5.10 -6.06 1.90
C ALA A 69 5.81 -4.81 2.45
N ILE A 70 7.08 -5.01 2.85
CA ILE A 70 7.94 -3.94 3.42
C ILE A 70 8.22 -2.83 2.40
N LYS A 71 8.40 -3.21 1.13
CA LYS A 71 8.71 -2.27 0.04
C LYS A 71 7.46 -1.46 -0.34
N ALA A 72 6.27 -2.07 -0.20
CA ALA A 72 4.98 -1.41 -0.50
C ALA A 72 4.67 -0.29 0.51
N LEU A 73 5.28 -0.39 1.70
CA LEU A 73 5.09 0.57 2.80
C LEU A 73 6.00 1.76 2.52
N GLU A 74 7.15 1.41 1.92
CA GLU A 74 8.21 2.32 1.56
C GLU A 74 7.81 3.16 0.32
N LEU A 75 7.22 2.48 -0.68
CA LEU A 75 6.83 3.12 -1.96
C LEU A 75 5.63 4.05 -1.78
N TYR A 76 4.89 3.87 -0.68
CA TYR A 76 3.81 4.79 -0.29
C TYR A 76 4.39 6.17 0.07
N LYS A 77 5.46 6.17 0.88
CA LYS A 77 6.12 7.40 1.37
C LYS A 77 6.82 8.13 0.22
N ILE A 78 7.69 7.38 -0.48
CA ILE A 78 8.60 7.92 -1.51
C ILE A 78 7.88 8.11 -2.85
N ASN A 79 6.70 7.46 -2.98
CA ASN A 79 5.78 7.56 -4.13
C ASN A 79 6.48 7.15 -5.45
N ALA A 80 6.67 5.83 -5.63
CA ALA A 80 7.21 5.26 -6.88
C ALA A 80 6.12 5.23 -7.96
N LYS A 81 6.54 5.05 -9.23
CA LYS A 81 5.59 4.91 -10.35
C LYS A 81 4.80 3.59 -10.20
N LEU A 82 3.52 3.65 -10.56
CA LEU A 82 2.55 2.60 -10.28
C LEU A 82 1.75 2.34 -11.58
N CYS A 83 1.68 1.06 -12.00
CA CYS A 83 0.93 0.66 -13.22
C CYS A 83 -0.57 0.42 -12.89
N ASP A 84 -1.12 1.24 -11.98
CA ASP A 84 -2.51 1.13 -11.50
C ASP A 84 -3.14 2.54 -11.57
N PRO A 85 -3.55 2.99 -12.81
CA PRO A 85 -4.07 4.35 -13.04
C PRO A 85 -5.55 4.50 -12.66
N HIS A 86 -6.01 5.77 -12.58
CA HIS A 86 -7.38 6.15 -12.14
C HIS A 86 -7.65 5.62 -10.69
N PRO A 87 -6.89 6.14 -9.64
CA PRO A 87 -7.01 5.69 -8.25
C PRO A 87 -8.24 6.33 -7.50
ZN ZN B . 4.44 -2.64 -13.47
N GLY A 1 -11.74 -5.33 8.79
CA GLY A 1 -12.16 -4.31 7.81
C GLY A 1 -12.95 -4.91 6.65
N SER A 2 -14.15 -4.36 6.39
CA SER A 2 -15.03 -4.75 5.28
C SER A 2 -14.95 -3.71 4.14
N HIS A 3 -15.48 -4.06 2.95
CA HIS A 3 -15.47 -3.17 1.78
C HIS A 3 -16.67 -2.20 1.82
N MET A 4 -16.52 -1.12 2.60
CA MET A 4 -17.51 -0.04 2.71
C MET A 4 -16.84 1.22 3.30
N ALA A 5 -17.38 2.39 2.96
CA ALA A 5 -16.90 3.70 3.47
C ALA A 5 -17.88 4.23 4.52
N THR A 6 -17.70 3.78 5.78
CA THR A 6 -18.59 4.12 6.89
C THR A 6 -18.36 5.59 7.36
N ALA A 7 -19.18 6.50 6.83
CA ALA A 7 -19.11 7.95 7.13
C ALA A 7 -20.12 8.32 8.24
N CYS A 8 -19.63 8.37 9.50
CA CYS A 8 -20.43 8.77 10.67
C CYS A 8 -19.95 10.13 11.19
N LYS A 9 -20.74 11.20 10.93
CA LYS A 9 -20.39 12.59 11.30
C LYS A 9 -20.81 12.89 12.77
N ARG A 10 -19.90 12.62 13.72
CA ARG A 10 -20.10 12.97 15.15
C ARG A 10 -18.77 13.44 15.76
N SER A 11 -18.84 14.57 16.50
CA SER A 11 -17.70 15.18 17.20
C SER A 11 -18.21 15.81 18.51
N GLY A 12 -17.41 15.68 19.58
CA GLY A 12 -17.85 15.98 20.95
C GLY A 12 -18.00 14.70 21.78
N GLU A 13 -18.13 13.57 21.05
CA GLU A 13 -18.08 12.20 21.60
C GLU A 13 -16.68 11.93 22.20
N PRO A 14 -16.58 11.10 23.29
CA PRO A 14 -15.28 10.75 23.92
C PRO A 14 -14.26 10.16 22.92
N GLN A 15 -12.97 10.40 23.19
CA GLN A 15 -11.83 9.93 22.38
C GLN A 15 -11.77 8.38 22.31
N SER A 16 -12.46 7.74 23.26
CA SER A 16 -12.71 6.30 23.29
C SER A 16 -13.40 5.81 22.00
N ASP A 17 -14.43 6.55 21.58
CA ASP A 17 -15.23 6.23 20.37
C ASP A 17 -14.51 6.67 19.07
N ASP A 18 -13.41 7.42 19.22
CA ASP A 18 -12.61 7.91 18.08
C ASP A 18 -11.60 6.84 17.59
N ILE A 19 -11.22 5.92 18.49
CA ILE A 19 -10.22 4.85 18.20
C ILE A 19 -10.65 3.98 17.00
N GLU A 20 -11.93 3.58 16.99
CA GLU A 20 -12.52 2.77 15.90
C GLU A 20 -12.55 3.54 14.56
N ALA A 21 -12.64 4.87 14.64
CA ALA A 21 -12.62 5.75 13.46
C ALA A 21 -11.19 5.96 12.94
N SER A 22 -10.22 6.00 13.88
CA SER A 22 -8.80 6.22 13.57
C SER A 22 -8.23 5.04 12.75
N ARG A 23 -8.58 3.81 13.14
CA ARG A 23 -8.11 2.60 12.42
C ARG A 23 -8.70 2.50 11.00
N MET A 24 -9.96 2.98 10.83
CA MET A 24 -10.66 2.94 9.52
C MET A 24 -10.03 3.93 8.54
N LYS A 25 -9.62 5.11 9.05
CA LYS A 25 -8.99 6.17 8.23
C LYS A 25 -7.56 5.73 7.80
N ARG A 26 -6.93 4.88 8.64
CA ARG A 26 -5.61 4.27 8.35
C ARG A 26 -5.74 3.06 7.39
N ALA A 27 -6.95 2.46 7.35
CA ALA A 27 -7.25 1.32 6.45
C ALA A 27 -7.25 1.76 4.96
N ALA A 28 -7.53 3.05 4.73
CA ALA A 28 -7.46 3.67 3.38
C ALA A 28 -6.00 3.73 2.89
N ALA A 29 -5.08 4.06 3.82
CA ALA A 29 -3.63 4.09 3.56
C ALA A 29 -3.14 2.69 3.16
N LYS A 30 -3.54 1.68 3.97
CA LYS A 30 -3.24 0.26 3.71
C LYS A 30 -3.79 -0.20 2.35
N HIS A 31 -5.03 0.20 2.02
CA HIS A 31 -5.70 -0.19 0.76
C HIS A 31 -4.91 0.31 -0.48
N LEU A 32 -4.23 1.47 -0.32
CA LEU A 32 -3.40 2.07 -1.38
C LEU A 32 -2.01 1.40 -1.42
N ILE A 33 -1.47 1.06 -0.23
CA ILE A 33 -0.19 0.32 -0.07
C ILE A 33 -0.23 -1.02 -0.83
N GLU A 34 -1.40 -1.68 -0.82
CA GLU A 34 -1.61 -2.99 -1.47
C GLU A 34 -1.48 -2.92 -2.98
N ARG A 35 -1.67 -1.72 -3.58
CA ARG A 35 -1.46 -1.53 -5.02
C ARG A 35 0.01 -1.69 -5.39
N TYR A 36 0.88 -1.10 -4.54
CA TYR A 36 2.34 -1.22 -4.66
C TYR A 36 2.76 -2.68 -4.36
N TYR A 37 2.22 -3.27 -3.28
CA TYR A 37 2.48 -4.68 -2.87
C TYR A 37 2.23 -5.66 -4.03
N HIS A 38 1.04 -5.52 -4.66
CA HIS A 38 0.64 -6.37 -5.79
C HIS A 38 1.56 -6.11 -6.98
N GLN A 39 1.83 -4.83 -7.25
CA GLN A 39 2.72 -4.40 -8.34
C GLN A 39 4.10 -5.10 -8.28
N LEU A 40 4.61 -5.31 -7.06
CA LEU A 40 5.97 -5.80 -6.81
C LEU A 40 6.12 -7.33 -6.99
N THR A 41 5.07 -8.12 -6.69
CA THR A 41 5.17 -9.59 -6.67
C THR A 41 4.15 -10.25 -7.63
N GLU A 42 2.92 -9.70 -7.68
CA GLU A 42 1.84 -10.18 -8.57
C GLU A 42 2.11 -9.69 -10.01
N GLY A 43 2.30 -8.37 -10.15
CA GLY A 43 2.59 -7.74 -11.44
C GLY A 43 1.61 -6.60 -11.75
N CYS A 44 1.33 -6.41 -13.04
CA CYS A 44 0.36 -5.41 -13.54
C CYS A 44 -0.09 -5.75 -14.97
N GLY A 45 0.81 -6.41 -15.75
CA GLY A 45 0.52 -6.82 -17.12
C GLY A 45 0.41 -5.65 -18.09
N ASN A 46 1.51 -4.90 -18.25
CA ASN A 46 1.58 -3.74 -19.18
C ASN A 46 2.79 -3.90 -20.11
N GLU A 47 2.59 -3.64 -21.41
CA GLU A 47 3.65 -3.71 -22.43
C GLU A 47 4.70 -2.60 -22.25
N ALA A 48 4.24 -1.41 -21.84
CA ALA A 48 5.10 -0.26 -21.51
C ALA A 48 5.14 -0.08 -19.98
N CYS A 49 5.48 -1.17 -19.28
CA CYS A 49 5.53 -1.25 -17.81
C CYS A 49 6.76 -0.56 -17.19
N THR A 50 7.79 -0.23 -18.02
CA THR A 50 9.16 0.13 -17.53
C THR A 50 9.15 1.23 -16.44
N ASN A 51 9.08 0.76 -15.18
CA ASN A 51 9.06 1.62 -13.98
C ASN A 51 10.14 1.16 -13.00
N GLU A 52 10.32 1.97 -11.93
CA GLU A 52 11.33 1.74 -10.89
C GLU A 52 11.23 0.34 -10.24
N PHE A 53 10.03 -0.02 -9.78
CA PHE A 53 9.80 -1.25 -9.01
C PHE A 53 8.46 -1.90 -9.41
N CYS A 54 8.53 -3.17 -9.87
CA CYS A 54 7.37 -3.96 -10.33
C CYS A 54 7.78 -5.40 -10.68
N ALA A 55 6.77 -6.26 -10.87
CA ALA A 55 6.94 -7.67 -11.25
C ALA A 55 6.69 -7.85 -12.74
N SER A 56 5.93 -6.89 -13.31
CA SER A 56 5.53 -6.86 -14.73
C SER A 56 6.57 -6.14 -15.61
N CYS A 57 7.72 -5.77 -15.01
CA CYS A 57 8.79 -5.00 -15.68
C CYS A 57 9.32 -5.77 -16.93
N PRO A 58 9.67 -5.07 -18.05
CA PRO A 58 10.25 -5.72 -19.27
C PRO A 58 11.64 -6.35 -19.04
N THR A 59 12.23 -6.09 -17.86
CA THR A 59 13.48 -6.70 -17.40
C THR A 59 13.26 -8.13 -16.86
N PHE A 60 11.96 -8.51 -16.72
CA PHE A 60 11.49 -9.86 -16.33
C PHE A 60 11.94 -10.22 -14.89
N LEU A 61 11.68 -9.28 -13.95
CA LEU A 61 12.08 -9.41 -12.53
C LEU A 61 10.89 -9.17 -11.60
N ARG A 62 10.91 -9.82 -10.42
CA ARG A 62 9.88 -9.70 -9.39
C ARG A 62 10.50 -9.96 -8.01
N MET A 63 9.67 -9.90 -6.96
CA MET A 63 10.11 -10.16 -5.56
C MET A 63 9.10 -11.04 -4.82
N ASP A 64 9.47 -11.43 -3.59
CA ASP A 64 8.63 -12.27 -2.71
C ASP A 64 7.55 -11.41 -2.05
N ASN A 65 6.47 -12.04 -1.55
CA ASN A 65 5.33 -11.35 -0.89
C ASN A 65 5.80 -10.58 0.35
N ASN A 66 6.81 -11.14 1.08
CA ASN A 66 7.41 -10.47 2.25
C ASN A 66 8.16 -9.21 1.80
N ALA A 67 9.03 -9.41 0.79
CA ALA A 67 9.87 -8.34 0.20
C ALA A 67 9.03 -7.25 -0.48
N ALA A 68 7.79 -7.61 -0.84
CA ALA A 68 6.85 -6.71 -1.52
C ALA A 68 6.03 -5.91 -0.51
N ALA A 69 5.64 -6.56 0.60
CA ALA A 69 4.85 -5.93 1.67
C ALA A 69 5.63 -4.80 2.35
N ILE A 70 6.89 -5.13 2.73
CA ILE A 70 7.80 -4.19 3.42
C ILE A 70 8.20 -3.01 2.52
N LYS A 71 8.33 -3.29 1.20
CA LYS A 71 8.74 -2.26 0.22
C LYS A 71 7.55 -1.38 -0.16
N ALA A 72 6.33 -1.97 -0.16
CA ALA A 72 5.08 -1.25 -0.50
C ALA A 72 4.80 -0.12 0.49
N LEU A 73 5.16 -0.37 1.76
CA LEU A 73 5.13 0.63 2.84
C LEU A 73 6.05 1.82 2.49
N GLU A 74 7.25 1.49 2.01
CA GLU A 74 8.27 2.48 1.59
C GLU A 74 7.82 3.21 0.30
N LEU A 75 7.11 2.50 -0.58
CA LEU A 75 6.68 3.06 -1.87
C LEU A 75 5.43 3.93 -1.71
N TYR A 76 4.72 3.74 -0.59
CA TYR A 76 3.57 4.57 -0.23
C TYR A 76 4.04 5.98 0.16
N LYS A 77 5.01 6.06 1.09
CA LYS A 77 5.46 7.33 1.68
C LYS A 77 6.23 8.20 0.67
N ILE A 78 7.05 7.56 -0.19
CA ILE A 78 7.83 8.27 -1.22
C ILE A 78 6.98 8.54 -2.48
N ASN A 79 5.83 7.81 -2.57
CA ASN A 79 4.94 7.80 -3.76
C ASN A 79 5.74 7.36 -5.00
N ALA A 80 6.03 6.04 -5.07
CA ALA A 80 6.81 5.46 -6.17
C ALA A 80 6.01 5.44 -7.49
N LYS A 81 6.70 5.10 -8.58
CA LYS A 81 6.06 5.01 -9.90
C LYS A 81 5.06 3.81 -9.91
N LEU A 82 3.79 4.13 -9.71
CA LEU A 82 2.70 3.16 -9.75
C LEU A 82 2.26 2.99 -11.22
N CYS A 83 2.31 1.74 -11.70
CA CYS A 83 1.99 1.41 -13.10
C CYS A 83 0.54 1.70 -13.45
N ASP A 84 -0.36 1.50 -12.47
CA ASP A 84 -1.80 1.42 -12.68
C ASP A 84 -2.48 2.77 -12.36
N PRO A 85 -2.81 3.59 -13.41
CA PRO A 85 -3.48 4.89 -13.25
C PRO A 85 -5.01 4.76 -13.41
N HIS A 86 -5.72 5.90 -13.48
CA HIS A 86 -7.16 5.91 -13.73
C HIS A 86 -7.51 7.14 -14.63
N PRO A 87 -7.13 7.09 -15.96
CA PRO A 87 -7.43 8.17 -16.95
C PRO A 87 -8.95 8.23 -17.27
ZN ZN B . 4.30 -2.78 -13.97
N GLY A 1 -8.90 -20.37 11.75
CA GLY A 1 -8.13 -20.19 13.00
C GLY A 1 -8.64 -21.10 14.11
N SER A 2 -8.49 -20.65 15.36
CA SER A 2 -8.90 -21.42 16.55
C SER A 2 -10.40 -21.22 16.85
N HIS A 3 -10.77 -20.00 17.29
CA HIS A 3 -12.16 -19.64 17.62
C HIS A 3 -12.92 -19.30 16.32
N MET A 4 -13.94 -20.11 16.00
CA MET A 4 -14.76 -19.93 14.78
C MET A 4 -15.78 -18.79 14.97
N ALA A 5 -16.38 -18.34 13.85
CA ALA A 5 -17.40 -17.27 13.85
C ALA A 5 -18.65 -17.72 14.64
N THR A 6 -18.64 -17.45 15.94
CA THR A 6 -19.68 -17.88 16.87
C THR A 6 -20.91 -16.96 16.75
N ALA A 7 -22.07 -17.56 16.44
CA ALA A 7 -23.36 -16.85 16.36
C ALA A 7 -24.03 -16.83 17.75
N CYS A 8 -23.26 -16.37 18.74
CA CYS A 8 -23.69 -16.29 20.15
C CYS A 8 -24.55 -15.05 20.38
N LYS A 9 -25.15 -14.94 21.57
CA LYS A 9 -25.91 -13.75 21.97
C LYS A 9 -25.01 -12.49 21.92
N ARG A 10 -25.53 -11.43 21.25
CA ARG A 10 -24.80 -10.16 21.06
C ARG A 10 -24.31 -9.59 22.41
N SER A 11 -22.99 -9.33 22.49
CA SER A 11 -22.33 -8.82 23.70
C SER A 11 -22.82 -7.39 24.03
N GLY A 12 -22.55 -6.94 25.27
CA GLY A 12 -22.91 -5.60 25.73
C GLY A 12 -21.89 -4.57 25.26
N GLU A 13 -21.72 -4.50 23.91
CA GLU A 13 -20.74 -3.65 23.21
C GLU A 13 -19.29 -4.09 23.59
N PRO A 14 -18.65 -4.98 22.77
CA PRO A 14 -17.29 -5.51 23.06
C PRO A 14 -16.19 -4.44 22.91
N GLN A 15 -14.96 -4.81 23.30
CA GLN A 15 -13.78 -3.93 23.15
C GLN A 15 -13.29 -3.92 21.69
N SER A 16 -13.72 -4.96 20.92
CA SER A 16 -13.46 -5.10 19.47
C SER A 16 -14.41 -4.23 18.62
N ASP A 17 -15.39 -3.57 19.27
CA ASP A 17 -16.32 -2.61 18.62
C ASP A 17 -15.54 -1.39 18.06
N ASP A 18 -14.37 -1.08 18.66
CA ASP A 18 -13.50 0.01 18.18
C ASP A 18 -12.60 -0.46 17.02
N ILE A 19 -12.23 -1.76 17.03
CA ILE A 19 -11.32 -2.37 16.02
C ILE A 19 -11.82 -2.15 14.58
N GLU A 20 -13.13 -2.32 14.37
CA GLU A 20 -13.78 -2.19 13.05
C GLU A 20 -13.65 -0.75 12.48
N ALA A 21 -13.60 0.25 13.38
CA ALA A 21 -13.37 1.67 13.01
C ALA A 21 -11.87 1.97 12.86
N SER A 22 -11.08 1.37 13.76
CA SER A 22 -9.63 1.63 13.90
C SER A 22 -8.85 1.06 12.70
N ARG A 23 -9.36 -0.07 12.16
CA ARG A 23 -8.75 -0.75 11.00
C ARG A 23 -8.90 0.09 9.73
N MET A 24 -10.07 0.76 9.58
CA MET A 24 -10.43 1.54 8.36
C MET A 24 -9.50 2.75 8.18
N LYS A 25 -9.01 3.27 9.31
CA LYS A 25 -8.06 4.40 9.33
C LYS A 25 -6.76 4.04 8.57
N ARG A 26 -6.25 2.84 8.86
CA ARG A 26 -5.02 2.30 8.22
C ARG A 26 -5.37 1.63 6.88
N ALA A 27 -6.65 1.22 6.70
CA ALA A 27 -7.14 0.53 5.48
C ALA A 27 -7.16 1.48 4.28
N ALA A 28 -7.40 2.78 4.54
CA ALA A 28 -7.35 3.84 3.50
C ALA A 28 -5.94 3.90 2.88
N ALA A 29 -4.92 3.81 3.76
CA ALA A 29 -3.51 3.72 3.36
C ALA A 29 -3.25 2.37 2.66
N LYS A 30 -3.78 1.29 3.27
CA LYS A 30 -3.55 -0.11 2.85
C LYS A 30 -4.00 -0.37 1.40
N HIS A 31 -5.13 0.24 1.00
CA HIS A 31 -5.69 0.07 -0.37
C HIS A 31 -4.70 0.56 -1.44
N LEU A 32 -3.95 1.62 -1.09
CA LEU A 32 -2.95 2.24 -1.98
C LEU A 32 -1.60 1.49 -1.86
N ILE A 33 -1.30 0.99 -0.65
CA ILE A 33 -0.09 0.16 -0.38
C ILE A 33 -0.16 -1.17 -1.15
N GLU A 34 -1.38 -1.74 -1.28
CA GLU A 34 -1.63 -2.99 -2.03
C GLU A 34 -1.32 -2.83 -3.53
N ARG A 35 -1.51 -1.60 -4.04
CA ARG A 35 -1.16 -1.24 -5.42
C ARG A 35 0.33 -1.43 -5.70
N TYR A 36 1.16 -1.12 -4.68
CA TYR A 36 2.61 -1.32 -4.74
C TYR A 36 2.96 -2.79 -4.46
N TYR A 37 2.35 -3.36 -3.41
CA TYR A 37 2.60 -4.74 -2.93
C TYR A 37 2.45 -5.77 -4.06
N HIS A 38 1.33 -5.66 -4.79
CA HIS A 38 1.04 -6.56 -5.92
C HIS A 38 1.97 -6.24 -7.08
N GLN A 39 2.17 -4.93 -7.35
CA GLN A 39 3.07 -4.45 -8.44
C GLN A 39 4.48 -5.05 -8.32
N LEU A 40 4.97 -5.19 -7.08
CA LEU A 40 6.36 -5.58 -6.78
C LEU A 40 6.63 -7.08 -6.96
N THR A 41 5.63 -7.95 -6.70
CA THR A 41 5.84 -9.41 -6.66
C THR A 41 4.98 -10.16 -7.69
N GLU A 42 3.73 -9.72 -7.87
CA GLU A 42 2.78 -10.30 -8.84
C GLU A 42 3.01 -9.64 -10.22
N GLY A 43 2.90 -8.31 -10.22
CA GLY A 43 2.92 -7.51 -11.44
C GLY A 43 1.68 -6.62 -11.53
N CYS A 44 1.29 -6.27 -12.77
CA CYS A 44 0.17 -5.35 -13.07
C CYS A 44 -0.42 -5.65 -14.46
N GLY A 45 0.45 -6.05 -15.43
CA GLY A 45 0.02 -6.36 -16.80
C GLY A 45 -0.17 -5.12 -17.66
N ASN A 46 0.90 -4.30 -17.76
CA ASN A 46 0.89 -3.03 -18.54
C ASN A 46 1.93 -3.13 -19.67
N GLU A 47 1.68 -2.39 -20.77
CA GLU A 47 2.59 -2.34 -21.93
C GLU A 47 3.92 -1.63 -21.59
N ALA A 48 3.83 -0.56 -20.80
CA ALA A 48 4.98 0.23 -20.35
C ALA A 48 5.25 -0.03 -18.86
N CYS A 49 5.23 -1.34 -18.50
CA CYS A 49 5.33 -1.81 -17.10
C CYS A 49 6.74 -1.62 -16.51
N THR A 50 7.71 -1.25 -17.38
CA THR A 50 9.08 -0.91 -17.01
C THR A 50 9.12 0.22 -15.93
N ASN A 51 9.10 -0.21 -14.67
CA ASN A 51 9.20 0.67 -13.49
C ASN A 51 10.38 0.20 -12.64
N GLU A 52 11.03 1.16 -11.95
CA GLU A 52 12.09 0.89 -10.96
C GLU A 52 11.58 -0.02 -9.82
N PHE A 53 10.27 0.03 -9.60
CA PHE A 53 9.56 -0.78 -8.62
C PHE A 53 8.37 -1.47 -9.31
N CYS A 54 8.61 -2.70 -9.85
CA CYS A 54 7.55 -3.52 -10.51
C CYS A 54 8.05 -4.94 -10.84
N ALA A 55 7.09 -5.88 -11.06
CA ALA A 55 7.35 -7.30 -11.34
C ALA A 55 7.04 -7.62 -12.80
N SER A 56 6.00 -6.95 -13.32
CA SER A 56 5.52 -7.10 -14.70
C SER A 56 6.44 -6.36 -15.71
N CYS A 57 7.57 -5.81 -15.22
CA CYS A 57 8.60 -5.16 -16.04
C CYS A 57 9.17 -6.13 -17.10
N PRO A 58 9.48 -5.65 -18.34
CA PRO A 58 10.13 -6.48 -19.38
C PRO A 58 11.65 -6.68 -19.08
N THR A 59 12.11 -6.07 -17.98
CA THR A 59 13.45 -6.27 -17.41
C THR A 59 13.57 -7.65 -16.73
N PHE A 60 12.39 -8.25 -16.39
CA PHE A 60 12.25 -9.55 -15.71
C PHE A 60 12.82 -9.49 -14.27
N LEU A 61 12.64 -8.31 -13.65
CA LEU A 61 13.10 -8.04 -12.27
C LEU A 61 11.88 -7.90 -11.34
N ARG A 62 11.96 -8.53 -10.15
CA ARG A 62 10.87 -8.57 -9.15
C ARG A 62 11.41 -9.03 -7.78
N MET A 63 10.48 -9.19 -6.80
CA MET A 63 10.78 -9.60 -5.41
C MET A 63 9.78 -10.64 -4.89
N ASP A 64 10.04 -11.12 -3.67
CA ASP A 64 9.16 -12.07 -2.95
C ASP A 64 7.92 -11.34 -2.39
N ASN A 65 6.91 -12.11 -1.96
CA ASN A 65 5.64 -11.57 -1.39
C ASN A 65 5.91 -10.75 -0.12
N ASN A 66 6.77 -11.29 0.75
CA ASN A 66 7.13 -10.68 2.05
C ASN A 66 7.98 -9.41 1.85
N ALA A 67 8.89 -9.48 0.86
CA ALA A 67 9.73 -8.34 0.45
C ALA A 67 8.87 -7.20 -0.10
N ALA A 68 7.81 -7.58 -0.83
CA ALA A 68 6.88 -6.64 -1.47
C ALA A 68 5.97 -5.96 -0.44
N ALA A 69 5.56 -6.71 0.58
CA ALA A 69 4.69 -6.20 1.67
C ALA A 69 5.36 -5.03 2.41
N ILE A 70 6.60 -5.25 2.84
CA ILE A 70 7.38 -4.27 3.62
C ILE A 70 7.84 -3.09 2.76
N LYS A 71 8.13 -3.36 1.46
CA LYS A 71 8.67 -2.34 0.55
C LYS A 71 7.54 -1.44 0.03
N ALA A 72 6.31 -2.01 -0.04
CA ALA A 72 5.08 -1.26 -0.45
C ALA A 72 4.77 -0.12 0.52
N LEU A 73 5.12 -0.34 1.80
CA LEU A 73 5.02 0.66 2.88
C LEU A 73 5.97 1.85 2.61
N GLU A 74 7.15 1.53 2.05
CA GLU A 74 8.20 2.51 1.75
C GLU A 74 7.86 3.27 0.48
N LEU A 75 7.21 2.58 -0.43
CA LEU A 75 6.72 3.13 -1.70
C LEU A 75 5.51 4.04 -1.48
N TYR A 76 4.77 3.79 -0.39
CA TYR A 76 3.63 4.62 -0.01
C TYR A 76 4.10 6.00 0.51
N LYS A 77 5.16 5.98 1.33
CA LYS A 77 5.66 7.19 2.02
C LYS A 77 6.39 8.12 1.01
N ILE A 78 7.13 7.54 0.04
CA ILE A 78 7.86 8.31 -0.99
C ILE A 78 6.96 8.61 -2.21
N ASN A 79 5.83 7.86 -2.32
CA ASN A 79 4.92 7.88 -3.48
C ASN A 79 5.69 7.49 -4.75
N ALA A 80 6.00 6.18 -4.86
CA ALA A 80 6.83 5.63 -5.93
C ALA A 80 6.12 5.63 -7.29
N LYS A 81 6.89 5.30 -8.35
CA LYS A 81 6.37 5.19 -9.70
C LYS A 81 5.42 3.97 -9.78
N LEU A 82 4.12 4.26 -9.85
CA LEU A 82 3.04 3.27 -9.85
C LEU A 82 2.52 3.08 -11.29
N CYS A 83 2.51 1.83 -11.75
CA CYS A 83 2.08 1.46 -13.11
C CYS A 83 0.62 1.78 -13.40
N ASP A 84 -0.19 1.80 -12.34
CA ASP A 84 -1.65 1.84 -12.42
C ASP A 84 -2.13 3.28 -12.11
N PRO A 85 -2.41 4.13 -13.15
CA PRO A 85 -2.81 5.54 -12.96
C PRO A 85 -4.34 5.70 -12.82
N HIS A 86 -4.83 6.95 -12.92
CA HIS A 86 -6.26 7.32 -12.79
C HIS A 86 -6.79 6.94 -11.38
N PRO A 87 -6.46 7.76 -10.33
CA PRO A 87 -6.90 7.49 -8.94
C PRO A 87 -8.34 8.02 -8.70
ZN ZN B . 3.98 -2.94 -13.55
N GLY A 1 -19.25 13.41 6.14
CA GLY A 1 -18.94 12.32 5.19
C GLY A 1 -17.66 11.56 5.55
N SER A 2 -17.73 10.78 6.67
CA SER A 2 -16.69 9.80 7.09
C SER A 2 -15.39 10.45 7.65
N HIS A 3 -15.28 11.79 7.59
CA HIS A 3 -14.06 12.52 8.00
C HIS A 3 -14.13 12.85 9.50
N MET A 4 -13.47 12.02 10.32
CA MET A 4 -13.37 12.20 11.78
C MET A 4 -12.03 12.86 12.15
N ALA A 5 -12.09 13.87 13.01
CA ALA A 5 -10.91 14.59 13.52
C ALA A 5 -11.02 14.75 15.04
N THR A 6 -9.91 14.55 15.76
CA THR A 6 -9.84 14.67 17.22
C THR A 6 -8.53 15.39 17.63
N ALA A 7 -8.64 16.36 18.55
CA ALA A 7 -7.49 17.07 19.13
C ALA A 7 -7.34 16.68 20.61
N CYS A 8 -6.67 15.55 20.86
CA CYS A 8 -6.37 15.07 22.22
C CYS A 8 -5.18 15.85 22.79
N LYS A 9 -5.48 17.05 23.30
CA LYS A 9 -4.52 17.95 23.96
C LYS A 9 -4.11 17.40 25.35
N ARG A 10 -3.10 18.03 25.98
CA ARG A 10 -2.65 17.65 27.33
C ARG A 10 -3.60 18.22 28.38
N SER A 11 -4.74 17.54 28.55
CA SER A 11 -5.76 17.87 29.56
C SER A 11 -6.17 16.57 30.27
N GLY A 12 -6.53 15.56 29.46
CA GLY A 12 -6.86 14.24 29.98
C GLY A 12 -7.54 13.40 28.91
N GLU A 13 -8.87 13.63 28.74
CA GLU A 13 -9.73 12.94 27.74
C GLU A 13 -9.85 11.41 28.02
N PRO A 14 -10.97 10.73 27.58
CA PRO A 14 -11.09 9.25 27.66
C PRO A 14 -9.89 8.57 26.99
N GLN A 15 -9.14 7.76 27.75
CA GLN A 15 -7.90 7.12 27.28
C GLN A 15 -8.18 6.21 26.05
N SER A 16 -7.33 6.38 25.01
CA SER A 16 -7.35 5.59 23.76
C SER A 16 -8.49 6.01 22.79
N ASP A 17 -9.11 7.19 23.07
CA ASP A 17 -10.25 7.73 22.28
C ASP A 17 -9.86 8.04 20.83
N ASP A 18 -8.59 8.46 20.64
CA ASP A 18 -8.04 8.84 19.33
C ASP A 18 -7.46 7.61 18.61
N ILE A 19 -6.96 6.63 19.41
CA ILE A 19 -6.28 5.40 18.92
C ILE A 19 -7.18 4.59 17.97
N GLU A 20 -8.45 4.41 18.39
CA GLU A 20 -9.47 3.68 17.60
C GLU A 20 -9.72 4.34 16.22
N ALA A 21 -9.55 5.68 16.14
CA ALA A 21 -9.70 6.44 14.89
C ALA A 21 -8.41 6.43 14.05
N SER A 22 -7.25 6.46 14.73
CA SER A 22 -5.93 6.55 14.09
C SER A 22 -5.56 5.24 13.37
N ARG A 23 -6.01 4.09 13.93
CA ARG A 23 -5.80 2.75 13.35
C ARG A 23 -6.63 2.56 12.07
N MET A 24 -7.78 3.27 11.98
CA MET A 24 -8.64 3.23 10.78
C MET A 24 -7.89 3.84 9.58
N LYS A 25 -7.02 4.83 9.89
CA LYS A 25 -6.19 5.55 8.92
C LYS A 25 -5.02 4.67 8.44
N ARG A 26 -4.62 3.70 9.29
CA ARG A 26 -3.58 2.71 8.98
C ARG A 26 -4.15 1.64 8.02
N ALA A 27 -5.43 1.30 8.23
CA ALA A 27 -6.20 0.40 7.34
C ALA A 27 -6.44 1.09 5.97
N ALA A 28 -6.72 2.41 6.03
CA ALA A 28 -6.92 3.27 4.84
C ALA A 28 -5.58 3.45 4.09
N ALA A 29 -4.47 3.45 4.85
CA ALA A 29 -3.10 3.51 4.31
C ALA A 29 -2.80 2.25 3.49
N LYS A 30 -3.16 1.08 4.09
CA LYS A 30 -2.98 -0.26 3.49
C LYS A 30 -3.67 -0.36 2.11
N HIS A 31 -4.83 0.31 1.98
CA HIS A 31 -5.63 0.32 0.73
C HIS A 31 -4.79 0.80 -0.49
N LEU A 32 -3.93 1.80 -0.27
CA LEU A 32 -3.05 2.36 -1.32
C LEU A 32 -1.76 1.52 -1.42
N ILE A 33 -1.24 1.08 -0.25
CA ILE A 33 -0.06 0.21 -0.12
C ILE A 33 -0.22 -1.10 -0.96
N GLU A 34 -1.46 -1.62 -1.02
CA GLU A 34 -1.81 -2.84 -1.77
C GLU A 34 -1.50 -2.71 -3.26
N ARG A 35 -1.75 -1.53 -3.85
CA ARG A 35 -1.50 -1.28 -5.28
C ARG A 35 0.00 -1.41 -5.61
N TYR A 36 0.85 -1.00 -4.64
CA TYR A 36 2.31 -1.21 -4.72
C TYR A 36 2.66 -2.70 -4.52
N TYR A 37 2.13 -3.31 -3.44
CA TYR A 37 2.39 -4.72 -3.04
C TYR A 37 2.17 -5.69 -4.20
N HIS A 38 1.00 -5.57 -4.83
CA HIS A 38 0.57 -6.44 -5.95
C HIS A 38 1.47 -6.18 -7.15
N GLN A 39 1.84 -4.92 -7.36
CA GLN A 39 2.76 -4.52 -8.45
C GLN A 39 4.15 -5.16 -8.28
N LEU A 40 4.61 -5.29 -7.03
CA LEU A 40 5.99 -5.70 -6.69
C LEU A 40 6.22 -7.22 -6.82
N THR A 41 5.19 -8.04 -6.58
CA THR A 41 5.34 -9.52 -6.57
C THR A 41 4.46 -10.20 -7.65
N GLU A 42 3.28 -9.62 -7.97
CA GLU A 42 2.39 -10.14 -9.04
C GLU A 42 2.74 -9.48 -10.38
N GLY A 43 2.94 -8.14 -10.34
CA GLY A 43 3.29 -7.36 -11.52
C GLY A 43 2.13 -6.52 -12.03
N CYS A 44 1.74 -6.80 -13.29
CA CYS A 44 0.71 -6.04 -14.01
C CYS A 44 0.40 -6.74 -15.35
N GLY A 45 1.45 -7.28 -16.01
CA GLY A 45 1.34 -7.98 -17.30
C GLY A 45 1.25 -7.02 -18.48
N ASN A 46 2.24 -6.12 -18.60
CA ASN A 46 2.30 -5.11 -19.68
C ASN A 46 3.69 -5.17 -20.36
N GLU A 47 3.71 -4.89 -21.67
CA GLU A 47 4.95 -4.87 -22.47
C GLU A 47 5.75 -3.58 -22.17
N ALA A 48 5.04 -2.44 -22.06
CA ALA A 48 5.64 -1.11 -21.78
C ALA A 48 5.60 -0.82 -20.28
N CYS A 49 5.87 -1.88 -19.49
CA CYS A 49 5.85 -1.85 -18.03
C CYS A 49 6.92 -0.93 -17.39
N THR A 50 7.87 -0.42 -18.21
CA THR A 50 9.13 0.22 -17.74
C THR A 50 8.91 1.23 -16.60
N ASN A 51 9.03 0.71 -15.36
CA ASN A 51 8.71 1.44 -14.11
C ASN A 51 9.90 1.35 -13.13
N GLU A 52 9.83 2.18 -12.07
CA GLU A 52 10.86 2.23 -11.00
C GLU A 52 10.87 0.91 -10.21
N PHE A 53 9.67 0.42 -9.86
CA PHE A 53 9.47 -0.78 -9.03
C PHE A 53 8.23 -1.56 -9.51
N CYS A 54 8.43 -2.85 -9.83
CA CYS A 54 7.35 -3.76 -10.31
C CYS A 54 7.88 -5.19 -10.43
N ALA A 55 6.99 -6.15 -10.79
CA ALA A 55 7.35 -7.56 -11.03
C ALA A 55 7.27 -7.90 -12.53
N SER A 56 6.50 -7.09 -13.28
CA SER A 56 6.28 -7.25 -14.72
C SER A 56 7.31 -6.44 -15.54
N CYS A 57 8.40 -6.03 -14.87
CA CYS A 57 9.48 -5.23 -15.50
C CYS A 57 10.13 -6.00 -16.66
N PRO A 58 10.29 -5.36 -17.88
CA PRO A 58 11.00 -6.01 -19.04
C PRO A 58 12.50 -6.25 -18.75
N THR A 59 13.01 -5.58 -17.70
CA THR A 59 14.39 -5.78 -17.19
C THR A 59 14.52 -7.09 -16.35
N PHE A 60 13.37 -7.78 -16.13
CA PHE A 60 13.24 -8.96 -15.27
C PHE A 60 13.62 -8.60 -13.83
N LEU A 61 12.77 -7.78 -13.20
CA LEU A 61 12.90 -7.39 -11.78
C LEU A 61 11.57 -7.63 -11.06
N ARG A 62 11.66 -8.16 -9.83
CA ARG A 62 10.50 -8.45 -8.98
C ARG A 62 10.94 -8.66 -7.53
N MET A 63 10.01 -9.15 -6.70
CA MET A 63 10.29 -9.65 -5.35
C MET A 63 9.21 -10.67 -4.98
N ASP A 64 9.39 -11.30 -3.82
CA ASP A 64 8.39 -12.21 -3.24
C ASP A 64 7.43 -11.41 -2.36
N ASN A 65 6.29 -12.03 -2.01
CA ASN A 65 5.16 -11.39 -1.30
C ASN A 65 5.59 -10.74 0.04
N ASN A 66 6.48 -11.44 0.78
CA ASN A 66 7.02 -10.96 2.07
C ASN A 66 7.86 -9.69 1.89
N ALA A 67 8.67 -9.69 0.82
CA ALA A 67 9.55 -8.55 0.44
C ALA A 67 8.73 -7.40 -0.18
N ALA A 68 7.55 -7.73 -0.74
CA ALA A 68 6.68 -6.77 -1.42
C ALA A 68 5.90 -5.93 -0.41
N ALA A 69 5.48 -6.54 0.70
CA ALA A 69 4.75 -5.85 1.79
C ALA A 69 5.60 -4.72 2.41
N ILE A 70 6.84 -5.07 2.79
CA ILE A 70 7.78 -4.14 3.46
C ILE A 70 8.28 -3.03 2.48
N LYS A 71 8.41 -3.37 1.18
CA LYS A 71 8.80 -2.40 0.14
C LYS A 71 7.62 -1.46 -0.18
N ALA A 72 6.39 -2.00 -0.18
CA ALA A 72 5.15 -1.25 -0.49
C ALA A 72 4.88 -0.15 0.55
N LEU A 73 5.31 -0.43 1.80
CA LEU A 73 5.29 0.55 2.91
C LEU A 73 6.15 1.78 2.55
N GLU A 74 7.35 1.49 2.03
CA GLU A 74 8.34 2.50 1.67
C GLU A 74 7.88 3.31 0.44
N LEU A 75 7.29 2.62 -0.54
CA LEU A 75 6.82 3.25 -1.79
C LEU A 75 5.61 4.15 -1.53
N TYR A 76 4.84 3.81 -0.48
CA TYR A 76 3.71 4.63 -0.01
C TYR A 76 4.20 5.98 0.54
N LYS A 77 5.31 5.93 1.30
CA LYS A 77 5.96 7.12 1.90
C LYS A 77 6.52 8.03 0.80
N ILE A 78 7.35 7.43 -0.05
CA ILE A 78 8.22 8.14 -0.99
C ILE A 78 7.49 8.47 -2.30
N ASN A 79 6.25 7.91 -2.44
CA ASN A 79 5.33 8.16 -3.57
C ASN A 79 5.94 7.67 -4.89
N ALA A 80 6.06 6.34 -5.01
CA ALA A 80 6.63 5.67 -6.19
C ALA A 80 5.60 5.66 -7.33
N LYS A 81 6.12 5.52 -8.56
CA LYS A 81 5.30 5.37 -9.76
C LYS A 81 4.57 4.01 -9.74
N LEU A 82 3.38 4.00 -10.35
CA LEU A 82 2.45 2.88 -10.30
C LEU A 82 2.02 2.52 -11.74
N CYS A 83 1.98 1.21 -12.04
CA CYS A 83 1.52 0.67 -13.36
C CYS A 83 -0.02 0.68 -13.48
N ASP A 84 -0.70 1.28 -12.49
CA ASP A 84 -2.17 1.27 -12.39
C ASP A 84 -2.67 2.72 -12.18
N PRO A 85 -2.80 3.53 -13.29
CA PRO A 85 -3.44 4.86 -13.22
C PRO A 85 -4.97 4.78 -13.39
N HIS A 86 -5.63 5.95 -13.41
CA HIS A 86 -7.10 6.08 -13.57
C HIS A 86 -7.85 5.32 -12.44
N PRO A 87 -7.82 5.86 -11.16
CA PRO A 87 -8.53 5.27 -10.00
C PRO A 87 -10.07 5.40 -10.15
ZN ZN B . 4.49 -3.20 -14.25
N GLY A 1 27.37 -17.50 12.86
CA GLY A 1 27.30 -16.14 13.39
C GLY A 1 27.02 -16.13 14.88
N SER A 2 26.35 -15.07 15.36
CA SER A 2 25.99 -14.91 16.77
C SER A 2 24.74 -15.74 17.09
N HIS A 3 24.91 -16.85 17.86
CA HIS A 3 23.79 -17.69 18.28
C HIS A 3 22.93 -16.93 19.33
N MET A 4 21.60 -16.94 19.14
CA MET A 4 20.64 -16.25 20.04
C MET A 4 19.31 -17.01 20.06
N ALA A 5 18.63 -16.95 21.22
CA ALA A 5 17.33 -17.58 21.44
C ALA A 5 16.32 -16.51 21.88
N THR A 6 15.44 -16.11 20.94
CA THR A 6 14.40 -15.10 21.19
C THR A 6 13.24 -15.70 22.03
N ALA A 7 13.51 -15.89 23.33
CA ALA A 7 12.58 -16.50 24.28
C ALA A 7 11.90 -15.42 25.14
N CYS A 8 10.74 -14.95 24.66
CA CYS A 8 9.94 -13.93 25.33
C CYS A 8 8.48 -14.39 25.46
N LYS A 9 8.21 -15.07 26.59
CA LYS A 9 6.86 -15.52 26.97
C LYS A 9 6.65 -15.22 28.47
N ARG A 10 5.58 -14.47 28.78
CA ARG A 10 5.25 -14.05 30.15
C ARG A 10 3.78 -13.56 30.21
N SER A 11 3.36 -13.15 31.41
CA SER A 11 2.10 -12.45 31.64
C SER A 11 2.36 -10.92 31.54
N GLY A 12 1.42 -10.20 30.89
CA GLY A 12 1.53 -8.75 30.73
C GLY A 12 0.67 -8.26 29.59
N GLU A 13 -0.65 -8.56 29.67
CA GLU A 13 -1.70 -8.16 28.70
C GLU A 13 -1.57 -8.93 27.35
N PRO A 14 -2.71 -9.20 26.62
CA PRO A 14 -2.68 -9.93 25.33
C PRO A 14 -1.95 -9.13 24.23
N GLN A 15 -1.50 -9.85 23.19
CA GLN A 15 -0.71 -9.26 22.08
C GLN A 15 -1.62 -8.62 21.02
N SER A 16 -2.94 -8.68 21.22
CA SER A 16 -3.95 -8.13 20.29
C SER A 16 -4.68 -6.92 20.89
N ASP A 17 -4.27 -6.50 22.11
CA ASP A 17 -5.01 -5.50 22.93
C ASP A 17 -5.13 -4.13 22.23
N ASP A 18 -4.02 -3.61 21.69
CA ASP A 18 -4.00 -2.34 20.92
C ASP A 18 -3.95 -2.61 19.42
N ILE A 19 -3.57 -3.84 19.04
CA ILE A 19 -3.36 -4.24 17.62
C ILE A 19 -4.67 -4.24 16.82
N GLU A 20 -5.76 -4.74 17.45
CA GLU A 20 -7.11 -4.74 16.85
C GLU A 20 -7.58 -3.31 16.46
N ALA A 21 -7.11 -2.32 17.24
CA ALA A 21 -7.36 -0.90 17.00
C ALA A 21 -6.41 -0.38 15.92
N SER A 22 -5.12 -0.67 16.09
CA SER A 22 -4.01 -0.08 15.31
C SER A 22 -4.17 -0.38 13.81
N ARG A 23 -4.47 -1.65 13.50
CA ARG A 23 -4.65 -2.15 12.11
C ARG A 23 -5.74 -1.36 11.35
N MET A 24 -6.76 -0.88 12.09
CA MET A 24 -7.89 -0.13 11.50
C MET A 24 -7.44 1.26 10.99
N LYS A 25 -6.45 1.86 11.69
CA LYS A 25 -5.81 3.12 11.24
C LYS A 25 -4.98 2.83 9.98
N ARG A 26 -4.14 1.78 10.07
CA ARG A 26 -3.21 1.37 8.97
C ARG A 26 -3.97 0.86 7.74
N ALA A 27 -5.25 0.43 7.92
CA ALA A 27 -6.12 -0.07 6.83
C ALA A 27 -6.35 1.00 5.74
N ALA A 28 -6.47 2.27 6.18
CA ALA A 28 -6.69 3.43 5.29
C ALA A 28 -5.48 3.64 4.35
N ALA A 29 -4.28 3.29 4.84
CA ALA A 29 -3.05 3.31 4.06
C ALA A 29 -2.92 2.02 3.23
N LYS A 30 -3.27 0.88 3.87
CA LYS A 30 -3.11 -0.51 3.33
C LYS A 30 -3.83 -0.67 1.98
N HIS A 31 -5.02 -0.06 1.87
CA HIS A 31 -5.84 -0.12 0.64
C HIS A 31 -5.05 0.39 -0.60
N LEU A 32 -4.25 1.45 -0.41
CA LEU A 32 -3.41 2.04 -1.49
C LEU A 32 -2.07 1.28 -1.58
N ILE A 33 -1.56 0.83 -0.41
CA ILE A 33 -0.32 0.03 -0.29
C ILE A 33 -0.42 -1.27 -1.09
N GLU A 34 -1.65 -1.83 -1.21
CA GLU A 34 -1.92 -3.06 -2.00
C GLU A 34 -1.56 -2.85 -3.49
N ARG A 35 -1.79 -1.63 -4.01
CA ARG A 35 -1.45 -1.29 -5.40
C ARG A 35 0.08 -1.38 -5.65
N TYR A 36 0.87 -1.06 -4.61
CA TYR A 36 2.34 -1.24 -4.65
C TYR A 36 2.70 -2.72 -4.45
N TYR A 37 2.22 -3.31 -3.33
CA TYR A 37 2.51 -4.70 -2.90
C TYR A 37 2.27 -5.73 -4.01
N HIS A 38 1.13 -5.60 -4.71
CA HIS A 38 0.75 -6.53 -5.78
C HIS A 38 1.64 -6.28 -6.98
N GLN A 39 1.83 -5.00 -7.33
CA GLN A 39 2.73 -4.55 -8.40
C GLN A 39 4.16 -5.11 -8.26
N LEU A 40 4.66 -5.18 -7.02
CA LEU A 40 6.07 -5.56 -6.72
C LEU A 40 6.34 -7.05 -6.94
N THR A 41 5.38 -7.91 -6.59
CA THR A 41 5.57 -9.37 -6.60
C THR A 41 4.73 -10.07 -7.69
N GLU A 42 3.46 -9.68 -7.83
CA GLU A 42 2.53 -10.22 -8.86
C GLU A 42 2.81 -9.52 -10.20
N GLY A 43 2.76 -8.18 -10.18
CA GLY A 43 2.98 -7.35 -11.38
C GLY A 43 1.76 -6.55 -11.79
N CYS A 44 1.46 -6.56 -13.10
CA CYS A 44 0.40 -5.77 -13.73
C CYS A 44 0.07 -6.35 -15.12
N GLY A 45 1.14 -6.54 -15.96
CA GLY A 45 1.00 -7.08 -17.32
C GLY A 45 0.78 -5.99 -18.38
N ASN A 46 1.70 -5.01 -18.46
CA ASN A 46 1.63 -3.90 -19.48
C ASN A 46 2.96 -3.79 -20.24
N GLU A 47 2.89 -3.41 -21.52
CA GLU A 47 4.07 -3.21 -22.39
C GLU A 47 4.84 -1.93 -22.00
N ALA A 48 4.10 -0.91 -21.52
CA ALA A 48 4.67 0.38 -21.07
C ALA A 48 4.68 0.43 -19.53
N CYS A 49 5.20 -0.65 -18.94
CA CYS A 49 5.27 -0.87 -17.49
C CYS A 49 6.34 -0.03 -16.79
N THR A 50 7.26 0.60 -17.56
CA THR A 50 8.48 1.26 -17.03
C THR A 50 8.19 2.28 -15.87
N ASN A 51 8.21 1.74 -14.64
CA ASN A 51 8.04 2.50 -13.37
C ASN A 51 9.15 2.08 -12.40
N GLU A 52 9.22 2.75 -11.22
CA GLU A 52 10.34 2.58 -10.25
C GLU A 52 10.58 1.10 -9.88
N PHE A 53 9.52 0.43 -9.41
CA PHE A 53 9.58 -0.96 -8.92
C PHE A 53 8.29 -1.69 -9.30
N CYS A 54 8.43 -2.85 -9.98
CA CYS A 54 7.30 -3.68 -10.45
C CYS A 54 7.81 -4.98 -11.02
N ALA A 55 6.97 -6.02 -10.98
CA ALA A 55 7.33 -7.38 -11.39
C ALA A 55 7.27 -7.54 -12.92
N SER A 56 6.31 -6.81 -13.53
CA SER A 56 6.08 -6.81 -14.99
C SER A 56 6.98 -5.81 -15.73
N CYS A 57 7.98 -5.24 -15.04
CA CYS A 57 8.85 -4.20 -15.59
C CYS A 57 9.67 -4.74 -16.79
N PRO A 58 10.01 -3.86 -17.80
CA PRO A 58 10.92 -4.25 -18.93
C PRO A 58 12.32 -4.69 -18.44
N THR A 59 12.70 -4.23 -17.23
CA THR A 59 13.96 -4.59 -16.57
C THR A 59 13.88 -6.00 -15.91
N PHE A 60 12.64 -6.52 -15.75
CA PHE A 60 12.34 -7.91 -15.29
C PHE A 60 12.69 -8.12 -13.79
N LEU A 61 12.79 -7.03 -13.03
CA LEU A 61 13.05 -7.06 -11.59
C LEU A 61 11.74 -7.37 -10.86
N ARG A 62 11.82 -8.03 -9.70
CA ARG A 62 10.65 -8.41 -8.89
C ARG A 62 11.11 -8.81 -7.47
N MET A 63 10.17 -9.28 -6.64
CA MET A 63 10.47 -9.64 -5.23
C MET A 63 9.44 -10.63 -4.69
N ASP A 64 9.71 -11.11 -3.45
CA ASP A 64 8.82 -12.03 -2.72
C ASP A 64 7.63 -11.26 -2.12
N ASN A 65 6.69 -12.01 -1.52
CA ASN A 65 5.48 -11.43 -0.90
C ASN A 65 5.82 -10.67 0.39
N ASN A 66 6.83 -11.15 1.13
CA ASN A 66 7.36 -10.47 2.34
C ASN A 66 8.15 -9.22 1.93
N ALA A 67 9.01 -9.40 0.91
CA ALA A 67 9.86 -8.32 0.37
C ALA A 67 9.02 -7.19 -0.25
N ALA A 68 7.86 -7.57 -0.82
CA ALA A 68 6.91 -6.64 -1.42
C ALA A 68 6.09 -5.92 -0.35
N ALA A 69 5.68 -6.68 0.69
CA ALA A 69 4.89 -6.15 1.83
C ALA A 69 5.60 -4.98 2.54
N ILE A 70 6.91 -5.15 2.79
CA ILE A 70 7.73 -4.15 3.50
C ILE A 70 8.13 -2.98 2.57
N LYS A 71 8.42 -3.27 1.28
CA LYS A 71 8.86 -2.23 0.33
C LYS A 71 7.66 -1.40 -0.17
N ALA A 72 6.45 -1.96 -0.07
CA ALA A 72 5.18 -1.27 -0.43
C ALA A 72 4.87 -0.13 0.55
N LEU A 73 5.46 -0.22 1.76
CA LEU A 73 5.25 0.76 2.84
C LEU A 73 6.18 1.95 2.57
N GLU A 74 7.37 1.56 2.10
CA GLU A 74 8.46 2.46 1.75
C GLU A 74 8.20 3.19 0.42
N LEU A 75 7.45 2.54 -0.49
CA LEU A 75 7.03 3.17 -1.75
C LEU A 75 5.79 4.04 -1.55
N TYR A 76 5.00 3.72 -0.50
CA TYR A 76 3.80 4.50 -0.15
C TYR A 76 4.19 5.89 0.40
N LYS A 77 5.17 5.89 1.32
CA LYS A 77 5.64 7.10 2.02
C LYS A 77 6.35 8.08 1.06
N ILE A 78 7.06 7.56 0.04
CA ILE A 78 7.75 8.40 -0.97
C ILE A 78 6.82 8.69 -2.17
N ASN A 79 5.72 7.89 -2.27
CA ASN A 79 4.78 7.90 -3.41
C ASN A 79 5.54 7.60 -4.71
N ALA A 80 5.95 6.34 -4.86
CA ALA A 80 6.66 5.85 -6.06
C ALA A 80 5.69 5.75 -7.25
N LYS A 81 6.25 5.60 -8.45
CA LYS A 81 5.46 5.51 -9.69
C LYS A 81 4.72 4.18 -9.74
N LEU A 82 3.47 4.24 -10.18
CA LEU A 82 2.49 3.17 -9.99
C LEU A 82 1.85 2.79 -11.33
N CYS A 83 1.67 1.48 -11.55
CA CYS A 83 1.10 0.93 -12.80
C CYS A 83 -0.43 0.88 -12.76
N ASP A 84 -0.99 0.83 -11.54
CA ASP A 84 -2.43 0.54 -11.33
C ASP A 84 -3.19 1.82 -10.95
N PRO A 85 -3.94 2.45 -11.92
CA PRO A 85 -4.87 3.56 -11.63
C PRO A 85 -6.31 3.06 -11.36
N HIS A 86 -7.29 3.96 -11.46
CA HIS A 86 -8.72 3.60 -11.53
C HIS A 86 -9.20 3.82 -12.97
N PRO A 87 -9.38 2.74 -13.79
CA PRO A 87 -9.96 2.82 -15.17
C PRO A 87 -11.35 3.53 -15.18
ZN ZN B . 4.11 -2.79 -13.95
N GLY A 1 16.19 13.53 26.50
CA GLY A 1 16.64 12.45 27.39
C GLY A 1 16.09 11.11 26.98
N SER A 2 16.92 10.05 27.05
CA SER A 2 16.51 8.67 26.74
C SER A 2 15.64 8.12 27.89
N HIS A 3 14.56 7.40 27.53
CA HIS A 3 13.58 6.83 28.47
C HIS A 3 13.48 5.30 28.28
N MET A 4 12.85 4.64 29.28
CA MET A 4 12.57 3.18 29.23
C MET A 4 11.35 2.90 30.13
N ALA A 5 10.30 2.32 29.54
CA ALA A 5 9.05 1.96 30.25
C ALA A 5 8.27 0.91 29.46
N THR A 6 7.15 0.44 30.04
CA THR A 6 6.23 -0.52 29.41
C THR A 6 4.78 -0.13 29.75
N ALA A 7 3.90 -0.15 28.73
CA ALA A 7 2.48 0.25 28.85
C ALA A 7 1.74 -0.70 29.82
N CYS A 8 1.35 -0.17 31.00
CA CYS A 8 0.57 -0.91 32.00
C CYS A 8 -0.89 -1.03 31.51
N LYS A 9 -1.29 -2.24 31.11
CA LYS A 9 -2.61 -2.50 30.51
C LYS A 9 -3.64 -2.90 31.58
N ARG A 10 -4.91 -2.56 31.32
CA ARG A 10 -6.08 -2.95 32.16
C ARG A 10 -7.27 -3.27 31.24
N SER A 11 -8.46 -3.50 31.85
CA SER A 11 -9.71 -3.67 31.09
C SER A 11 -10.23 -2.28 30.67
N GLY A 12 -9.68 -1.77 29.56
CA GLY A 12 -10.02 -0.46 29.02
C GLY A 12 -10.60 -0.60 27.63
N GLU A 13 -11.88 -1.04 27.60
CA GLU A 13 -12.65 -1.35 26.37
C GLU A 13 -12.11 -2.64 25.68
N PRO A 14 -12.99 -3.45 25.00
CA PRO A 14 -12.56 -4.63 24.21
C PRO A 14 -11.48 -4.26 23.17
N GLN A 15 -10.46 -5.11 23.01
CA GLN A 15 -9.26 -4.80 22.19
C GLN A 15 -9.56 -4.76 20.69
N SER A 16 -10.71 -5.33 20.28
CA SER A 16 -11.17 -5.32 18.88
C SER A 16 -12.31 -4.28 18.65
N ASP A 17 -12.80 -3.66 19.74
CA ASP A 17 -13.98 -2.75 19.70
C ASP A 17 -13.71 -1.49 18.87
N ASP A 18 -12.54 -0.87 19.07
CA ASP A 18 -12.12 0.31 18.27
C ASP A 18 -11.56 -0.13 16.93
N ILE A 19 -10.81 -1.24 16.94
CA ILE A 19 -10.06 -1.75 15.77
C ILE A 19 -10.96 -2.06 14.55
N GLU A 20 -12.18 -2.57 14.80
CA GLU A 20 -13.18 -2.84 13.73
C GLU A 20 -13.56 -1.55 12.96
N ALA A 21 -13.52 -0.40 13.66
CA ALA A 21 -13.75 0.92 13.07
C ALA A 21 -12.45 1.49 12.48
N SER A 22 -11.34 1.30 13.22
CA SER A 22 -10.03 1.92 12.93
C SER A 22 -9.41 1.38 11.62
N ARG A 23 -9.71 0.11 11.33
CA ARG A 23 -9.28 -0.57 10.09
C ARG A 23 -9.84 0.13 8.85
N MET A 24 -11.06 0.71 8.97
CA MET A 24 -11.78 1.33 7.83
C MET A 24 -11.08 2.63 7.38
N LYS A 25 -10.45 3.33 8.35
CA LYS A 25 -9.72 4.58 8.11
C LYS A 25 -8.38 4.26 7.43
N ARG A 26 -7.59 3.39 8.10
CA ARG A 26 -6.25 2.97 7.63
C ARG A 26 -6.34 2.14 6.31
N ALA A 27 -7.54 1.59 6.03
CA ALA A 27 -7.84 0.83 4.78
C ALA A 27 -7.55 1.65 3.51
N ALA A 28 -7.74 2.98 3.59
CA ALA A 28 -7.43 3.92 2.49
C ALA A 28 -5.93 3.88 2.17
N ALA A 29 -5.10 3.95 3.23
CA ALA A 29 -3.63 3.87 3.12
C ALA A 29 -3.21 2.48 2.61
N LYS A 30 -3.80 1.45 3.25
CA LYS A 30 -3.52 0.03 2.98
C LYS A 30 -3.82 -0.34 1.51
N HIS A 31 -4.92 0.21 0.97
CA HIS A 31 -5.40 -0.11 -0.39
C HIS A 31 -4.33 0.27 -1.45
N LEU A 32 -3.74 1.47 -1.26
CA LEU A 32 -2.69 2.00 -2.17
C LEU A 32 -1.40 1.17 -2.01
N ILE A 33 -1.10 0.80 -0.75
CA ILE A 33 0.04 -0.09 -0.42
C ILE A 33 -0.11 -1.46 -1.12
N GLU A 34 -1.37 -1.95 -1.23
CA GLU A 34 -1.68 -3.23 -1.92
C GLU A 34 -1.50 -3.12 -3.43
N ARG A 35 -1.73 -1.89 -3.97
CA ARG A 35 -1.50 -1.59 -5.40
C ARG A 35 0.00 -1.68 -5.73
N TYR A 36 0.84 -1.26 -4.75
CA TYR A 36 2.30 -1.35 -4.90
C TYR A 36 2.78 -2.78 -4.63
N TYR A 37 2.15 -3.43 -3.65
CA TYR A 37 2.47 -4.79 -3.19
C TYR A 37 2.40 -5.79 -4.36
N HIS A 38 1.24 -5.82 -5.03
CA HIS A 38 1.01 -6.77 -6.15
C HIS A 38 1.91 -6.39 -7.32
N GLN A 39 2.11 -5.07 -7.53
CA GLN A 39 3.00 -4.52 -8.58
C GLN A 39 4.43 -5.08 -8.47
N LEU A 40 4.89 -5.25 -7.22
CA LEU A 40 6.28 -5.64 -6.92
C LEU A 40 6.55 -7.16 -7.04
N THR A 41 5.56 -8.01 -6.73
CA THR A 41 5.78 -9.50 -6.65
C THR A 41 4.89 -10.27 -7.64
N GLU A 42 3.62 -9.86 -7.77
CA GLU A 42 2.62 -10.53 -8.62
C GLU A 42 2.72 -10.02 -10.08
N GLY A 43 3.06 -8.73 -10.22
CA GLY A 43 3.00 -8.01 -11.50
C GLY A 43 1.85 -7.01 -11.53
N CYS A 44 1.57 -6.48 -12.74
CA CYS A 44 0.52 -5.47 -12.95
C CYS A 44 -0.10 -5.60 -14.38
N GLY A 45 0.65 -6.24 -15.32
CA GLY A 45 0.11 -6.61 -16.63
C GLY A 45 -0.14 -5.41 -17.56
N ASN A 46 0.93 -4.68 -17.90
CA ASN A 46 0.86 -3.50 -18.79
C ASN A 46 1.87 -3.66 -19.94
N GLU A 47 1.56 -3.01 -21.07
CA GLU A 47 2.43 -2.98 -22.26
C GLU A 47 3.72 -2.18 -21.97
N ALA A 48 3.57 -1.01 -21.32
CA ALA A 48 4.69 -0.15 -20.91
C ALA A 48 4.82 -0.18 -19.38
N CYS A 49 5.09 -1.40 -18.87
CA CYS A 49 5.22 -1.68 -17.41
C CYS A 49 6.64 -1.36 -16.91
N THR A 50 7.53 -1.01 -17.88
CA THR A 50 8.93 -0.63 -17.64
C THR A 50 9.06 0.47 -16.53
N ASN A 51 9.17 -0.01 -15.29
CA ASN A 51 9.33 0.81 -14.08
C ASN A 51 10.44 0.20 -13.21
N GLU A 52 11.07 1.06 -12.40
CA GLU A 52 12.20 0.68 -11.51
C GLU A 52 11.70 -0.24 -10.40
N PHE A 53 10.48 0.04 -9.93
CA PHE A 53 9.82 -0.69 -8.86
C PHE A 53 8.58 -1.42 -9.44
N CYS A 54 8.83 -2.61 -10.00
CA CYS A 54 7.80 -3.38 -10.75
C CYS A 54 8.22 -4.85 -10.88
N ALA A 55 7.24 -5.74 -11.10
CA ALA A 55 7.45 -7.17 -11.38
C ALA A 55 7.18 -7.46 -12.86
N SER A 56 6.20 -6.73 -13.41
CA SER A 56 5.75 -6.85 -14.81
C SER A 56 6.67 -6.09 -15.79
N CYS A 57 7.78 -5.52 -15.27
CA CYS A 57 8.76 -4.77 -16.05
C CYS A 57 9.60 -5.71 -16.94
N PRO A 58 9.92 -5.30 -18.22
CA PRO A 58 10.69 -6.13 -19.19
C PRO A 58 12.20 -6.21 -18.88
N THR A 59 12.62 -5.66 -17.71
CA THR A 59 13.98 -5.81 -17.17
C THR A 59 14.13 -7.13 -16.38
N PHE A 60 12.97 -7.81 -16.14
CA PHE A 60 12.87 -9.03 -15.32
C PHE A 60 13.23 -8.73 -13.86
N LEU A 61 12.24 -8.22 -13.13
CA LEU A 61 12.32 -7.97 -11.68
C LEU A 61 11.09 -8.57 -11.01
N ARG A 62 11.22 -8.97 -9.74
CA ARG A 62 10.10 -9.36 -8.87
C ARG A 62 10.63 -9.64 -7.46
N MET A 63 9.77 -9.46 -6.47
CA MET A 63 10.11 -9.64 -5.05
C MET A 63 9.43 -10.90 -4.51
N ASP A 64 9.75 -11.25 -3.26
CA ASP A 64 8.92 -12.17 -2.46
C ASP A 64 7.73 -11.37 -1.92
N ASN A 65 6.64 -12.06 -1.56
CA ASN A 65 5.42 -11.41 -1.03
C ASN A 65 5.71 -10.60 0.24
N ASN A 66 6.53 -11.17 1.15
CA ASN A 66 6.94 -10.49 2.39
C ASN A 66 7.80 -9.27 2.06
N ALA A 67 8.74 -9.47 1.11
CA ALA A 67 9.67 -8.42 0.63
C ALA A 67 8.94 -7.29 -0.14
N ALA A 68 7.75 -7.59 -0.67
CA ALA A 68 6.96 -6.65 -1.48
C ALA A 68 6.02 -5.81 -0.60
N ALA A 69 5.48 -6.43 0.46
CA ALA A 69 4.55 -5.78 1.40
C ALA A 69 5.27 -4.70 2.22
N ILE A 70 6.46 -5.07 2.73
CA ILE A 70 7.33 -4.16 3.52
C ILE A 70 7.90 -3.04 2.64
N LYS A 71 8.15 -3.36 1.36
CA LYS A 71 8.69 -2.40 0.38
C LYS A 71 7.60 -1.41 -0.05
N ALA A 72 6.36 -1.90 -0.19
CA ALA A 72 5.18 -1.10 -0.55
C ALA A 72 4.88 -0.04 0.52
N LEU A 73 5.25 -0.34 1.79
CA LEU A 73 5.21 0.62 2.91
C LEU A 73 6.20 1.77 2.67
N GLU A 74 7.45 1.36 2.32
CA GLU A 74 8.58 2.30 2.11
C GLU A 74 8.32 3.20 0.89
N LEU A 75 7.68 2.63 -0.12
CA LEU A 75 7.36 3.31 -1.36
C LEU A 75 6.04 4.10 -1.26
N TYR A 76 5.20 3.78 -0.25
CA TYR A 76 3.95 4.52 0.01
C TYR A 76 4.24 5.90 0.60
N LYS A 77 5.09 5.92 1.65
CA LYS A 77 5.40 7.13 2.43
C LYS A 77 6.10 8.23 1.56
N ILE A 78 6.95 7.79 0.62
CA ILE A 78 7.68 8.68 -0.31
C ILE A 78 6.87 8.91 -1.60
N ASN A 79 5.86 8.04 -1.83
CA ASN A 79 5.08 7.97 -3.08
C ASN A 79 6.00 7.77 -4.29
N ALA A 80 6.51 6.53 -4.42
CA ALA A 80 7.30 6.08 -5.58
C ALA A 80 6.36 5.83 -6.79
N LYS A 81 6.95 5.51 -7.96
CA LYS A 81 6.19 5.38 -9.21
C LYS A 81 5.28 4.13 -9.19
N LEU A 82 4.00 4.36 -8.97
CA LEU A 82 2.99 3.31 -9.06
C LEU A 82 2.59 3.14 -10.53
N CYS A 83 2.72 1.89 -11.03
CA CYS A 83 2.28 1.53 -12.40
C CYS A 83 0.78 1.82 -12.56
N ASP A 84 0.00 1.24 -11.62
CA ASP A 84 -1.45 1.12 -11.67
C ASP A 84 -2.11 2.51 -11.42
N PRO A 85 -2.55 3.24 -12.49
CA PRO A 85 -3.07 4.61 -12.37
C PRO A 85 -4.60 4.66 -12.18
N HIS A 86 -5.10 5.89 -11.95
CA HIS A 86 -6.54 6.23 -11.79
C HIS A 86 -7.26 5.25 -10.82
N PRO A 87 -6.92 5.28 -9.48
CA PRO A 87 -7.51 4.39 -8.45
C PRO A 87 -9.07 4.42 -8.46
ZN ZN B . 4.28 -2.80 -13.51
N GLY A 1 -16.85 -6.79 5.62
CA GLY A 1 -16.77 -6.31 4.23
C GLY A 1 -16.48 -4.82 4.13
N SER A 2 -16.33 -4.32 2.88
CA SER A 2 -16.03 -2.91 2.60
C SER A 2 -17.21 -2.00 3.04
N HIS A 3 -16.97 -1.17 4.07
CA HIS A 3 -17.97 -0.23 4.62
C HIS A 3 -17.57 1.21 4.26
N MET A 4 -17.96 1.67 3.05
CA MET A 4 -17.72 3.05 2.60
C MET A 4 -18.91 3.95 3.03
N ALA A 5 -18.96 4.19 4.36
CA ALA A 5 -20.00 5.03 5.00
C ALA A 5 -19.31 6.08 5.87
N THR A 6 -19.18 7.30 5.32
CA THR A 6 -18.48 8.42 5.98
C THR A 6 -19.42 9.16 6.96
N ALA A 7 -19.68 8.50 8.11
CA ALA A 7 -20.49 9.07 9.20
C ALA A 7 -19.61 10.03 10.02
N CYS A 8 -19.63 11.33 9.62
CA CYS A 8 -18.88 12.39 10.29
C CYS A 8 -19.54 12.69 11.65
N LYS A 9 -18.99 12.06 12.72
CA LYS A 9 -19.54 12.18 14.07
C LYS A 9 -19.13 13.53 14.70
N ARG A 10 -20.11 14.20 15.31
CA ARG A 10 -19.97 15.57 15.83
C ARG A 10 -19.12 15.63 17.12
N SER A 11 -18.73 16.86 17.49
CA SER A 11 -17.98 17.15 18.72
C SER A 11 -18.86 16.85 19.96
N GLY A 12 -18.21 16.46 21.06
CA GLY A 12 -18.89 15.98 22.27
C GLY A 12 -18.86 14.47 22.38
N GLU A 13 -18.94 13.80 21.21
CA GLU A 13 -18.83 12.33 21.12
C GLU A 13 -17.37 11.89 21.40
N PRO A 14 -17.14 10.88 22.31
CA PRO A 14 -15.78 10.50 22.77
C PRO A 14 -14.92 9.90 21.64
N GLN A 15 -13.59 9.88 21.87
CA GLN A 15 -12.60 9.43 20.87
C GLN A 15 -12.76 7.93 20.53
N SER A 16 -13.52 7.18 21.36
CA SER A 16 -13.90 5.78 21.08
C SER A 16 -14.68 5.67 19.74
N ASP A 17 -15.58 6.65 19.52
CA ASP A 17 -16.38 6.77 18.29
C ASP A 17 -15.50 7.18 17.08
N ASP A 18 -14.33 7.76 17.38
CA ASP A 18 -13.35 8.21 16.36
C ASP A 18 -12.42 7.06 15.93
N ILE A 19 -12.19 6.09 16.85
CA ILE A 19 -11.26 4.94 16.62
C ILE A 19 -11.63 4.15 15.35
N GLU A 20 -12.93 3.77 15.27
CA GLU A 20 -13.49 3.01 14.15
C GLU A 20 -13.31 3.73 12.79
N ALA A 21 -13.42 5.06 12.81
CA ALA A 21 -13.20 5.90 11.63
C ALA A 21 -11.72 5.94 11.25
N SER A 22 -10.86 6.16 12.27
CA SER A 22 -9.41 6.36 12.09
C SER A 22 -8.73 5.13 11.43
N ARG A 23 -9.13 3.93 11.88
CA ARG A 23 -8.58 2.66 11.35
C ARG A 23 -9.03 2.40 9.90
N MET A 24 -10.26 2.81 9.55
CA MET A 24 -10.80 2.65 8.17
C MET A 24 -10.06 3.57 7.19
N LYS A 25 -9.58 4.72 7.71
CA LYS A 25 -8.77 5.70 6.97
C LYS A 25 -7.35 5.14 6.71
N ARG A 26 -6.80 4.43 7.73
CA ARG A 26 -5.52 3.67 7.59
C ARG A 26 -5.69 2.49 6.59
N ALA A 27 -6.91 1.91 6.53
CA ALA A 27 -7.24 0.82 5.59
C ALA A 27 -7.34 1.34 4.15
N ALA A 28 -7.84 2.59 4.00
CA ALA A 28 -7.90 3.29 2.70
C ALA A 28 -6.48 3.59 2.17
N ALA A 29 -5.56 3.89 3.10
CA ALA A 29 -4.12 4.08 2.81
C ALA A 29 -3.48 2.73 2.41
N LYS A 30 -3.85 1.66 3.14
CA LYS A 30 -3.36 0.29 2.91
C LYS A 30 -3.89 -0.29 1.58
N HIS A 31 -5.00 0.26 1.07
CA HIS A 31 -5.54 -0.14 -0.24
C HIS A 31 -4.56 0.28 -1.36
N LEU A 32 -3.93 1.46 -1.16
CA LEU A 32 -2.91 2.01 -2.09
C LEU A 32 -1.61 1.18 -1.96
N ILE A 33 -1.25 0.86 -0.70
CA ILE A 33 -0.07 0.04 -0.38
C ILE A 33 -0.20 -1.38 -0.97
N GLU A 34 -1.42 -1.95 -0.94
CA GLU A 34 -1.73 -3.27 -1.52
C GLU A 34 -1.51 -3.27 -3.04
N ARG A 35 -1.82 -2.13 -3.69
CA ARG A 35 -1.59 -1.95 -5.13
C ARG A 35 -0.10 -2.13 -5.46
N TYR A 36 0.77 -1.55 -4.60
CA TYR A 36 2.22 -1.64 -4.79
C TYR A 36 2.76 -3.01 -4.37
N TYR A 37 2.18 -3.59 -3.30
CA TYR A 37 2.54 -4.94 -2.81
C TYR A 37 2.35 -5.97 -3.92
N HIS A 38 1.14 -5.97 -4.51
CA HIS A 38 0.77 -6.89 -5.58
C HIS A 38 1.53 -6.54 -6.86
N GLN A 39 1.84 -5.23 -7.04
CA GLN A 39 2.64 -4.77 -8.19
C GLN A 39 4.08 -5.33 -8.17
N LEU A 40 4.64 -5.46 -6.97
CA LEU A 40 6.04 -5.86 -6.77
C LEU A 40 6.26 -7.38 -6.97
N THR A 41 5.22 -8.21 -6.76
CA THR A 41 5.34 -9.69 -6.87
C THR A 41 4.46 -10.26 -8.02
N GLU A 42 3.18 -9.83 -8.13
CA GLU A 42 2.28 -10.24 -9.23
C GLU A 42 2.59 -9.43 -10.51
N GLY A 43 2.69 -8.09 -10.38
CA GLY A 43 3.05 -7.20 -11.50
C GLY A 43 1.94 -6.23 -11.87
N CYS A 44 1.40 -6.38 -13.08
CA CYS A 44 0.29 -5.55 -13.62
C CYS A 44 -0.13 -6.07 -15.01
N GLY A 45 0.77 -6.83 -15.68
CA GLY A 45 0.44 -7.56 -16.92
C GLY A 45 0.61 -6.73 -18.17
N ASN A 46 1.63 -5.85 -18.20
CA ASN A 46 1.97 -5.02 -19.37
C ASN A 46 3.46 -5.21 -19.69
N GLU A 47 3.79 -5.38 -20.99
CA GLU A 47 5.19 -5.47 -21.46
C GLU A 47 5.79 -4.06 -21.58
N ALA A 48 4.92 -3.06 -21.86
CA ALA A 48 5.28 -1.64 -21.97
C ALA A 48 5.27 -0.96 -20.57
N CYS A 49 5.44 -1.78 -19.52
CA CYS A 49 5.32 -1.38 -18.11
C CYS A 49 6.47 -0.52 -17.56
N THR A 50 7.60 -0.41 -18.31
CA THR A 50 8.94 -0.15 -17.74
C THR A 50 8.99 1.01 -16.70
N ASN A 51 8.82 0.62 -15.42
CA ASN A 51 8.93 1.51 -14.26
C ASN A 51 9.97 0.94 -13.29
N GLU A 52 10.32 1.75 -12.29
CA GLU A 52 11.43 1.48 -11.36
C GLU A 52 11.18 0.26 -10.46
N PHE A 53 9.91 0.07 -10.05
CA PHE A 53 9.52 -0.97 -9.08
C PHE A 53 8.20 -1.64 -9.53
N CYS A 54 8.31 -2.92 -9.98
CA CYS A 54 7.17 -3.75 -10.43
C CYS A 54 7.68 -5.17 -10.80
N ALA A 55 6.75 -6.12 -10.99
CA ALA A 55 7.10 -7.52 -11.35
C ALA A 55 6.90 -7.77 -12.86
N SER A 56 6.09 -6.92 -13.50
CA SER A 56 5.82 -6.96 -14.95
C SER A 56 6.85 -6.12 -15.74
N CYS A 57 7.93 -5.69 -15.06
CA CYS A 57 9.01 -4.92 -15.67
C CYS A 57 9.75 -5.77 -16.72
N PRO A 58 10.02 -5.20 -17.95
CA PRO A 58 10.78 -5.92 -19.02
C PRO A 58 12.28 -6.08 -18.67
N THR A 59 12.69 -5.46 -17.54
CA THR A 59 14.02 -5.61 -16.93
C THR A 59 14.14 -6.93 -16.12
N PHE A 60 13.03 -7.72 -16.08
CA PHE A 60 12.93 -9.01 -15.37
C PHE A 60 13.26 -8.85 -13.87
N LEU A 61 12.30 -8.26 -13.14
CA LEU A 61 12.43 -8.00 -11.69
C LEU A 61 11.12 -8.42 -10.99
N ARG A 62 11.26 -8.93 -9.75
CA ARG A 62 10.14 -9.25 -8.85
C ARG A 62 10.69 -9.48 -7.43
N MET A 63 9.78 -9.54 -6.44
CA MET A 63 10.15 -9.68 -5.01
C MET A 63 9.44 -10.90 -4.41
N ASP A 64 9.78 -11.23 -3.15
CA ASP A 64 8.98 -12.15 -2.31
C ASP A 64 7.72 -11.43 -1.84
N ASN A 65 6.73 -12.17 -1.30
CA ASN A 65 5.50 -11.57 -0.74
C ASN A 65 5.83 -10.70 0.50
N ASN A 66 6.77 -11.20 1.31
CA ASN A 66 7.29 -10.48 2.49
C ASN A 66 8.04 -9.20 2.07
N ALA A 67 8.97 -9.39 1.11
CA ALA A 67 9.82 -8.30 0.55
C ALA A 67 8.97 -7.20 -0.11
N ALA A 68 7.86 -7.60 -0.73
CA ALA A 68 6.97 -6.71 -1.46
C ALA A 68 6.05 -5.94 -0.52
N ALA A 69 5.61 -6.59 0.58
CA ALA A 69 4.73 -5.97 1.59
C ALA A 69 5.43 -4.83 2.31
N ILE A 70 6.65 -5.12 2.82
CA ILE A 70 7.47 -4.16 3.57
C ILE A 70 8.00 -3.02 2.68
N LYS A 71 8.23 -3.32 1.38
CA LYS A 71 8.74 -2.32 0.43
C LYS A 71 7.62 -1.38 -0.05
N ALA A 72 6.41 -1.95 -0.29
CA ALA A 72 5.21 -1.18 -0.68
C ALA A 72 4.87 -0.07 0.33
N LEU A 73 5.16 -0.36 1.61
CA LEU A 73 5.05 0.60 2.72
C LEU A 73 6.01 1.79 2.53
N GLU A 74 7.27 1.47 2.17
CA GLU A 74 8.32 2.49 1.92
C GLU A 74 8.05 3.26 0.62
N LEU A 75 7.47 2.59 -0.36
CA LEU A 75 7.17 3.16 -1.67
C LEU A 75 5.86 3.97 -1.64
N TYR A 76 5.05 3.73 -0.60
CA TYR A 76 3.86 4.54 -0.30
C TYR A 76 4.30 5.95 0.15
N LYS A 77 5.17 6.00 1.19
CA LYS A 77 5.58 7.26 1.83
C LYS A 77 6.45 8.13 0.88
N ILE A 78 7.37 7.49 0.12
CA ILE A 78 8.26 8.23 -0.82
C ILE A 78 7.57 8.49 -2.18
N ASN A 79 6.40 7.83 -2.38
CA ASN A 79 5.58 7.94 -3.62
C ASN A 79 6.38 7.48 -4.85
N ALA A 80 6.62 6.16 -4.91
CA ALA A 80 7.23 5.49 -6.06
C ALA A 80 6.17 5.30 -7.18
N LYS A 81 6.64 5.04 -8.42
CA LYS A 81 5.78 5.02 -9.61
C LYS A 81 4.85 3.79 -9.63
N LEU A 82 3.56 4.04 -9.38
CA LEU A 82 2.53 3.00 -9.30
C LEU A 82 1.87 2.84 -10.68
N CYS A 83 1.81 1.59 -11.19
CA CYS A 83 1.20 1.27 -12.50
C CYS A 83 -0.34 1.43 -12.47
N ASP A 84 -0.93 1.35 -11.26
CA ASP A 84 -2.39 1.36 -11.06
C ASP A 84 -2.89 2.78 -10.73
N PRO A 85 -3.48 3.54 -11.72
CA PRO A 85 -4.08 4.86 -11.47
C PRO A 85 -5.51 4.72 -10.90
N HIS A 86 -6.18 5.87 -10.69
CA HIS A 86 -7.55 5.93 -10.12
C HIS A 86 -7.59 5.23 -8.73
N PRO A 87 -6.98 5.88 -7.66
CA PRO A 87 -6.94 5.31 -6.28
C PRO A 87 -8.37 5.06 -5.71
ZN ZN B . 3.92 -2.59 -13.93
#